data_3ELS
# 
_entry.id   3ELS 
# 
_audit_conform.dict_name       mmcif_pdbx.dic 
_audit_conform.dict_version    5.387 
_audit_conform.dict_location   http://mmcif.pdb.org/dictionaries/ascii/mmcif_pdbx.dic 
# 
loop_
_database_2.database_id 
_database_2.database_code 
_database_2.pdbx_database_accession 
_database_2.pdbx_DOI 
PDB   3ELS         pdb_00003els 10.2210/pdb3els/pdb 
RCSB  RCSB049482   ?            ?                   
WWPDB D_1000049482 ?            ?                   
# 
loop_
_pdbx_audit_revision_history.ordinal 
_pdbx_audit_revision_history.data_content_type 
_pdbx_audit_revision_history.major_revision 
_pdbx_audit_revision_history.minor_revision 
_pdbx_audit_revision_history.revision_date 
1 'Structure model' 1 0 2009-02-10 
2 'Structure model' 1 1 2011-07-13 
3 'Structure model' 1 2 2024-02-21 
# 
_pdbx_audit_revision_details.ordinal             1 
_pdbx_audit_revision_details.revision_ordinal    1 
_pdbx_audit_revision_details.data_content_type   'Structure model' 
_pdbx_audit_revision_details.provider            repository 
_pdbx_audit_revision_details.type                'Initial release' 
_pdbx_audit_revision_details.description         ? 
_pdbx_audit_revision_details.details             ? 
# 
loop_
_pdbx_audit_revision_group.ordinal 
_pdbx_audit_revision_group.revision_ordinal 
_pdbx_audit_revision_group.data_content_type 
_pdbx_audit_revision_group.group 
1 2 'Structure model' 'Derived calculations'      
2 2 'Structure model' 'Version format compliance' 
3 3 'Structure model' 'Data collection'           
4 3 'Structure model' 'Database references'       
5 3 'Structure model' 'Derived calculations'      
# 
loop_
_pdbx_audit_revision_category.ordinal 
_pdbx_audit_revision_category.revision_ordinal 
_pdbx_audit_revision_category.data_content_type 
_pdbx_audit_revision_category.category 
1 3 'Structure model' chem_comp_atom     
2 3 'Structure model' chem_comp_bond     
3 3 'Structure model' database_2         
4 3 'Structure model' struct_conn        
5 3 'Structure model' struct_ref_seq_dif 
6 3 'Structure model' struct_site        
# 
loop_
_pdbx_audit_revision_item.ordinal 
_pdbx_audit_revision_item.revision_ordinal 
_pdbx_audit_revision_item.data_content_type 
_pdbx_audit_revision_item.item 
1  3 'Structure model' '_database_2.pdbx_DOI'                
2  3 'Structure model' '_database_2.pdbx_database_accession' 
3  3 'Structure model' '_struct_conn.ptnr1_auth_comp_id'     
4  3 'Structure model' '_struct_conn.ptnr1_auth_seq_id'      
5  3 'Structure model' '_struct_conn.ptnr1_label_asym_id'    
6  3 'Structure model' '_struct_conn.ptnr1_label_atom_id'    
7  3 'Structure model' '_struct_conn.ptnr1_label_comp_id'    
8  3 'Structure model' '_struct_conn.ptnr1_label_seq_id'     
9  3 'Structure model' '_struct_conn.ptnr2_auth_comp_id'     
10 3 'Structure model' '_struct_conn.ptnr2_auth_seq_id'      
11 3 'Structure model' '_struct_conn.ptnr2_label_asym_id'    
12 3 'Structure model' '_struct_conn.ptnr2_label_atom_id'    
13 3 'Structure model' '_struct_conn.ptnr2_label_comp_id'    
14 3 'Structure model' '_struct_conn.ptnr2_label_seq_id'     
15 3 'Structure model' '_struct_ref_seq_dif.details'         
16 3 'Structure model' '_struct_site.pdbx_auth_asym_id'      
17 3 'Structure model' '_struct_site.pdbx_auth_comp_id'      
18 3 'Structure model' '_struct_site.pdbx_auth_seq_id'       
# 
_pdbx_database_status.status_code                     REL 
_pdbx_database_status.entry_id                        3ELS 
_pdbx_database_status.recvd_initial_deposition_date   2008-09-23 
_pdbx_database_status.deposit_site                    RCSB 
_pdbx_database_status.process_site                    RCSB 
_pdbx_database_status.status_code_sf                  REL 
_pdbx_database_status.status_code_mr                  ? 
_pdbx_database_status.SG_entry                        ? 
_pdbx_database_status.pdb_format_compatible           Y 
_pdbx_database_status.status_code_cs                  ? 
_pdbx_database_status.status_code_nmr_data            ? 
_pdbx_database_status.methods_development_category    ? 
# 
_pdbx_database_related.db_name        PDB 
_pdbx_database_related.db_id          3ELV 
_pdbx_database_related.details        . 
_pdbx_database_related.content_type   unspecified 
# 
loop_
_audit_author.name 
_audit_author.pdbx_ordinal 
'Trowitzsch, S.' 1 
'Weber, G.'      2 
'Luehrmann, R.'  3 
'Wahl, M.C.'     4 
# 
_citation.id                        primary 
_citation.title                     
'Crystal structure of the Pml1p subunit of the yeast precursor mRNA retention and splicing complex.' 
_citation.journal_abbrev            J.Mol.Biol. 
_citation.journal_volume            385 
_citation.page_first                531 
_citation.page_last                 541 
_citation.year                      2009 
_citation.journal_id_ASTM           JMOBAK 
_citation.country                   UK 
_citation.journal_id_ISSN           0022-2836 
_citation.journal_id_CSD            0070 
_citation.book_publisher            ? 
_citation.pdbx_database_id_PubMed   19010333 
_citation.pdbx_database_id_DOI      10.1016/j.jmb.2008.10.087 
# 
loop_
_citation_author.citation_id 
_citation_author.name 
_citation_author.ordinal 
_citation_author.identifier_ORCID 
primary 'Trowitzsch, S.' 1 ? 
primary 'Weber, G.'      2 ? 
primary 'Luhrmann, R.'   3 ? 
primary 'Wahl, M.C.'     4 ? 
# 
loop_
_entity.id 
_entity.type 
_entity.src_method 
_entity.pdbx_description 
_entity.formula_weight 
_entity.pdbx_number_of_molecules 
_entity.pdbx_ec 
_entity.pdbx_mutation 
_entity.pdbx_fragment 
_entity.details 
1 polymer     man 'Pre-mRNA leakage protein 1' 18050.314 1   ? ? 'UNP residues 51 to 204' ? 
2 non-polymer syn 'MAGNESIUM ION'              24.305    1   ? ? ?                        ? 
3 non-polymer syn 'CHLORIDE ION'               35.453    1   ? ? ?                        ? 
4 non-polymer syn GLYCEROL                     92.094    4   ? ? ?                        ? 
5 water       nat water                        18.015    185 ? ? ?                        ? 
# 
_entity_poly.entity_id                      1 
_entity_poly.type                           'polypeptide(L)' 
_entity_poly.nstd_linkage                   no 
_entity_poly.nstd_monomer                   no 
_entity_poly.pdbx_seq_one_letter_code       
;GAMGKHVEPQDAISPDNYMDMLGLEARDRTMYELVIYRKNDKDKGPWKRYDLNGRSCYLVGRELGHSLDTDLDDRTEIVV
ADIGIPEETSSKQHCVIQFRNVRGILKCYVMDLDSSNGTCLNNVVIPGARYIELRSGDVLTLSEFEEDNDYELIFMNV
;
_entity_poly.pdbx_seq_one_letter_code_can   
;GAMGKHVEPQDAISPDNYMDMLGLEARDRTMYELVIYRKNDKDKGPWKRYDLNGRSCYLVGRELGHSLDTDLDDRTEIVV
ADIGIPEETSSKQHCVIQFRNVRGILKCYVMDLDSSNGTCLNNVVIPGARYIELRSGDVLTLSEFEEDNDYELIFMNV
;
_entity_poly.pdbx_strand_id                 A 
_entity_poly.pdbx_target_identifier         ? 
# 
loop_
_pdbx_entity_nonpoly.entity_id 
_pdbx_entity_nonpoly.name 
_pdbx_entity_nonpoly.comp_id 
2 'MAGNESIUM ION' MG  
3 'CHLORIDE ION'  CL  
4 GLYCEROL        GOL 
5 water           HOH 
# 
loop_
_entity_poly_seq.entity_id 
_entity_poly_seq.num 
_entity_poly_seq.mon_id 
_entity_poly_seq.hetero 
1 1   GLY n 
1 2   ALA n 
1 3   MET n 
1 4   GLY n 
1 5   LYS n 
1 6   HIS n 
1 7   VAL n 
1 8   GLU n 
1 9   PRO n 
1 10  GLN n 
1 11  ASP n 
1 12  ALA n 
1 13  ILE n 
1 14  SER n 
1 15  PRO n 
1 16  ASP n 
1 17  ASN n 
1 18  TYR n 
1 19  MET n 
1 20  ASP n 
1 21  MET n 
1 22  LEU n 
1 23  GLY n 
1 24  LEU n 
1 25  GLU n 
1 26  ALA n 
1 27  ARG n 
1 28  ASP n 
1 29  ARG n 
1 30  THR n 
1 31  MET n 
1 32  TYR n 
1 33  GLU n 
1 34  LEU n 
1 35  VAL n 
1 36  ILE n 
1 37  TYR n 
1 38  ARG n 
1 39  LYS n 
1 40  ASN n 
1 41  ASP n 
1 42  LYS n 
1 43  ASP n 
1 44  LYS n 
1 45  GLY n 
1 46  PRO n 
1 47  TRP n 
1 48  LYS n 
1 49  ARG n 
1 50  TYR n 
1 51  ASP n 
1 52  LEU n 
1 53  ASN n 
1 54  GLY n 
1 55  ARG n 
1 56  SER n 
1 57  CYS n 
1 58  TYR n 
1 59  LEU n 
1 60  VAL n 
1 61  GLY n 
1 62  ARG n 
1 63  GLU n 
1 64  LEU n 
1 65  GLY n 
1 66  HIS n 
1 67  SER n 
1 68  LEU n 
1 69  ASP n 
1 70  THR n 
1 71  ASP n 
1 72  LEU n 
1 73  ASP n 
1 74  ASP n 
1 75  ARG n 
1 76  THR n 
1 77  GLU n 
1 78  ILE n 
1 79  VAL n 
1 80  VAL n 
1 81  ALA n 
1 82  ASP n 
1 83  ILE n 
1 84  GLY n 
1 85  ILE n 
1 86  PRO n 
1 87  GLU n 
1 88  GLU n 
1 89  THR n 
1 90  SER n 
1 91  SER n 
1 92  LYS n 
1 93  GLN n 
1 94  HIS n 
1 95  CYS n 
1 96  VAL n 
1 97  ILE n 
1 98  GLN n 
1 99  PHE n 
1 100 ARG n 
1 101 ASN n 
1 102 VAL n 
1 103 ARG n 
1 104 GLY n 
1 105 ILE n 
1 106 LEU n 
1 107 LYS n 
1 108 CYS n 
1 109 TYR n 
1 110 VAL n 
1 111 MET n 
1 112 ASP n 
1 113 LEU n 
1 114 ASP n 
1 115 SER n 
1 116 SER n 
1 117 ASN n 
1 118 GLY n 
1 119 THR n 
1 120 CYS n 
1 121 LEU n 
1 122 ASN n 
1 123 ASN n 
1 124 VAL n 
1 125 VAL n 
1 126 ILE n 
1 127 PRO n 
1 128 GLY n 
1 129 ALA n 
1 130 ARG n 
1 131 TYR n 
1 132 ILE n 
1 133 GLU n 
1 134 LEU n 
1 135 ARG n 
1 136 SER n 
1 137 GLY n 
1 138 ASP n 
1 139 VAL n 
1 140 LEU n 
1 141 THR n 
1 142 LEU n 
1 143 SER n 
1 144 GLU n 
1 145 PHE n 
1 146 GLU n 
1 147 GLU n 
1 148 ASP n 
1 149 ASN n 
1 150 ASP n 
1 151 TYR n 
1 152 GLU n 
1 153 LEU n 
1 154 ILE n 
1 155 PHE n 
1 156 MET n 
1 157 ASN n 
1 158 VAL n 
# 
_entity_src_gen.entity_id                          1 
_entity_src_gen.pdbx_src_id                        1 
_entity_src_gen.pdbx_alt_source_flag               sample 
_entity_src_gen.pdbx_seq_type                      ? 
_entity_src_gen.pdbx_beg_seq_num                   ? 
_entity_src_gen.pdbx_end_seq_num                   ? 
_entity_src_gen.gene_src_common_name               
;brewer's yeast,lager beer yeast,yeast
;
_entity_src_gen.gene_src_genus                     ? 
_entity_src_gen.pdbx_gene_src_gene                 'PML1, YLR016C, L1591' 
_entity_src_gen.gene_src_species                   ? 
_entity_src_gen.gene_src_strain                    ? 
_entity_src_gen.gene_src_tissue                    ? 
_entity_src_gen.gene_src_tissue_fraction           ? 
_entity_src_gen.gene_src_details                   ? 
_entity_src_gen.pdbx_gene_src_fragment             ? 
_entity_src_gen.pdbx_gene_src_scientific_name      'Saccharomyces cerevisiae' 
_entity_src_gen.pdbx_gene_src_ncbi_taxonomy_id     4932 
_entity_src_gen.pdbx_gene_src_variant              ? 
_entity_src_gen.pdbx_gene_src_cell_line            ? 
_entity_src_gen.pdbx_gene_src_atcc                 ? 
_entity_src_gen.pdbx_gene_src_organ                ? 
_entity_src_gen.pdbx_gene_src_organelle            ? 
_entity_src_gen.pdbx_gene_src_cell                 ? 
_entity_src_gen.pdbx_gene_src_cellular_location    ? 
_entity_src_gen.host_org_common_name               ? 
_entity_src_gen.pdbx_host_org_scientific_name      'Escherichia coli' 
_entity_src_gen.pdbx_host_org_ncbi_taxonomy_id     562 
_entity_src_gen.host_org_genus                     ? 
_entity_src_gen.pdbx_host_org_gene                 ? 
_entity_src_gen.pdbx_host_org_organ                ? 
_entity_src_gen.host_org_species                   ? 
_entity_src_gen.pdbx_host_org_tissue               ? 
_entity_src_gen.pdbx_host_org_tissue_fraction      ? 
_entity_src_gen.pdbx_host_org_strain               'Rosetta2 (DE3)' 
_entity_src_gen.pdbx_host_org_variant              ? 
_entity_src_gen.pdbx_host_org_cell_line            ? 
_entity_src_gen.pdbx_host_org_atcc                 ? 
_entity_src_gen.pdbx_host_org_culture_collection   ? 
_entity_src_gen.pdbx_host_org_cell                 ? 
_entity_src_gen.pdbx_host_org_organelle            ? 
_entity_src_gen.pdbx_host_org_cellular_location    ? 
_entity_src_gen.pdbx_host_org_vector_type          Plasmid 
_entity_src_gen.pdbx_host_org_vector               ? 
_entity_src_gen.host_org_details                   ? 
_entity_src_gen.expression_system_id               ? 
_entity_src_gen.plasmid_name                       pCDFDuet-1 
_entity_src_gen.plasmid_details                    ? 
_entity_src_gen.pdbx_description                   ? 
# 
loop_
_chem_comp.id 
_chem_comp.type 
_chem_comp.mon_nstd_flag 
_chem_comp.name 
_chem_comp.pdbx_synonyms 
_chem_comp.formula 
_chem_comp.formula_weight 
ALA 'L-peptide linking' y ALANINE         ?                               'C3 H7 N O2'     89.093  
ARG 'L-peptide linking' y ARGININE        ?                               'C6 H15 N4 O2 1' 175.209 
ASN 'L-peptide linking' y ASPARAGINE      ?                               'C4 H8 N2 O3'    132.118 
ASP 'L-peptide linking' y 'ASPARTIC ACID' ?                               'C4 H7 N O4'     133.103 
CL  non-polymer         . 'CHLORIDE ION'  ?                               'Cl -1'          35.453  
CYS 'L-peptide linking' y CYSTEINE        ?                               'C3 H7 N O2 S'   121.158 
GLN 'L-peptide linking' y GLUTAMINE       ?                               'C5 H10 N2 O3'   146.144 
GLU 'L-peptide linking' y 'GLUTAMIC ACID' ?                               'C5 H9 N O4'     147.129 
GLY 'peptide linking'   y GLYCINE         ?                               'C2 H5 N O2'     75.067  
GOL non-polymer         . GLYCEROL        'GLYCERIN; PROPANE-1,2,3-TRIOL' 'C3 H8 O3'       92.094  
HIS 'L-peptide linking' y HISTIDINE       ?                               'C6 H10 N3 O2 1' 156.162 
HOH non-polymer         . WATER           ?                               'H2 O'           18.015  
ILE 'L-peptide linking' y ISOLEUCINE      ?                               'C6 H13 N O2'    131.173 
LEU 'L-peptide linking' y LEUCINE         ?                               'C6 H13 N O2'    131.173 
LYS 'L-peptide linking' y LYSINE          ?                               'C6 H15 N2 O2 1' 147.195 
MET 'L-peptide linking' y METHIONINE      ?                               'C5 H11 N O2 S'  149.211 
MG  non-polymer         . 'MAGNESIUM ION' ?                               'Mg 2'           24.305  
PHE 'L-peptide linking' y PHENYLALANINE   ?                               'C9 H11 N O2'    165.189 
PRO 'L-peptide linking' y PROLINE         ?                               'C5 H9 N O2'     115.130 
SER 'L-peptide linking' y SERINE          ?                               'C3 H7 N O3'     105.093 
THR 'L-peptide linking' y THREONINE       ?                               'C4 H9 N O3'     119.119 
TRP 'L-peptide linking' y TRYPTOPHAN      ?                               'C11 H12 N2 O2'  204.225 
TYR 'L-peptide linking' y TYROSINE        ?                               'C9 H11 N O3'    181.189 
VAL 'L-peptide linking' y VALINE          ?                               'C5 H11 N O2'    117.146 
# 
loop_
_pdbx_poly_seq_scheme.asym_id 
_pdbx_poly_seq_scheme.entity_id 
_pdbx_poly_seq_scheme.seq_id 
_pdbx_poly_seq_scheme.mon_id 
_pdbx_poly_seq_scheme.ndb_seq_num 
_pdbx_poly_seq_scheme.pdb_seq_num 
_pdbx_poly_seq_scheme.auth_seq_num 
_pdbx_poly_seq_scheme.pdb_mon_id 
_pdbx_poly_seq_scheme.auth_mon_id 
_pdbx_poly_seq_scheme.pdb_strand_id 
_pdbx_poly_seq_scheme.pdb_ins_code 
_pdbx_poly_seq_scheme.hetero 
A 1 1   GLY 1   47  ?   ?   ?   A . n 
A 1 2   ALA 2   48  ?   ?   ?   A . n 
A 1 3   MET 3   49  ?   ?   ?   A . n 
A 1 4   GLY 4   50  ?   ?   ?   A . n 
A 1 5   LYS 5   51  51  LYS LYS A . n 
A 1 6   HIS 6   52  52  HIS HIS A . n 
A 1 7   VAL 7   53  53  VAL VAL A . n 
A 1 8   GLU 8   54  54  GLU GLU A . n 
A 1 9   PRO 9   55  55  PRO PRO A . n 
A 1 10  GLN 10  56  56  GLN GLN A . n 
A 1 11  ASP 11  57  57  ASP ASP A . n 
A 1 12  ALA 12  58  58  ALA ALA A . n 
A 1 13  ILE 13  59  59  ILE ILE A . n 
A 1 14  SER 14  60  60  SER SER A . n 
A 1 15  PRO 15  61  61  PRO PRO A . n 
A 1 16  ASP 16  62  62  ASP ASP A . n 
A 1 17  ASN 17  63  63  ASN ASN A . n 
A 1 18  TYR 18  64  64  TYR TYR A . n 
A 1 19  MET 19  65  65  MET MET A . n 
A 1 20  ASP 20  66  66  ASP ASP A . n 
A 1 21  MET 21  67  67  MET MET A . n 
A 1 22  LEU 22  68  68  LEU LEU A . n 
A 1 23  GLY 23  69  69  GLY GLY A . n 
A 1 24  LEU 24  70  70  LEU LEU A . n 
A 1 25  GLU 25  71  71  GLU GLU A . n 
A 1 26  ALA 26  72  72  ALA ALA A . n 
A 1 27  ARG 27  73  73  ARG ARG A . n 
A 1 28  ASP 28  74  74  ASP ASP A . n 
A 1 29  ARG 29  75  75  ARG ARG A . n 
A 1 30  THR 30  76  76  THR THR A . n 
A 1 31  MET 31  77  77  MET MET A . n 
A 1 32  TYR 32  78  78  TYR TYR A . n 
A 1 33  GLU 33  79  79  GLU GLU A . n 
A 1 34  LEU 34  80  80  LEU LEU A . n 
A 1 35  VAL 35  81  81  VAL VAL A . n 
A 1 36  ILE 36  82  82  ILE ILE A . n 
A 1 37  TYR 37  83  83  TYR TYR A . n 
A 1 38  ARG 38  84  84  ARG ARG A . n 
A 1 39  LYS 39  85  85  LYS LYS A . n 
A 1 40  ASN 40  86  86  ASN ASN A . n 
A 1 41  ASP 41  87  87  ASP ASP A . n 
A 1 42  LYS 42  88  88  LYS LYS A . n 
A 1 43  ASP 43  89  89  ASP ASP A . n 
A 1 44  LYS 44  90  90  LYS LYS A . n 
A 1 45  GLY 45  91  91  GLY GLY A . n 
A 1 46  PRO 46  92  92  PRO PRO A . n 
A 1 47  TRP 47  93  93  TRP TRP A . n 
A 1 48  LYS 48  94  94  LYS LYS A . n 
A 1 49  ARG 49  95  95  ARG ARG A . n 
A 1 50  TYR 50  96  96  TYR TYR A . n 
A 1 51  ASP 51  97  97  ASP ASP A . n 
A 1 52  LEU 52  98  98  LEU LEU A . n 
A 1 53  ASN 53  99  99  ASN ASN A . n 
A 1 54  GLY 54  100 100 GLY GLY A . n 
A 1 55  ARG 55  101 101 ARG ARG A . n 
A 1 56  SER 56  102 102 SER SER A . n 
A 1 57  CYS 57  103 103 CYS CYS A . n 
A 1 58  TYR 58  104 104 TYR TYR A . n 
A 1 59  LEU 59  105 105 LEU LEU A . n 
A 1 60  VAL 60  106 106 VAL VAL A . n 
A 1 61  GLY 61  107 107 GLY GLY A . n 
A 1 62  ARG 62  108 108 ARG ARG A . n 
A 1 63  GLU 63  109 109 GLU GLU A . n 
A 1 64  LEU 64  110 110 LEU LEU A . n 
A 1 65  GLY 65  111 111 GLY GLY A . n 
A 1 66  HIS 66  112 112 HIS HIS A . n 
A 1 67  SER 67  113 ?   ?   ?   A . n 
A 1 68  LEU 68  114 ?   ?   ?   A . n 
A 1 69  ASP 69  115 ?   ?   ?   A . n 
A 1 70  THR 70  116 ?   ?   ?   A . n 
A 1 71  ASP 71  117 ?   ?   ?   A . n 
A 1 72  LEU 72  118 ?   ?   ?   A . n 
A 1 73  ASP 73  119 ?   ?   ?   A . n 
A 1 74  ASP 74  120 ?   ?   ?   A . n 
A 1 75  ARG 75  121 ?   ?   ?   A . n 
A 1 76  THR 76  122 122 THR THR A . n 
A 1 77  GLU 77  123 123 GLU GLU A . n 
A 1 78  ILE 78  124 124 ILE ILE A . n 
A 1 79  VAL 79  125 125 VAL VAL A . n 
A 1 80  VAL 80  126 126 VAL VAL A . n 
A 1 81  ALA 81  127 127 ALA ALA A . n 
A 1 82  ASP 82  128 128 ASP ASP A . n 
A 1 83  ILE 83  129 129 ILE ILE A . n 
A 1 84  GLY 84  130 130 GLY GLY A . n 
A 1 85  ILE 85  131 131 ILE ILE A . n 
A 1 86  PRO 86  132 132 PRO PRO A . n 
A 1 87  GLU 87  133 133 GLU GLU A . n 
A 1 88  GLU 88  134 134 GLU GLU A . n 
A 1 89  THR 89  135 135 THR THR A . n 
A 1 90  SER 90  136 136 SER SER A . n 
A 1 91  SER 91  137 137 SER SER A . n 
A 1 92  LYS 92  138 138 LYS LYS A . n 
A 1 93  GLN 93  139 139 GLN GLN A . n 
A 1 94  HIS 94  140 140 HIS HIS A . n 
A 1 95  CYS 95  141 141 CYS CYS A . n 
A 1 96  VAL 96  142 142 VAL VAL A . n 
A 1 97  ILE 97  143 143 ILE ILE A . n 
A 1 98  GLN 98  144 144 GLN GLN A . n 
A 1 99  PHE 99  145 145 PHE PHE A . n 
A 1 100 ARG 100 146 146 ARG ARG A . n 
A 1 101 ASN 101 147 147 ASN ASN A . n 
A 1 102 VAL 102 148 148 VAL VAL A . n 
A 1 103 ARG 103 149 149 ARG ARG A . n 
A 1 104 GLY 104 150 150 GLY GLY A . n 
A 1 105 ILE 105 151 151 ILE ILE A . n 
A 1 106 LEU 106 152 152 LEU LEU A . n 
A 1 107 LYS 107 153 153 LYS LYS A . n 
A 1 108 CYS 108 154 154 CYS CYS A . n 
A 1 109 TYR 109 155 155 TYR TYR A . n 
A 1 110 VAL 110 156 156 VAL VAL A . n 
A 1 111 MET 111 157 157 MET MET A . n 
A 1 112 ASP 112 158 158 ASP ASP A . n 
A 1 113 LEU 113 159 159 LEU LEU A . n 
A 1 114 ASP 114 160 160 ASP ASP A . n 
A 1 115 SER 115 161 161 SER SER A . n 
A 1 116 SER 116 162 162 SER SER A . n 
A 1 117 ASN 117 163 163 ASN ASN A . n 
A 1 118 GLY 118 164 164 GLY GLY A . n 
A 1 119 THR 119 165 165 THR THR A . n 
A 1 120 CYS 120 166 166 CYS CYS A . n 
A 1 121 LEU 121 167 167 LEU LEU A . n 
A 1 122 ASN 122 168 168 ASN ASN A . n 
A 1 123 ASN 123 169 169 ASN ASN A . n 
A 1 124 VAL 124 170 170 VAL VAL A . n 
A 1 125 VAL 125 171 171 VAL VAL A . n 
A 1 126 ILE 126 172 172 ILE ILE A . n 
A 1 127 PRO 127 173 173 PRO PRO A . n 
A 1 128 GLY 128 174 174 GLY GLY A . n 
A 1 129 ALA 129 175 175 ALA ALA A . n 
A 1 130 ARG 130 176 176 ARG ARG A . n 
A 1 131 TYR 131 177 177 TYR TYR A . n 
A 1 132 ILE 132 178 178 ILE ILE A . n 
A 1 133 GLU 133 179 179 GLU GLU A . n 
A 1 134 LEU 134 180 180 LEU LEU A . n 
A 1 135 ARG 135 181 181 ARG ARG A . n 
A 1 136 SER 136 182 182 SER SER A . n 
A 1 137 GLY 137 183 183 GLY GLY A . n 
A 1 138 ASP 138 184 184 ASP ASP A . n 
A 1 139 VAL 139 185 185 VAL VAL A . n 
A 1 140 LEU 140 186 186 LEU LEU A . n 
A 1 141 THR 141 187 187 THR THR A . n 
A 1 142 LEU 142 188 188 LEU LEU A . n 
A 1 143 SER 143 189 189 SER SER A . n 
A 1 144 GLU 144 190 190 GLU GLU A . n 
A 1 145 PHE 145 191 191 PHE PHE A . n 
A 1 146 GLU 146 192 192 GLU GLU A . n 
A 1 147 GLU 147 193 193 GLU GLU A . n 
A 1 148 ASP 148 194 194 ASP ASP A . n 
A 1 149 ASN 149 195 195 ASN ASN A . n 
A 1 150 ASP 150 196 196 ASP ASP A . n 
A 1 151 TYR 151 197 197 TYR TYR A . n 
A 1 152 GLU 152 198 198 GLU GLU A . n 
A 1 153 LEU 153 199 199 LEU LEU A . n 
A 1 154 ILE 154 200 200 ILE ILE A . n 
A 1 155 PHE 155 201 201 PHE PHE A . n 
A 1 156 MET 156 202 202 MET MET A . n 
A 1 157 ASN 157 203 203 ASN ASN A . n 
A 1 158 VAL 158 204 204 VAL VAL A . n 
# 
loop_
_pdbx_nonpoly_scheme.asym_id 
_pdbx_nonpoly_scheme.entity_id 
_pdbx_nonpoly_scheme.mon_id 
_pdbx_nonpoly_scheme.ndb_seq_num 
_pdbx_nonpoly_scheme.pdb_seq_num 
_pdbx_nonpoly_scheme.auth_seq_num 
_pdbx_nonpoly_scheme.pdb_mon_id 
_pdbx_nonpoly_scheme.auth_mon_id 
_pdbx_nonpoly_scheme.pdb_strand_id 
_pdbx_nonpoly_scheme.pdb_ins_code 
B 2 MG  1   1   1   MG  MG  A . 
C 3 CL  1   205 1   CL  CL  A . 
D 4 GOL 1   206 1   GOL GOL A . 
E 4 GOL 1   207 1   GOL GOL A . 
F 4 GOL 1   208 1   GOL GOL A . 
G 4 GOL 1   209 1   GOL GOL A . 
H 5 HOH 1   210 1   HOH HOH A . 
H 5 HOH 2   211 2   HOH HOH A . 
H 5 HOH 3   212 3   HOH HOH A . 
H 5 HOH 4   213 4   HOH HOH A . 
H 5 HOH 5   214 5   HOH HOH A . 
H 5 HOH 6   215 6   HOH HOH A . 
H 5 HOH 7   216 7   HOH HOH A . 
H 5 HOH 8   217 8   HOH HOH A . 
H 5 HOH 9   218 9   HOH HOH A . 
H 5 HOH 10  219 10  HOH HOH A . 
H 5 HOH 11  220 11  HOH HOH A . 
H 5 HOH 12  221 12  HOH HOH A . 
H 5 HOH 13  222 13  HOH HOH A . 
H 5 HOH 14  223 14  HOH HOH A . 
H 5 HOH 15  224 15  HOH HOH A . 
H 5 HOH 16  225 16  HOH HOH A . 
H 5 HOH 17  226 17  HOH HOH A . 
H 5 HOH 18  227 18  HOH HOH A . 
H 5 HOH 19  228 19  HOH HOH A . 
H 5 HOH 20  229 20  HOH HOH A . 
H 5 HOH 21  230 21  HOH HOH A . 
H 5 HOH 22  231 22  HOH HOH A . 
H 5 HOH 23  232 23  HOH HOH A . 
H 5 HOH 24  233 24  HOH HOH A . 
H 5 HOH 25  234 25  HOH HOH A . 
H 5 HOH 26  235 26  HOH HOH A . 
H 5 HOH 27  236 27  HOH HOH A . 
H 5 HOH 28  237 28  HOH HOH A . 
H 5 HOH 29  238 29  HOH HOH A . 
H 5 HOH 30  239 30  HOH HOH A . 
H 5 HOH 31  240 31  HOH HOH A . 
H 5 HOH 32  241 32  HOH HOH A . 
H 5 HOH 33  242 33  HOH HOH A . 
H 5 HOH 34  243 34  HOH HOH A . 
H 5 HOH 35  244 35  HOH HOH A . 
H 5 HOH 36  245 36  HOH HOH A . 
H 5 HOH 37  246 37  HOH HOH A . 
H 5 HOH 38  247 38  HOH HOH A . 
H 5 HOH 39  248 39  HOH HOH A . 
H 5 HOH 40  249 40  HOH HOH A . 
H 5 HOH 41  250 41  HOH HOH A . 
H 5 HOH 42  251 42  HOH HOH A . 
H 5 HOH 43  252 43  HOH HOH A . 
H 5 HOH 44  253 44  HOH HOH A . 
H 5 HOH 45  254 45  HOH HOH A . 
H 5 HOH 46  255 46  HOH HOH A . 
H 5 HOH 47  256 47  HOH HOH A . 
H 5 HOH 48  257 48  HOH HOH A . 
H 5 HOH 49  258 49  HOH HOH A . 
H 5 HOH 50  259 50  HOH HOH A . 
H 5 HOH 51  260 51  HOH HOH A . 
H 5 HOH 52  261 52  HOH HOH A . 
H 5 HOH 53  262 53  HOH HOH A . 
H 5 HOH 54  263 54  HOH HOH A . 
H 5 HOH 55  264 55  HOH HOH A . 
H 5 HOH 56  265 56  HOH HOH A . 
H 5 HOH 57  266 57  HOH HOH A . 
H 5 HOH 58  267 58  HOH HOH A . 
H 5 HOH 59  268 59  HOH HOH A . 
H 5 HOH 60  269 60  HOH HOH A . 
H 5 HOH 61  270 61  HOH HOH A . 
H 5 HOH 62  271 62  HOH HOH A . 
H 5 HOH 63  272 63  HOH HOH A . 
H 5 HOH 64  273 64  HOH HOH A . 
H 5 HOH 65  274 65  HOH HOH A . 
H 5 HOH 66  275 66  HOH HOH A . 
H 5 HOH 67  276 67  HOH HOH A . 
H 5 HOH 68  277 68  HOH HOH A . 
H 5 HOH 69  278 69  HOH HOH A . 
H 5 HOH 70  279 70  HOH HOH A . 
H 5 HOH 71  280 71  HOH HOH A . 
H 5 HOH 72  281 72  HOH HOH A . 
H 5 HOH 73  282 73  HOH HOH A . 
H 5 HOH 74  283 74  HOH HOH A . 
H 5 HOH 75  284 75  HOH HOH A . 
H 5 HOH 76  285 76  HOH HOH A . 
H 5 HOH 77  286 77  HOH HOH A . 
H 5 HOH 78  287 78  HOH HOH A . 
H 5 HOH 79  288 79  HOH HOH A . 
H 5 HOH 80  289 80  HOH HOH A . 
H 5 HOH 81  290 81  HOH HOH A . 
H 5 HOH 82  291 82  HOH HOH A . 
H 5 HOH 83  292 83  HOH HOH A . 
H 5 HOH 84  293 84  HOH HOH A . 
H 5 HOH 85  294 85  HOH HOH A . 
H 5 HOH 86  295 86  HOH HOH A . 
H 5 HOH 87  296 87  HOH HOH A . 
H 5 HOH 88  297 88  HOH HOH A . 
H 5 HOH 89  298 89  HOH HOH A . 
H 5 HOH 90  299 90  HOH HOH A . 
H 5 HOH 91  300 91  HOH HOH A . 
H 5 HOH 92  301 92  HOH HOH A . 
H 5 HOH 93  302 93  HOH HOH A . 
H 5 HOH 94  303 94  HOH HOH A . 
H 5 HOH 95  304 95  HOH HOH A . 
H 5 HOH 96  305 96  HOH HOH A . 
H 5 HOH 97  306 97  HOH HOH A . 
H 5 HOH 98  307 98  HOH HOH A . 
H 5 HOH 99  308 99  HOH HOH A . 
H 5 HOH 100 309 100 HOH HOH A . 
H 5 HOH 101 310 101 HOH HOH A . 
H 5 HOH 102 311 102 HOH HOH A . 
H 5 HOH 103 312 103 HOH HOH A . 
H 5 HOH 104 313 104 HOH HOH A . 
H 5 HOH 105 314 105 HOH HOH A . 
H 5 HOH 106 315 106 HOH HOH A . 
H 5 HOH 107 316 107 HOH HOH A . 
H 5 HOH 108 317 108 HOH HOH A . 
H 5 HOH 109 318 109 HOH HOH A . 
H 5 HOH 110 319 110 HOH HOH A . 
H 5 HOH 111 320 111 HOH HOH A . 
H 5 HOH 112 321 112 HOH HOH A . 
H 5 HOH 113 322 113 HOH HOH A . 
H 5 HOH 114 323 114 HOH HOH A . 
H 5 HOH 115 324 115 HOH HOH A . 
H 5 HOH 116 325 116 HOH HOH A . 
H 5 HOH 117 326 117 HOH HOH A . 
H 5 HOH 118 327 118 HOH HOH A . 
H 5 HOH 119 328 119 HOH HOH A . 
H 5 HOH 120 329 120 HOH HOH A . 
H 5 HOH 121 330 121 HOH HOH A . 
H 5 HOH 122 331 122 HOH HOH A . 
H 5 HOH 123 332 123 HOH HOH A . 
H 5 HOH 124 333 124 HOH HOH A . 
H 5 HOH 125 334 125 HOH HOH A . 
H 5 HOH 126 335 126 HOH HOH A . 
H 5 HOH 127 336 127 HOH HOH A . 
H 5 HOH 128 337 128 HOH HOH A . 
H 5 HOH 129 338 129 HOH HOH A . 
H 5 HOH 130 339 130 HOH HOH A . 
H 5 HOH 131 340 131 HOH HOH A . 
H 5 HOH 132 341 132 HOH HOH A . 
H 5 HOH 133 342 133 HOH HOH A . 
H 5 HOH 134 343 134 HOH HOH A . 
H 5 HOH 135 344 135 HOH HOH A . 
H 5 HOH 136 345 136 HOH HOH A . 
H 5 HOH 137 346 137 HOH HOH A . 
H 5 HOH 138 347 138 HOH HOH A . 
H 5 HOH 139 348 139 HOH HOH A . 
H 5 HOH 140 349 140 HOH HOH A . 
H 5 HOH 141 350 141 HOH HOH A . 
H 5 HOH 142 351 142 HOH HOH A . 
H 5 HOH 143 352 143 HOH HOH A . 
H 5 HOH 144 353 144 HOH HOH A . 
H 5 HOH 145 354 145 HOH HOH A . 
H 5 HOH 146 355 146 HOH HOH A . 
H 5 HOH 147 356 147 HOH HOH A . 
H 5 HOH 148 357 148 HOH HOH A . 
H 5 HOH 149 358 149 HOH HOH A . 
H 5 HOH 150 359 150 HOH HOH A . 
H 5 HOH 151 360 151 HOH HOH A . 
H 5 HOH 152 361 152 HOH HOH A . 
H 5 HOH 153 362 153 HOH HOH A . 
H 5 HOH 154 363 154 HOH HOH A . 
H 5 HOH 155 364 155 HOH HOH A . 
H 5 HOH 156 365 156 HOH HOH A . 
H 5 HOH 157 366 157 HOH HOH A . 
H 5 HOH 158 367 158 HOH HOH A . 
H 5 HOH 159 368 159 HOH HOH A . 
H 5 HOH 160 369 160 HOH HOH A . 
H 5 HOH 161 370 161 HOH HOH A . 
H 5 HOH 162 371 162 HOH HOH A . 
H 5 HOH 163 372 163 HOH HOH A . 
H 5 HOH 164 373 164 HOH HOH A . 
H 5 HOH 165 374 165 HOH HOH A . 
H 5 HOH 166 375 166 HOH HOH A . 
H 5 HOH 167 376 167 HOH HOH A . 
H 5 HOH 168 377 168 HOH HOH A . 
H 5 HOH 169 378 169 HOH HOH A . 
H 5 HOH 170 379 170 HOH HOH A . 
H 5 HOH 171 380 171 HOH HOH A . 
H 5 HOH 172 381 172 HOH HOH A . 
H 5 HOH 173 382 173 HOH HOH A . 
H 5 HOH 174 383 174 HOH HOH A . 
H 5 HOH 175 384 175 HOH HOH A . 
H 5 HOH 176 385 176 HOH HOH A . 
H 5 HOH 177 386 177 HOH HOH A . 
H 5 HOH 178 387 178 HOH HOH A . 
H 5 HOH 179 388 179 HOH HOH A . 
H 5 HOH 180 389 180 HOH HOH A . 
H 5 HOH 181 390 181 HOH HOH A . 
H 5 HOH 182 391 182 HOH HOH A . 
H 5 HOH 183 392 183 HOH HOH A . 
H 5 HOH 184 393 184 HOH HOH A . 
H 5 HOH 185 394 185 HOH HOH A . 
# 
loop_
_software.name 
_software.classification 
_software.version 
_software.citation_id 
_software.pdbx_ordinal 
MAR345dtb 'data collection' .        ? 1 
SHELXS    phasing           .        ? 2 
REFMAC    refinement        5.2.0019 ? 3 
HKL-2000  'data reduction'  .        ? 4 
HKL-2000  'data scaling'    .        ? 5 
# 
_cell.entry_id           3ELS 
_cell.length_a           100.613 
_cell.length_b           100.613 
_cell.length_c           102.196 
_cell.angle_alpha        90.00 
_cell.angle_beta         90.00 
_cell.angle_gamma        120.00 
_cell.Z_PDB              18 
_cell.pdbx_unique_axis   ? 
_cell.length_a_esd       ? 
_cell.length_b_esd       ? 
_cell.length_c_esd       ? 
_cell.angle_alpha_esd    ? 
_cell.angle_beta_esd     ? 
_cell.angle_gamma_esd    ? 
# 
_symmetry.entry_id                         3ELS 
_symmetry.space_group_name_H-M             'H 3 2' 
_symmetry.pdbx_full_space_group_name_H-M   ? 
_symmetry.cell_setting                     ? 
_symmetry.Int_Tables_number                155 
_symmetry.space_group_name_Hall            ? 
# 
_exptl.entry_id          3ELS 
_exptl.method            'X-RAY DIFFRACTION' 
_exptl.crystals_number   1 
# 
_exptl_crystal.id                    1 
_exptl_crystal.density_meas          ? 
_exptl_crystal.density_Matthews      2.81 
_exptl_crystal.density_percent_sol   56.18 
_exptl_crystal.description           ? 
_exptl_crystal.F_000                 ? 
_exptl_crystal.preparation           ? 
# 
_exptl_crystal_grow.crystal_id      1 
_exptl_crystal_grow.method          'VAPOR DIFFUSION, SITTING DROP' 
_exptl_crystal_grow.temp            293 
_exptl_crystal_grow.temp_details    ? 
_exptl_crystal_grow.pH              7.5 
_exptl_crystal_grow.pdbx_details    
'100 mM Tris-HCl, pH 7.5, 200 mM Li2SO4, 21-24 % PEG3350, VAPOR DIFFUSION, SITTING DROP, temperature 293K' 
_exptl_crystal_grow.pdbx_pH_range   ? 
# 
_diffrn.id                     1 
_diffrn.ambient_temp           100 
_diffrn.ambient_temp_details   ? 
_diffrn.crystal_id             1 
# 
_diffrn_detector.diffrn_id              1 
_diffrn_detector.detector               CCD 
_diffrn_detector.type                   'MARMOSAIC 225 mm CCD' 
_diffrn_detector.pdbx_collection_date   2007-11-01 
_diffrn_detector.details                mirrors 
# 
_diffrn_radiation.diffrn_id                        1 
_diffrn_radiation.wavelength_id                    1 
_diffrn_radiation.pdbx_monochromatic_or_laue_m_l   M 
_diffrn_radiation.monochromator                    'Si 111 CHANNEL' 
_diffrn_radiation.pdbx_diffrn_protocol             'SINGLE WAVELENGTH' 
_diffrn_radiation.pdbx_scattering_type             x-ray 
# 
_diffrn_radiation_wavelength.id           1 
_diffrn_radiation_wavelength.wavelength   0.9802 
_diffrn_radiation_wavelength.wt           1.0 
# 
_diffrn_source.diffrn_id                   1 
_diffrn_source.source                      SYNCHROTRON 
_diffrn_source.type                        'MPG/DESY, HAMBURG BEAMLINE BW6' 
_diffrn_source.pdbx_synchrotron_site       'MPG/DESY, HAMBURG' 
_diffrn_source.pdbx_synchrotron_beamline   BW6 
_diffrn_source.pdbx_wavelength             ? 
_diffrn_source.pdbx_wavelength_list        0.9802 
# 
_reflns.entry_id                     3ELS 
_reflns.observed_criterion_sigma_I   0.0 
_reflns.observed_criterion_sigma_F   0.0 
_reflns.d_resolution_low             40.7 
_reflns.d_resolution_high            1.80 
_reflns.number_obs                   16896 
_reflns.number_all                   ? 
_reflns.percent_possible_obs         99.9 
_reflns.pdbx_Rmerge_I_obs            ? 
_reflns.pdbx_Rsym_value              0.083 
_reflns.pdbx_netI_over_sigmaI        19.7 
_reflns.B_iso_Wilson_estimate        71.7 
_reflns.pdbx_redundancy              6.3 
_reflns.R_free_details               ? 
_reflns.limit_h_max                  ? 
_reflns.limit_h_min                  ? 
_reflns.limit_k_max                  ? 
_reflns.limit_k_min                  ? 
_reflns.limit_l_max                  ? 
_reflns.limit_l_min                  ? 
_reflns.observed_criterion_F_max     ? 
_reflns.observed_criterion_F_min     ? 
_reflns.pdbx_chi_squared             ? 
_reflns.pdbx_scaling_rejects         ? 
_reflns.pdbx_ordinal                 1 
_reflns.pdbx_diffrn_id               1 
# 
_reflns_shell.d_res_high             2.40 
_reflns_shell.d_res_low              2.53 
_reflns_shell.percent_possible_all   100 
_reflns_shell.Rmerge_I_obs           ? 
_reflns_shell.pdbx_Rsym_value        0.81 
_reflns_shell.meanI_over_sigI_obs    1.6 
_reflns_shell.pdbx_redundancy        6.2 
_reflns_shell.percent_possible_obs   ? 
_reflns_shell.number_unique_all      2473 
_reflns_shell.number_measured_all    ? 
_reflns_shell.number_measured_obs    ? 
_reflns_shell.number_unique_obs      ? 
_reflns_shell.pdbx_chi_squared       ? 
_reflns_shell.pdbx_ordinal           1 
_reflns_shell.pdbx_diffrn_id         1 
# 
_refine.entry_id                                 3ELS 
_refine.ls_number_reflns_obs                     17665 
_refine.ls_number_reflns_all                     17744 
_refine.pdbx_ls_sigma_I                          0 
_refine.pdbx_ls_sigma_F                          0 
_refine.pdbx_data_cutoff_high_absF               ? 
_refine.pdbx_data_cutoff_low_absF                ? 
_refine.pdbx_data_cutoff_high_rms_absF           ? 
_refine.ls_d_res_low                             30.00 
_refine.ls_d_res_high                            1.80 
_refine.ls_percent_reflns_obs                    99.55 
_refine.ls_R_factor_obs                          0.19133 
_refine.ls_R_factor_all                          0.19133 
_refine.ls_R_factor_R_work                       0.18898 
_refine.ls_R_factor_R_free                       0.23611 
_refine.ls_R_factor_R_free_error                 ? 
_refine.ls_R_factor_R_free_error_details         ? 
_refine.ls_percent_reflns_R_free                 5.1 
_refine.ls_number_reflns_R_free                  949 
_refine.ls_number_parameters                     ? 
_refine.ls_number_restraints                     ? 
_refine.occupancy_min                            ? 
_refine.occupancy_max                            ? 
_refine.correlation_coeff_Fo_to_Fc               0.968 
_refine.correlation_coeff_Fo_to_Fc_free          0.945 
_refine.B_iso_mean                               36.309 
_refine.aniso_B[1][1]                            -1.69 
_refine.aniso_B[2][2]                            -1.69 
_refine.aniso_B[3][3]                            2.53 
_refine.aniso_B[1][2]                            -0.84 
_refine.aniso_B[1][3]                            0.00 
_refine.aniso_B[2][3]                            0.00 
_refine.solvent_model_details                    MASK 
_refine.solvent_model_param_ksol                 ? 
_refine.solvent_model_param_bsol                 ? 
_refine.pdbx_solvent_vdw_probe_radii             1.40 
_refine.pdbx_solvent_ion_probe_radii             0.80 
_refine.pdbx_solvent_shrinkage_radii             0.80 
_refine.pdbx_ls_cross_valid_method               THROUGHOUT 
_refine.details                                  'HYDROGENS HAVE BEEN ADDED IN THE RIDING POSITIONS' 
_refine.pdbx_starting_model                      ? 
_refine.pdbx_method_to_determine_struct          SAD 
_refine.pdbx_isotropic_thermal_model             Isotropic 
_refine.pdbx_stereochemistry_target_values       'MAXIMUM LIKELIHOOD' 
_refine.pdbx_stereochem_target_val_spec_case     ? 
_refine.pdbx_R_Free_selection_details            RANDOM 
_refine.pdbx_overall_ESU_R                       0.120 
_refine.pdbx_overall_ESU_R_Free                  0.123 
_refine.overall_SU_ML                            0.089 
_refine.overall_SU_B                             2.859 
_refine.ls_redundancy_reflns_obs                 ? 
_refine.B_iso_min                                ? 
_refine.B_iso_max                                ? 
_refine.overall_SU_R_Cruickshank_DPI             ? 
_refine.overall_SU_R_free                        ? 
_refine.ls_wR_factor_R_free                      ? 
_refine.ls_wR_factor_R_work                      ? 
_refine.overall_FOM_free_R_set                   ? 
_refine.overall_FOM_work_R_set                   ? 
_refine.pdbx_overall_phase_error                 ? 
_refine.pdbx_refine_id                           'X-RAY DIFFRACTION' 
_refine.pdbx_diffrn_id                           1 
_refine.pdbx_TLS_residual_ADP_flag               ? 
_refine.pdbx_overall_SU_R_free_Cruickshank_DPI   ? 
_refine.pdbx_overall_SU_R_Blow_DPI               ? 
_refine.pdbx_overall_SU_R_free_Blow_DPI          ? 
# 
_refine_analyze.entry_id                        3ELS 
_refine_analyze.Luzzati_coordinate_error_obs    0.21 
_refine_analyze.Luzzati_sigma_a_obs             ? 
_refine_analyze.Luzzati_d_res_low_obs           ? 
_refine_analyze.Luzzati_coordinate_error_free   ? 
_refine_analyze.Luzzati_sigma_a_free            ? 
_refine_analyze.Luzzati_d_res_low_free          ? 
_refine_analyze.number_disordered_residues      ? 
_refine_analyze.occupancy_sum_hydrogen          ? 
_refine_analyze.occupancy_sum_non_hydrogen      ? 
_refine_analyze.pdbx_Luzzati_d_res_high_obs     ? 
_refine_analyze.pdbx_refine_id                  'X-RAY DIFFRACTION' 
# 
_refine_hist.pdbx_refine_id                   'X-RAY DIFFRACTION' 
_refine_hist.cycle_id                         LAST 
_refine_hist.pdbx_number_atoms_protein        1168 
_refine_hist.pdbx_number_atoms_nucleic_acid   0 
_refine_hist.pdbx_number_atoms_ligand         26 
_refine_hist.number_atoms_solvent             185 
_refine_hist.number_atoms_total               1379 
_refine_hist.d_res_high                       1.80 
_refine_hist.d_res_low                        30.00 
# 
loop_
_refine_ls_restr.type 
_refine_ls_restr.dev_ideal 
_refine_ls_restr.dev_ideal_target 
_refine_ls_restr.weight 
_refine_ls_restr.number 
_refine_ls_restr.pdbx_refine_id 
_refine_ls_restr.pdbx_restraint_function 
r_bond_refined_d         0.011  0.022  ? 1262 'X-RAY DIFFRACTION' ? 
r_angle_refined_deg      1.277  1.984  ? 1708 'X-RAY DIFFRACTION' ? 
r_dihedral_angle_1_deg   6.288  5.000  ? 157  'X-RAY DIFFRACTION' ? 
r_dihedral_angle_2_deg   37.653 23.906 ? 64   'X-RAY DIFFRACTION' ? 
r_dihedral_angle_3_deg   12.925 15.000 ? 227  'X-RAY DIFFRACTION' ? 
r_dihedral_angle_4_deg   17.672 15.000 ? 12   'X-RAY DIFFRACTION' ? 
r_chiral_restr           0.090  0.200  ? 186  'X-RAY DIFFRACTION' ? 
r_gen_planes_refined     0.005  0.020  ? 961  'X-RAY DIFFRACTION' ? 
r_nbd_refined            0.199  0.200  ? 534  'X-RAY DIFFRACTION' ? 
r_nbtor_refined          0.305  0.200  ? 848  'X-RAY DIFFRACTION' ? 
r_xyhbond_nbd_refined    0.135  0.200  ? 152  'X-RAY DIFFRACTION' ? 
r_symmetry_vdw_refined   0.217  0.200  ? 77   'X-RAY DIFFRACTION' ? 
r_symmetry_hbond_refined 0.165  0.200  ? 43   'X-RAY DIFFRACTION' ? 
r_mcbond_it              0.826  1.500  ? 777  'X-RAY DIFFRACTION' ? 
r_mcangle_it             1.308  2.000  ? 1229 'X-RAY DIFFRACTION' ? 
r_scbond_it              1.859  3.000  ? 547  'X-RAY DIFFRACTION' ? 
r_scangle_it             2.917  4.500  ? 476  'X-RAY DIFFRACTION' ? 
# 
_refine_ls_shell.pdbx_total_number_of_bins_used   20 
_refine_ls_shell.d_res_high                       1.797 
_refine_ls_shell.d_res_low                        1.844 
_refine_ls_shell.number_reflns_R_work             1258 
_refine_ls_shell.R_factor_R_work                  0.265 
_refine_ls_shell.percent_reflns_obs               98.52 
_refine_ls_shell.R_factor_R_free                  0.299 
_refine_ls_shell.R_factor_R_free_error            ? 
_refine_ls_shell.percent_reflns_R_free            ? 
_refine_ls_shell.number_reflns_R_free             69 
_refine_ls_shell.number_reflns_all                ? 
_refine_ls_shell.R_factor_all                     ? 
_refine_ls_shell.number_reflns_obs                ? 
_refine_ls_shell.redundancy_reflns_obs            ? 
_refine_ls_shell.pdbx_refine_id                   'X-RAY DIFFRACTION' 
# 
_struct.entry_id                  3ELS 
_struct.title                     'Crystal Structure of Yeast Pml1p, Residues 51-204' 
_struct.pdbx_model_details        ? 
_struct.pdbx_CASP_flag            ? 
_struct.pdbx_model_type_details   ? 
# 
_struct_keywords.entry_id        3ELS 
_struct_keywords.pdbx_keywords   SPLICING 
_struct_keywords.text            
;Intrinsically unstructured domain, forkhead-associated domain (FHA) domain, pre-mRNA retention and splicing, protein phosphorylation, RES complex, mRNA processing, mRNA splicing, Nucleus, SPLICING
;
# 
loop_
_struct_asym.id 
_struct_asym.pdbx_blank_PDB_chainid_flag 
_struct_asym.pdbx_modified 
_struct_asym.entity_id 
_struct_asym.details 
A N N 1 ? 
B N N 2 ? 
C N N 3 ? 
D N N 4 ? 
E N N 4 ? 
F N N 4 ? 
G N N 4 ? 
H N N 5 ? 
# 
_struct_ref.id                         1 
_struct_ref.db_name                    UNP 
_struct_ref.db_code                    PML1_YEAST 
_struct_ref.pdbx_db_accession          Q07930 
_struct_ref.entity_id                  1 
_struct_ref.pdbx_seq_one_letter_code   
;KHVEPQDAISPDNYMDMLGLEARDRTMYELVIYRKNDKDKGPWKRYDLNGRSCYLVGRELGHSLDTDLDDRTEIVVADIG
IPEETSSKQHCVIQFRNVRGILKCYVMDLDSSNGTCLNNVVIPGARYIELRSGDVLTLSEFEEDNDYELIFMNV
;
_struct_ref.pdbx_align_begin           51 
_struct_ref.pdbx_db_isoform            ? 
# 
_struct_ref_seq.align_id                      1 
_struct_ref_seq.ref_id                        1 
_struct_ref_seq.pdbx_PDB_id_code              3ELS 
_struct_ref_seq.pdbx_strand_id                A 
_struct_ref_seq.seq_align_beg                 5 
_struct_ref_seq.pdbx_seq_align_beg_ins_code   ? 
_struct_ref_seq.seq_align_end                 158 
_struct_ref_seq.pdbx_seq_align_end_ins_code   ? 
_struct_ref_seq.pdbx_db_accession             Q07930 
_struct_ref_seq.db_align_beg                  51 
_struct_ref_seq.pdbx_db_align_beg_ins_code    ? 
_struct_ref_seq.db_align_end                  204 
_struct_ref_seq.pdbx_db_align_end_ins_code    ? 
_struct_ref_seq.pdbx_auth_seq_align_beg       51 
_struct_ref_seq.pdbx_auth_seq_align_end       204 
# 
loop_
_struct_ref_seq_dif.align_id 
_struct_ref_seq_dif.pdbx_pdb_id_code 
_struct_ref_seq_dif.mon_id 
_struct_ref_seq_dif.pdbx_pdb_strand_id 
_struct_ref_seq_dif.seq_num 
_struct_ref_seq_dif.pdbx_pdb_ins_code 
_struct_ref_seq_dif.pdbx_seq_db_name 
_struct_ref_seq_dif.pdbx_seq_db_accession_code 
_struct_ref_seq_dif.db_mon_id 
_struct_ref_seq_dif.pdbx_seq_db_seq_num 
_struct_ref_seq_dif.details 
_struct_ref_seq_dif.pdbx_auth_seq_num 
_struct_ref_seq_dif.pdbx_ordinal 
1 3ELS GLY A 1 ? UNP Q07930 ? ? 'expression tag' 47 1 
1 3ELS ALA A 2 ? UNP Q07930 ? ? 'expression tag' 48 2 
1 3ELS MET A 3 ? UNP Q07930 ? ? 'expression tag' 49 3 
1 3ELS GLY A 4 ? UNP Q07930 ? ? 'expression tag' 50 4 
# 
loop_
_pdbx_struct_assembly.id 
_pdbx_struct_assembly.details 
_pdbx_struct_assembly.method_details 
_pdbx_struct_assembly.oligomeric_details 
_pdbx_struct_assembly.oligomeric_count 
1 author_and_software_defined_assembly PQS  monomeric 1 
2 software_defined_assembly            PISA hexameric 6 
# 
loop_
_pdbx_struct_assembly_prop.biol_id 
_pdbx_struct_assembly_prop.type 
_pdbx_struct_assembly_prop.value 
_pdbx_struct_assembly_prop.details 
2 'ABSA (A^2)' 19520 ? 
2 MORE         -87   ? 
2 'SSA (A^2)'  34320 ? 
# 
loop_
_pdbx_struct_assembly_gen.assembly_id 
_pdbx_struct_assembly_gen.oper_expression 
_pdbx_struct_assembly_gen.asym_id_list 
1 1           A,B,C,D,E,F,G,H 
2 1,2,3,4,5,6 A,B,C,D,E,F,G,H 
# 
loop_
_pdbx_struct_oper_list.id 
_pdbx_struct_oper_list.type 
_pdbx_struct_oper_list.name 
_pdbx_struct_oper_list.symmetry_operation 
_pdbx_struct_oper_list.matrix[1][1] 
_pdbx_struct_oper_list.matrix[1][2] 
_pdbx_struct_oper_list.matrix[1][3] 
_pdbx_struct_oper_list.vector[1] 
_pdbx_struct_oper_list.matrix[2][1] 
_pdbx_struct_oper_list.matrix[2][2] 
_pdbx_struct_oper_list.matrix[2][3] 
_pdbx_struct_oper_list.vector[2] 
_pdbx_struct_oper_list.matrix[3][1] 
_pdbx_struct_oper_list.matrix[3][2] 
_pdbx_struct_oper_list.matrix[3][3] 
_pdbx_struct_oper_list.vector[3] 
1 'identity operation'         1_555 x,y,z        1.0000000000  0.0000000000  0.0000000000  0.0000000000  0.0000000000  1.0000000000  0.0000000000  0.0000000000   0.0000000000  0.0000000000  1.0000000000  0.0000000000   
2 'crystal symmetry operation' 2_555 -y,x-y,z     0.9858889903  0.0368550066  -0.1632930106 -2.1545955130 -0.1234526984 -0.4987382704 -0.8579158285 -30.7470394702 -0.1130589672 0.8659687328  -0.4871507198 -13.5347569548 
3 'crystal symmetry operation' 3_555 -x+y,-x,z    0.9858889903  -0.1234526984 -0.1130589672 -3.2018386400 0.0368550066  -0.4987382704 0.8659687328  -3.5346413261  -0.1632930106 -0.8579158285 -0.4871507198 -33.3236688234 
4 'crystal symmetry operation' 4_556 y,x,-z+1     -0.9869676914 0.1253953464  0.1008503010  24.1818282933 0.1253953464  0.2065393325  0.9703697807  5.5931210390   0.1008503010  0.9703697807  -0.2195716411 -10.0792599437 
5 'crystal symmetry operation' 5_556 x-y,-y,-z+1  -0.9999230055 -0.0115809517 0.0044569764  21.0878244741 -0.0115809517 0.7419222661  -0.6703858834 -14.1612473581 0.0044569764  -0.6703858834 -0.7419992606 -37.1607006998 
6 'crystal symmetry operation' 6_556 -x,-x+y,-z+1 -0.9848872837 -0.0272167029 0.1710447004  23.5380099802 -0.0272167029 -0.9509850577 -0.3080368015 -27.8746982942 0.1710447004  -0.3080368015 0.9358723414  -6.5151428122 
# 
_struct_biol.id        1 
_struct_biol.details   ? 
# 
loop_
_struct_conf.conf_type_id 
_struct_conf.id 
_struct_conf.pdbx_PDB_helix_id 
_struct_conf.beg_label_comp_id 
_struct_conf.beg_label_asym_id 
_struct_conf.beg_label_seq_id 
_struct_conf.pdbx_beg_PDB_ins_code 
_struct_conf.end_label_comp_id 
_struct_conf.end_label_asym_id 
_struct_conf.end_label_seq_id 
_struct_conf.pdbx_end_PDB_ins_code 
_struct_conf.beg_auth_comp_id 
_struct_conf.beg_auth_asym_id 
_struct_conf.beg_auth_seq_id 
_struct_conf.end_auth_comp_id 
_struct_conf.end_auth_asym_id 
_struct_conf.end_auth_seq_id 
_struct_conf.pdbx_PDB_helix_class 
_struct_conf.details 
_struct_conf.pdbx_PDB_helix_length 
HELX_P HELX_P1 1 SER A 14  ? LEU A 22  ? SER A 60  LEU A 68  1 ? 9 
HELX_P HELX_P2 2 GLU A 25  ? ARG A 29  ? GLU A 71  ARG A 75  5 ? 5 
HELX_P HELX_P3 3 ASN A 40  ? GLY A 45  ? ASN A 86  GLY A 91  5 ? 6 
HELX_P HELX_P4 4 PHE A 145 ? ASN A 149 ? PHE A 191 ASN A 195 5 ? 5 
# 
_struct_conf_type.id          HELX_P 
_struct_conf_type.criteria    ? 
_struct_conf_type.reference   ? 
# 
loop_
_struct_conn.id 
_struct_conn.conn_type_id 
_struct_conn.pdbx_leaving_atom_flag 
_struct_conn.pdbx_PDB_id 
_struct_conn.ptnr1_label_asym_id 
_struct_conn.ptnr1_label_comp_id 
_struct_conn.ptnr1_label_seq_id 
_struct_conn.ptnr1_label_atom_id 
_struct_conn.pdbx_ptnr1_label_alt_id 
_struct_conn.pdbx_ptnr1_PDB_ins_code 
_struct_conn.pdbx_ptnr1_standard_comp_id 
_struct_conn.ptnr1_symmetry 
_struct_conn.ptnr2_label_asym_id 
_struct_conn.ptnr2_label_comp_id 
_struct_conn.ptnr2_label_seq_id 
_struct_conn.ptnr2_label_atom_id 
_struct_conn.pdbx_ptnr2_label_alt_id 
_struct_conn.pdbx_ptnr2_PDB_ins_code 
_struct_conn.ptnr1_auth_asym_id 
_struct_conn.ptnr1_auth_comp_id 
_struct_conn.ptnr1_auth_seq_id 
_struct_conn.ptnr2_auth_asym_id 
_struct_conn.ptnr2_auth_comp_id 
_struct_conn.ptnr2_auth_seq_id 
_struct_conn.ptnr2_symmetry 
_struct_conn.pdbx_ptnr3_label_atom_id 
_struct_conn.pdbx_ptnr3_label_seq_id 
_struct_conn.pdbx_ptnr3_label_comp_id 
_struct_conn.pdbx_ptnr3_label_asym_id 
_struct_conn.pdbx_ptnr3_label_alt_id 
_struct_conn.pdbx_ptnr3_PDB_ins_code 
_struct_conn.details 
_struct_conn.pdbx_dist_value 
_struct_conn.pdbx_value_order 
_struct_conn.pdbx_role 
metalc1 metalc ? ? B MG . MG ? ? ? 1_555 A ASP 82 O ? ? A MG 1 A ASP 128 1_555 ? ? ? ? ? ? ? 2.368 ? ? 
metalc2 metalc ? ? B MG . MG ? ? ? 1_555 H HOH .  O ? ? A MG 1 A HOH 210 1_555 ? ? ? ? ? ? ? 2.267 ? ? 
# 
_struct_conn_type.id          metalc 
_struct_conn_type.criteria    ? 
_struct_conn_type.reference   ? 
# 
_pdbx_struct_conn_angle.id                    1 
_pdbx_struct_conn_angle.ptnr1_label_atom_id   O 
_pdbx_struct_conn_angle.ptnr1_label_alt_id    ? 
_pdbx_struct_conn_angle.ptnr1_label_asym_id   A 
_pdbx_struct_conn_angle.ptnr1_label_comp_id   ASP 
_pdbx_struct_conn_angle.ptnr1_label_seq_id    82 
_pdbx_struct_conn_angle.ptnr1_auth_atom_id    ? 
_pdbx_struct_conn_angle.ptnr1_auth_asym_id    A 
_pdbx_struct_conn_angle.ptnr1_auth_comp_id    ASP 
_pdbx_struct_conn_angle.ptnr1_auth_seq_id     128 
_pdbx_struct_conn_angle.ptnr1_PDB_ins_code    ? 
_pdbx_struct_conn_angle.ptnr1_symmetry        1_555 
_pdbx_struct_conn_angle.ptnr2_label_atom_id   MG 
_pdbx_struct_conn_angle.ptnr2_label_alt_id    ? 
_pdbx_struct_conn_angle.ptnr2_label_asym_id   B 
_pdbx_struct_conn_angle.ptnr2_label_comp_id   MG 
_pdbx_struct_conn_angle.ptnr2_label_seq_id    . 
_pdbx_struct_conn_angle.ptnr2_auth_atom_id    ? 
_pdbx_struct_conn_angle.ptnr2_auth_asym_id    A 
_pdbx_struct_conn_angle.ptnr2_auth_comp_id    MG 
_pdbx_struct_conn_angle.ptnr2_auth_seq_id     1 
_pdbx_struct_conn_angle.ptnr2_PDB_ins_code    ? 
_pdbx_struct_conn_angle.ptnr2_symmetry        1_555 
_pdbx_struct_conn_angle.ptnr3_label_atom_id   O 
_pdbx_struct_conn_angle.ptnr3_label_alt_id    ? 
_pdbx_struct_conn_angle.ptnr3_label_asym_id   H 
_pdbx_struct_conn_angle.ptnr3_label_comp_id   HOH 
_pdbx_struct_conn_angle.ptnr3_label_seq_id    . 
_pdbx_struct_conn_angle.ptnr3_auth_atom_id    ? 
_pdbx_struct_conn_angle.ptnr3_auth_asym_id    A 
_pdbx_struct_conn_angle.ptnr3_auth_comp_id    HOH 
_pdbx_struct_conn_angle.ptnr3_auth_seq_id     210 
_pdbx_struct_conn_angle.ptnr3_PDB_ins_code    ? 
_pdbx_struct_conn_angle.ptnr3_symmetry        1_555 
_pdbx_struct_conn_angle.value                 92.4 
_pdbx_struct_conn_angle.value_esd             ? 
# 
loop_
_struct_sheet.id 
_struct_sheet.type 
_struct_sheet.number_strands 
_struct_sheet.details 
A ? 6 ? 
B ? 5 ? 
# 
loop_
_struct_sheet_order.sheet_id 
_struct_sheet_order.range_id_1 
_struct_sheet_order.range_id_2 
_struct_sheet_order.offset 
_struct_sheet_order.sense 
A 1 2 ? anti-parallel 
A 2 3 ? anti-parallel 
A 3 4 ? anti-parallel 
A 4 5 ? anti-parallel 
A 5 6 ? anti-parallel 
B 1 2 ? parallel      
B 2 3 ? anti-parallel 
B 3 4 ? anti-parallel 
B 4 5 ? anti-parallel 
# 
loop_
_struct_sheet_range.sheet_id 
_struct_sheet_range.id 
_struct_sheet_range.beg_label_comp_id 
_struct_sheet_range.beg_label_asym_id 
_struct_sheet_range.beg_label_seq_id 
_struct_sheet_range.pdbx_beg_PDB_ins_code 
_struct_sheet_range.end_label_comp_id 
_struct_sheet_range.end_label_asym_id 
_struct_sheet_range.end_label_seq_id 
_struct_sheet_range.pdbx_end_PDB_ins_code 
_struct_sheet_range.beg_auth_comp_id 
_struct_sheet_range.beg_auth_asym_id 
_struct_sheet_range.beg_auth_seq_id 
_struct_sheet_range.end_auth_comp_id 
_struct_sheet_range.end_auth_asym_id 
_struct_sheet_range.end_auth_seq_id 
A 1 LYS A 48  ? ASP A 51  ? LYS A 94  ASP A 97  
A 2 TYR A 32  ? ARG A 38  ? TYR A 78  ARG A 84  
A 3 TYR A 151 ? ASN A 157 ? TYR A 197 ASN A 203 
A 4 ASP A 138 ? THR A 141 ? ASP A 184 THR A 187 
A 5 CYS A 120 ? LEU A 121 ? CYS A 166 LEU A 167 
A 6 VAL A 124 ? VAL A 125 ? VAL A 170 VAL A 171 
B 1 ILE A 83  ? ILE A 85  ? ILE A 129 ILE A 131 
B 2 CYS A 57  ? ARG A 62  ? CYS A 103 ARG A 108 
B 3 CYS A 95  ? VAL A 102 ? CYS A 141 VAL A 148 
B 4 ILE A 105 ? ASP A 112 ? ILE A 151 ASP A 158 
B 5 ILE A 132 ? GLU A 133 ? ILE A 178 GLU A 179 
# 
loop_
_pdbx_struct_sheet_hbond.sheet_id 
_pdbx_struct_sheet_hbond.range_id_1 
_pdbx_struct_sheet_hbond.range_id_2 
_pdbx_struct_sheet_hbond.range_1_label_atom_id 
_pdbx_struct_sheet_hbond.range_1_label_comp_id 
_pdbx_struct_sheet_hbond.range_1_label_asym_id 
_pdbx_struct_sheet_hbond.range_1_label_seq_id 
_pdbx_struct_sheet_hbond.range_1_PDB_ins_code 
_pdbx_struct_sheet_hbond.range_1_auth_atom_id 
_pdbx_struct_sheet_hbond.range_1_auth_comp_id 
_pdbx_struct_sheet_hbond.range_1_auth_asym_id 
_pdbx_struct_sheet_hbond.range_1_auth_seq_id 
_pdbx_struct_sheet_hbond.range_2_label_atom_id 
_pdbx_struct_sheet_hbond.range_2_label_comp_id 
_pdbx_struct_sheet_hbond.range_2_label_asym_id 
_pdbx_struct_sheet_hbond.range_2_label_seq_id 
_pdbx_struct_sheet_hbond.range_2_PDB_ins_code 
_pdbx_struct_sheet_hbond.range_2_auth_atom_id 
_pdbx_struct_sheet_hbond.range_2_auth_comp_id 
_pdbx_struct_sheet_hbond.range_2_auth_asym_id 
_pdbx_struct_sheet_hbond.range_2_auth_seq_id 
A 1 2 O LYS A 48  ? O LYS A 94  N ILE A 36  ? N ILE A 82  
A 2 3 N VAL A 35  ? N VAL A 81  O ILE A 154 ? O ILE A 200 
A 3 4 O LEU A 153 ? O LEU A 199 N LEU A 140 ? N LEU A 186 
A 4 5 O THR A 141 ? O THR A 187 N CYS A 120 ? N CYS A 166 
A 5 6 N LEU A 121 ? N LEU A 167 O VAL A 124 ? O VAL A 170 
B 1 2 O ILE A 83  ? O ILE A 129 N LEU A 59  ? N LEU A 105 
B 2 3 N VAL A 60  ? N VAL A 106 O CYS A 95  ? O CYS A 141 
B 3 4 N GLN A 98  ? N GLN A 144 O TYR A 109 ? O TYR A 155 
B 4 5 N VAL A 110 ? N VAL A 156 O ILE A 132 ? O ILE A 178 
# 
loop_
_struct_site.id 
_struct_site.pdbx_evidence_code 
_struct_site.pdbx_auth_asym_id 
_struct_site.pdbx_auth_comp_id 
_struct_site.pdbx_auth_seq_id 
_struct_site.pdbx_auth_ins_code 
_struct_site.pdbx_num_residues 
_struct_site.details 
AC1 Software A MG  1   ? 3  'BINDING SITE FOR RESIDUE MG A 1'    
AC2 Software A CL  205 ? 2  'BINDING SITE FOR RESIDUE CL A 205'  
AC3 Software A GOL 206 ? 8  'BINDING SITE FOR RESIDUE GOL A 206' 
AC4 Software A GOL 207 ? 10 'BINDING SITE FOR RESIDUE GOL A 207' 
AC5 Software A GOL 208 ? 7  'BINDING SITE FOR RESIDUE GOL A 208' 
AC6 Software A GOL 209 ? 12 'BINDING SITE FOR RESIDUE GOL A 209' 
# 
loop_
_struct_site_gen.id 
_struct_site_gen.site_id 
_struct_site_gen.pdbx_num_res 
_struct_site_gen.label_comp_id 
_struct_site_gen.label_asym_id 
_struct_site_gen.label_seq_id 
_struct_site_gen.pdbx_auth_ins_code 
_struct_site_gen.auth_comp_id 
_struct_site_gen.auth_asym_id 
_struct_site_gen.auth_seq_id 
_struct_site_gen.label_atom_id 
_struct_site_gen.label_alt_id 
_struct_site_gen.symmetry 
_struct_site_gen.details 
1  AC1 3  ASP A 82  ? ASP A 128 . ? 1_555  ? 
2  AC1 3  HOH H .   ? HOH A 210 . ? 1_555  ? 
3  AC1 3  HOH H .   ? HOH A 214 . ? 17_555 ? 
4  AC2 2  ARG A 130 ? ARG A 176 . ? 1_555  ? 
5  AC2 2  HOH H .   ? HOH A 357 . ? 2_555  ? 
6  AC3 8  MET A 31  ? MET A 77  . ? 1_555  ? 
7  AC3 8  TYR A 32  ? TYR A 78  . ? 1_555  ? 
8  AC3 8  GLU A 33  ? GLU A 79  . ? 1_555  ? 
9  AC3 8  LYS A 42  ? LYS A 88  . ? 4_556  ? 
10 AC3 8  GLY A 45  ? GLY A 91  . ? 4_556  ? 
11 AC3 8  ASP A 51  ? ASP A 97  . ? 1_555  ? 
12 AC3 8  ASN A 53  ? ASN A 99  . ? 1_555  ? 
13 AC3 8  ILE A 78  ? ILE A 124 . ? 17_555 ? 
14 AC4 10 LYS A 5   ? LYS A 51  . ? 17_555 ? 
15 AC4 10 ASP A 16  ? ASP A 62  . ? 1_555  ? 
16 AC4 10 ARG A 29  ? ARG A 75  . ? 1_555  ? 
17 AC4 10 MET A 31  ? MET A 77  . ? 1_555  ? 
18 AC4 10 ASP A 43  ? ASP A 89  . ? 4_556  ? 
19 AC4 10 ASP A 51  ? ASP A 97  . ? 1_555  ? 
20 AC4 10 ASN A 53  ? ASN A 99  . ? 1_555  ? 
21 AC4 10 GOL F .   ? GOL A 208 . ? 1_555  ? 
22 AC4 10 HOH H .   ? HOH A 216 . ? 1_555  ? 
23 AC4 10 HOH H .   ? HOH A 254 . ? 1_555  ? 
24 AC5 7  LYS A 5   ? LYS A 51  . ? 17_555 ? 
25 AC5 7  ASP A 16  ? ASP A 62  . ? 1_555  ? 
26 AC5 7  ASP A 20  ? ASP A 66  . ? 1_555  ? 
27 AC5 7  ARG A 29  ? ARG A 75  . ? 1_555  ? 
28 AC5 7  GOL E .   ? GOL A 207 . ? 1_555  ? 
29 AC5 7  HOH H .   ? HOH A 341 . ? 1_555  ? 
30 AC5 7  HOH H .   ? HOH A 372 . ? 1_555  ? 
31 AC6 12 VAL A 102 ? VAL A 148 . ? 6_556  ? 
32 AC6 12 ARG A 103 ? ARG A 149 . ? 6_556  ? 
33 AC6 12 ASN A 123 ? ASN A 169 . ? 4_556  ? 
34 AC6 12 VAL A 139 ? VAL A 185 . ? 4_556  ? 
35 AC6 12 THR A 141 ? THR A 187 . ? 4_556  ? 
36 AC6 12 GLU A 146 ? GLU A 192 . ? 4_556  ? 
37 AC6 12 GLU A 152 ? GLU A 198 . ? 4_556  ? 
38 AC6 12 HOH H .   ? HOH A 218 . ? 4_556  ? 
39 AC6 12 HOH H .   ? HOH A 271 . ? 4_556  ? 
40 AC6 12 HOH H .   ? HOH A 276 . ? 6_556  ? 
41 AC6 12 HOH H .   ? HOH A 335 . ? 6_556  ? 
42 AC6 12 HOH H .   ? HOH A 352 . ? 1_555  ? 
# 
loop_
_pdbx_validate_torsion.id 
_pdbx_validate_torsion.PDB_model_num 
_pdbx_validate_torsion.auth_comp_id 
_pdbx_validate_torsion.auth_asym_id 
_pdbx_validate_torsion.auth_seq_id 
_pdbx_validate_torsion.PDB_ins_code 
_pdbx_validate_torsion.label_alt_id 
_pdbx_validate_torsion.phi 
_pdbx_validate_torsion.psi 
1 1 PRO A 132 ? ? -72.96 42.93 
2 1 LEU A 159 ? ? -95.66 51.62 
# 
loop_
_pdbx_struct_special_symmetry.id 
_pdbx_struct_special_symmetry.PDB_model_num 
_pdbx_struct_special_symmetry.auth_asym_id 
_pdbx_struct_special_symmetry.auth_comp_id 
_pdbx_struct_special_symmetry.auth_seq_id 
_pdbx_struct_special_symmetry.PDB_ins_code 
_pdbx_struct_special_symmetry.label_asym_id 
_pdbx_struct_special_symmetry.label_comp_id 
_pdbx_struct_special_symmetry.label_seq_id 
1 1 A MG  1   ? B MG  . 
2 1 A CL  205 ? C CL  . 
3 1 A HOH 295 ? H HOH . 
4 1 A HOH 296 ? H HOH . 
5 1 A HOH 340 ? H HOH . 
6 1 A HOH 357 ? H HOH . 
7 1 A HOH 368 ? H HOH . 
# 
loop_
_pdbx_unobs_or_zero_occ_residues.id 
_pdbx_unobs_or_zero_occ_residues.PDB_model_num 
_pdbx_unobs_or_zero_occ_residues.polymer_flag 
_pdbx_unobs_or_zero_occ_residues.occupancy_flag 
_pdbx_unobs_or_zero_occ_residues.auth_asym_id 
_pdbx_unobs_or_zero_occ_residues.auth_comp_id 
_pdbx_unobs_or_zero_occ_residues.auth_seq_id 
_pdbx_unobs_or_zero_occ_residues.PDB_ins_code 
_pdbx_unobs_or_zero_occ_residues.label_asym_id 
_pdbx_unobs_or_zero_occ_residues.label_comp_id 
_pdbx_unobs_or_zero_occ_residues.label_seq_id 
1  1 Y 1 A GLY 47  ? A GLY 1  
2  1 Y 1 A ALA 48  ? A ALA 2  
3  1 Y 1 A MET 49  ? A MET 3  
4  1 Y 1 A GLY 50  ? A GLY 4  
5  1 Y 1 A SER 113 ? A SER 67 
6  1 Y 1 A LEU 114 ? A LEU 68 
7  1 Y 1 A ASP 115 ? A ASP 69 
8  1 Y 1 A THR 116 ? A THR 70 
9  1 Y 1 A ASP 117 ? A ASP 71 
10 1 Y 1 A LEU 118 ? A LEU 72 
11 1 Y 1 A ASP 119 ? A ASP 73 
12 1 Y 1 A ASP 120 ? A ASP 74 
13 1 Y 1 A ARG 121 ? A ARG 75 
# 
loop_
_chem_comp_atom.comp_id 
_chem_comp_atom.atom_id 
_chem_comp_atom.type_symbol 
_chem_comp_atom.pdbx_aromatic_flag 
_chem_comp_atom.pdbx_stereo_config 
_chem_comp_atom.pdbx_ordinal 
ALA N    N  N N 1   
ALA CA   C  N S 2   
ALA C    C  N N 3   
ALA O    O  N N 4   
ALA CB   C  N N 5   
ALA OXT  O  N N 6   
ALA H    H  N N 7   
ALA H2   H  N N 8   
ALA HA   H  N N 9   
ALA HB1  H  N N 10  
ALA HB2  H  N N 11  
ALA HB3  H  N N 12  
ALA HXT  H  N N 13  
ARG N    N  N N 14  
ARG CA   C  N S 15  
ARG C    C  N N 16  
ARG O    O  N N 17  
ARG CB   C  N N 18  
ARG CG   C  N N 19  
ARG CD   C  N N 20  
ARG NE   N  N N 21  
ARG CZ   C  N N 22  
ARG NH1  N  N N 23  
ARG NH2  N  N N 24  
ARG OXT  O  N N 25  
ARG H    H  N N 26  
ARG H2   H  N N 27  
ARG HA   H  N N 28  
ARG HB2  H  N N 29  
ARG HB3  H  N N 30  
ARG HG2  H  N N 31  
ARG HG3  H  N N 32  
ARG HD2  H  N N 33  
ARG HD3  H  N N 34  
ARG HE   H  N N 35  
ARG HH11 H  N N 36  
ARG HH12 H  N N 37  
ARG HH21 H  N N 38  
ARG HH22 H  N N 39  
ARG HXT  H  N N 40  
ASN N    N  N N 41  
ASN CA   C  N S 42  
ASN C    C  N N 43  
ASN O    O  N N 44  
ASN CB   C  N N 45  
ASN CG   C  N N 46  
ASN OD1  O  N N 47  
ASN ND2  N  N N 48  
ASN OXT  O  N N 49  
ASN H    H  N N 50  
ASN H2   H  N N 51  
ASN HA   H  N N 52  
ASN HB2  H  N N 53  
ASN HB3  H  N N 54  
ASN HD21 H  N N 55  
ASN HD22 H  N N 56  
ASN HXT  H  N N 57  
ASP N    N  N N 58  
ASP CA   C  N S 59  
ASP C    C  N N 60  
ASP O    O  N N 61  
ASP CB   C  N N 62  
ASP CG   C  N N 63  
ASP OD1  O  N N 64  
ASP OD2  O  N N 65  
ASP OXT  O  N N 66  
ASP H    H  N N 67  
ASP H2   H  N N 68  
ASP HA   H  N N 69  
ASP HB2  H  N N 70  
ASP HB3  H  N N 71  
ASP HD2  H  N N 72  
ASP HXT  H  N N 73  
CL  CL   CL N N 74  
CYS N    N  N N 75  
CYS CA   C  N R 76  
CYS C    C  N N 77  
CYS O    O  N N 78  
CYS CB   C  N N 79  
CYS SG   S  N N 80  
CYS OXT  O  N N 81  
CYS H    H  N N 82  
CYS H2   H  N N 83  
CYS HA   H  N N 84  
CYS HB2  H  N N 85  
CYS HB3  H  N N 86  
CYS HG   H  N N 87  
CYS HXT  H  N N 88  
GLN N    N  N N 89  
GLN CA   C  N S 90  
GLN C    C  N N 91  
GLN O    O  N N 92  
GLN CB   C  N N 93  
GLN CG   C  N N 94  
GLN CD   C  N N 95  
GLN OE1  O  N N 96  
GLN NE2  N  N N 97  
GLN OXT  O  N N 98  
GLN H    H  N N 99  
GLN H2   H  N N 100 
GLN HA   H  N N 101 
GLN HB2  H  N N 102 
GLN HB3  H  N N 103 
GLN HG2  H  N N 104 
GLN HG3  H  N N 105 
GLN HE21 H  N N 106 
GLN HE22 H  N N 107 
GLN HXT  H  N N 108 
GLU N    N  N N 109 
GLU CA   C  N S 110 
GLU C    C  N N 111 
GLU O    O  N N 112 
GLU CB   C  N N 113 
GLU CG   C  N N 114 
GLU CD   C  N N 115 
GLU OE1  O  N N 116 
GLU OE2  O  N N 117 
GLU OXT  O  N N 118 
GLU H    H  N N 119 
GLU H2   H  N N 120 
GLU HA   H  N N 121 
GLU HB2  H  N N 122 
GLU HB3  H  N N 123 
GLU HG2  H  N N 124 
GLU HG3  H  N N 125 
GLU HE2  H  N N 126 
GLU HXT  H  N N 127 
GLY N    N  N N 128 
GLY CA   C  N N 129 
GLY C    C  N N 130 
GLY O    O  N N 131 
GLY OXT  O  N N 132 
GLY H    H  N N 133 
GLY H2   H  N N 134 
GLY HA2  H  N N 135 
GLY HA3  H  N N 136 
GLY HXT  H  N N 137 
GOL C1   C  N N 138 
GOL O1   O  N N 139 
GOL C2   C  N N 140 
GOL O2   O  N N 141 
GOL C3   C  N N 142 
GOL O3   O  N N 143 
GOL H11  H  N N 144 
GOL H12  H  N N 145 
GOL HO1  H  N N 146 
GOL H2   H  N N 147 
GOL HO2  H  N N 148 
GOL H31  H  N N 149 
GOL H32  H  N N 150 
GOL HO3  H  N N 151 
HIS N    N  N N 152 
HIS CA   C  N S 153 
HIS C    C  N N 154 
HIS O    O  N N 155 
HIS CB   C  N N 156 
HIS CG   C  Y N 157 
HIS ND1  N  Y N 158 
HIS CD2  C  Y N 159 
HIS CE1  C  Y N 160 
HIS NE2  N  Y N 161 
HIS OXT  O  N N 162 
HIS H    H  N N 163 
HIS H2   H  N N 164 
HIS HA   H  N N 165 
HIS HB2  H  N N 166 
HIS HB3  H  N N 167 
HIS HD1  H  N N 168 
HIS HD2  H  N N 169 
HIS HE1  H  N N 170 
HIS HE2  H  N N 171 
HIS HXT  H  N N 172 
HOH O    O  N N 173 
HOH H1   H  N N 174 
HOH H2   H  N N 175 
ILE N    N  N N 176 
ILE CA   C  N S 177 
ILE C    C  N N 178 
ILE O    O  N N 179 
ILE CB   C  N S 180 
ILE CG1  C  N N 181 
ILE CG2  C  N N 182 
ILE CD1  C  N N 183 
ILE OXT  O  N N 184 
ILE H    H  N N 185 
ILE H2   H  N N 186 
ILE HA   H  N N 187 
ILE HB   H  N N 188 
ILE HG12 H  N N 189 
ILE HG13 H  N N 190 
ILE HG21 H  N N 191 
ILE HG22 H  N N 192 
ILE HG23 H  N N 193 
ILE HD11 H  N N 194 
ILE HD12 H  N N 195 
ILE HD13 H  N N 196 
ILE HXT  H  N N 197 
LEU N    N  N N 198 
LEU CA   C  N S 199 
LEU C    C  N N 200 
LEU O    O  N N 201 
LEU CB   C  N N 202 
LEU CG   C  N N 203 
LEU CD1  C  N N 204 
LEU CD2  C  N N 205 
LEU OXT  O  N N 206 
LEU H    H  N N 207 
LEU H2   H  N N 208 
LEU HA   H  N N 209 
LEU HB2  H  N N 210 
LEU HB3  H  N N 211 
LEU HG   H  N N 212 
LEU HD11 H  N N 213 
LEU HD12 H  N N 214 
LEU HD13 H  N N 215 
LEU HD21 H  N N 216 
LEU HD22 H  N N 217 
LEU HD23 H  N N 218 
LEU HXT  H  N N 219 
LYS N    N  N N 220 
LYS CA   C  N S 221 
LYS C    C  N N 222 
LYS O    O  N N 223 
LYS CB   C  N N 224 
LYS CG   C  N N 225 
LYS CD   C  N N 226 
LYS CE   C  N N 227 
LYS NZ   N  N N 228 
LYS OXT  O  N N 229 
LYS H    H  N N 230 
LYS H2   H  N N 231 
LYS HA   H  N N 232 
LYS HB2  H  N N 233 
LYS HB3  H  N N 234 
LYS HG2  H  N N 235 
LYS HG3  H  N N 236 
LYS HD2  H  N N 237 
LYS HD3  H  N N 238 
LYS HE2  H  N N 239 
LYS HE3  H  N N 240 
LYS HZ1  H  N N 241 
LYS HZ2  H  N N 242 
LYS HZ3  H  N N 243 
LYS HXT  H  N N 244 
MET N    N  N N 245 
MET CA   C  N S 246 
MET C    C  N N 247 
MET O    O  N N 248 
MET CB   C  N N 249 
MET CG   C  N N 250 
MET SD   S  N N 251 
MET CE   C  N N 252 
MET OXT  O  N N 253 
MET H    H  N N 254 
MET H2   H  N N 255 
MET HA   H  N N 256 
MET HB2  H  N N 257 
MET HB3  H  N N 258 
MET HG2  H  N N 259 
MET HG3  H  N N 260 
MET HE1  H  N N 261 
MET HE2  H  N N 262 
MET HE3  H  N N 263 
MET HXT  H  N N 264 
MG  MG   MG N N 265 
PHE N    N  N N 266 
PHE CA   C  N S 267 
PHE C    C  N N 268 
PHE O    O  N N 269 
PHE CB   C  N N 270 
PHE CG   C  Y N 271 
PHE CD1  C  Y N 272 
PHE CD2  C  Y N 273 
PHE CE1  C  Y N 274 
PHE CE2  C  Y N 275 
PHE CZ   C  Y N 276 
PHE OXT  O  N N 277 
PHE H    H  N N 278 
PHE H2   H  N N 279 
PHE HA   H  N N 280 
PHE HB2  H  N N 281 
PHE HB3  H  N N 282 
PHE HD1  H  N N 283 
PHE HD2  H  N N 284 
PHE HE1  H  N N 285 
PHE HE2  H  N N 286 
PHE HZ   H  N N 287 
PHE HXT  H  N N 288 
PRO N    N  N N 289 
PRO CA   C  N S 290 
PRO C    C  N N 291 
PRO O    O  N N 292 
PRO CB   C  N N 293 
PRO CG   C  N N 294 
PRO CD   C  N N 295 
PRO OXT  O  N N 296 
PRO H    H  N N 297 
PRO HA   H  N N 298 
PRO HB2  H  N N 299 
PRO HB3  H  N N 300 
PRO HG2  H  N N 301 
PRO HG3  H  N N 302 
PRO HD2  H  N N 303 
PRO HD3  H  N N 304 
PRO HXT  H  N N 305 
SER N    N  N N 306 
SER CA   C  N S 307 
SER C    C  N N 308 
SER O    O  N N 309 
SER CB   C  N N 310 
SER OG   O  N N 311 
SER OXT  O  N N 312 
SER H    H  N N 313 
SER H2   H  N N 314 
SER HA   H  N N 315 
SER HB2  H  N N 316 
SER HB3  H  N N 317 
SER HG   H  N N 318 
SER HXT  H  N N 319 
THR N    N  N N 320 
THR CA   C  N S 321 
THR C    C  N N 322 
THR O    O  N N 323 
THR CB   C  N R 324 
THR OG1  O  N N 325 
THR CG2  C  N N 326 
THR OXT  O  N N 327 
THR H    H  N N 328 
THR H2   H  N N 329 
THR HA   H  N N 330 
THR HB   H  N N 331 
THR HG1  H  N N 332 
THR HG21 H  N N 333 
THR HG22 H  N N 334 
THR HG23 H  N N 335 
THR HXT  H  N N 336 
TRP N    N  N N 337 
TRP CA   C  N S 338 
TRP C    C  N N 339 
TRP O    O  N N 340 
TRP CB   C  N N 341 
TRP CG   C  Y N 342 
TRP CD1  C  Y N 343 
TRP CD2  C  Y N 344 
TRP NE1  N  Y N 345 
TRP CE2  C  Y N 346 
TRP CE3  C  Y N 347 
TRP CZ2  C  Y N 348 
TRP CZ3  C  Y N 349 
TRP CH2  C  Y N 350 
TRP OXT  O  N N 351 
TRP H    H  N N 352 
TRP H2   H  N N 353 
TRP HA   H  N N 354 
TRP HB2  H  N N 355 
TRP HB3  H  N N 356 
TRP HD1  H  N N 357 
TRP HE1  H  N N 358 
TRP HE3  H  N N 359 
TRP HZ2  H  N N 360 
TRP HZ3  H  N N 361 
TRP HH2  H  N N 362 
TRP HXT  H  N N 363 
TYR N    N  N N 364 
TYR CA   C  N S 365 
TYR C    C  N N 366 
TYR O    O  N N 367 
TYR CB   C  N N 368 
TYR CG   C  Y N 369 
TYR CD1  C  Y N 370 
TYR CD2  C  Y N 371 
TYR CE1  C  Y N 372 
TYR CE2  C  Y N 373 
TYR CZ   C  Y N 374 
TYR OH   O  N N 375 
TYR OXT  O  N N 376 
TYR H    H  N N 377 
TYR H2   H  N N 378 
TYR HA   H  N N 379 
TYR HB2  H  N N 380 
TYR HB3  H  N N 381 
TYR HD1  H  N N 382 
TYR HD2  H  N N 383 
TYR HE1  H  N N 384 
TYR HE2  H  N N 385 
TYR HH   H  N N 386 
TYR HXT  H  N N 387 
VAL N    N  N N 388 
VAL CA   C  N S 389 
VAL C    C  N N 390 
VAL O    O  N N 391 
VAL CB   C  N N 392 
VAL CG1  C  N N 393 
VAL CG2  C  N N 394 
VAL OXT  O  N N 395 
VAL H    H  N N 396 
VAL H2   H  N N 397 
VAL HA   H  N N 398 
VAL HB   H  N N 399 
VAL HG11 H  N N 400 
VAL HG12 H  N N 401 
VAL HG13 H  N N 402 
VAL HG21 H  N N 403 
VAL HG22 H  N N 404 
VAL HG23 H  N N 405 
VAL HXT  H  N N 406 
# 
loop_
_chem_comp_bond.comp_id 
_chem_comp_bond.atom_id_1 
_chem_comp_bond.atom_id_2 
_chem_comp_bond.value_order 
_chem_comp_bond.pdbx_aromatic_flag 
_chem_comp_bond.pdbx_stereo_config 
_chem_comp_bond.pdbx_ordinal 
ALA N   CA   sing N N 1   
ALA N   H    sing N N 2   
ALA N   H2   sing N N 3   
ALA CA  C    sing N N 4   
ALA CA  CB   sing N N 5   
ALA CA  HA   sing N N 6   
ALA C   O    doub N N 7   
ALA C   OXT  sing N N 8   
ALA CB  HB1  sing N N 9   
ALA CB  HB2  sing N N 10  
ALA CB  HB3  sing N N 11  
ALA OXT HXT  sing N N 12  
ARG N   CA   sing N N 13  
ARG N   H    sing N N 14  
ARG N   H2   sing N N 15  
ARG CA  C    sing N N 16  
ARG CA  CB   sing N N 17  
ARG CA  HA   sing N N 18  
ARG C   O    doub N N 19  
ARG C   OXT  sing N N 20  
ARG CB  CG   sing N N 21  
ARG CB  HB2  sing N N 22  
ARG CB  HB3  sing N N 23  
ARG CG  CD   sing N N 24  
ARG CG  HG2  sing N N 25  
ARG CG  HG3  sing N N 26  
ARG CD  NE   sing N N 27  
ARG CD  HD2  sing N N 28  
ARG CD  HD3  sing N N 29  
ARG NE  CZ   sing N N 30  
ARG NE  HE   sing N N 31  
ARG CZ  NH1  sing N N 32  
ARG CZ  NH2  doub N N 33  
ARG NH1 HH11 sing N N 34  
ARG NH1 HH12 sing N N 35  
ARG NH2 HH21 sing N N 36  
ARG NH2 HH22 sing N N 37  
ARG OXT HXT  sing N N 38  
ASN N   CA   sing N N 39  
ASN N   H    sing N N 40  
ASN N   H2   sing N N 41  
ASN CA  C    sing N N 42  
ASN CA  CB   sing N N 43  
ASN CA  HA   sing N N 44  
ASN C   O    doub N N 45  
ASN C   OXT  sing N N 46  
ASN CB  CG   sing N N 47  
ASN CB  HB2  sing N N 48  
ASN CB  HB3  sing N N 49  
ASN CG  OD1  doub N N 50  
ASN CG  ND2  sing N N 51  
ASN ND2 HD21 sing N N 52  
ASN ND2 HD22 sing N N 53  
ASN OXT HXT  sing N N 54  
ASP N   CA   sing N N 55  
ASP N   H    sing N N 56  
ASP N   H2   sing N N 57  
ASP CA  C    sing N N 58  
ASP CA  CB   sing N N 59  
ASP CA  HA   sing N N 60  
ASP C   O    doub N N 61  
ASP C   OXT  sing N N 62  
ASP CB  CG   sing N N 63  
ASP CB  HB2  sing N N 64  
ASP CB  HB3  sing N N 65  
ASP CG  OD1  doub N N 66  
ASP CG  OD2  sing N N 67  
ASP OD2 HD2  sing N N 68  
ASP OXT HXT  sing N N 69  
CYS N   CA   sing N N 70  
CYS N   H    sing N N 71  
CYS N   H2   sing N N 72  
CYS CA  C    sing N N 73  
CYS CA  CB   sing N N 74  
CYS CA  HA   sing N N 75  
CYS C   O    doub N N 76  
CYS C   OXT  sing N N 77  
CYS CB  SG   sing N N 78  
CYS CB  HB2  sing N N 79  
CYS CB  HB3  sing N N 80  
CYS SG  HG   sing N N 81  
CYS OXT HXT  sing N N 82  
GLN N   CA   sing N N 83  
GLN N   H    sing N N 84  
GLN N   H2   sing N N 85  
GLN CA  C    sing N N 86  
GLN CA  CB   sing N N 87  
GLN CA  HA   sing N N 88  
GLN C   O    doub N N 89  
GLN C   OXT  sing N N 90  
GLN CB  CG   sing N N 91  
GLN CB  HB2  sing N N 92  
GLN CB  HB3  sing N N 93  
GLN CG  CD   sing N N 94  
GLN CG  HG2  sing N N 95  
GLN CG  HG3  sing N N 96  
GLN CD  OE1  doub N N 97  
GLN CD  NE2  sing N N 98  
GLN NE2 HE21 sing N N 99  
GLN NE2 HE22 sing N N 100 
GLN OXT HXT  sing N N 101 
GLU N   CA   sing N N 102 
GLU N   H    sing N N 103 
GLU N   H2   sing N N 104 
GLU CA  C    sing N N 105 
GLU CA  CB   sing N N 106 
GLU CA  HA   sing N N 107 
GLU C   O    doub N N 108 
GLU C   OXT  sing N N 109 
GLU CB  CG   sing N N 110 
GLU CB  HB2  sing N N 111 
GLU CB  HB3  sing N N 112 
GLU CG  CD   sing N N 113 
GLU CG  HG2  sing N N 114 
GLU CG  HG3  sing N N 115 
GLU CD  OE1  doub N N 116 
GLU CD  OE2  sing N N 117 
GLU OE2 HE2  sing N N 118 
GLU OXT HXT  sing N N 119 
GLY N   CA   sing N N 120 
GLY N   H    sing N N 121 
GLY N   H2   sing N N 122 
GLY CA  C    sing N N 123 
GLY CA  HA2  sing N N 124 
GLY CA  HA3  sing N N 125 
GLY C   O    doub N N 126 
GLY C   OXT  sing N N 127 
GLY OXT HXT  sing N N 128 
GOL C1  O1   sing N N 129 
GOL C1  C2   sing N N 130 
GOL C1  H11  sing N N 131 
GOL C1  H12  sing N N 132 
GOL O1  HO1  sing N N 133 
GOL C2  O2   sing N N 134 
GOL C2  C3   sing N N 135 
GOL C2  H2   sing N N 136 
GOL O2  HO2  sing N N 137 
GOL C3  O3   sing N N 138 
GOL C3  H31  sing N N 139 
GOL C3  H32  sing N N 140 
GOL O3  HO3  sing N N 141 
HIS N   CA   sing N N 142 
HIS N   H    sing N N 143 
HIS N   H2   sing N N 144 
HIS CA  C    sing N N 145 
HIS CA  CB   sing N N 146 
HIS CA  HA   sing N N 147 
HIS C   O    doub N N 148 
HIS C   OXT  sing N N 149 
HIS CB  CG   sing N N 150 
HIS CB  HB2  sing N N 151 
HIS CB  HB3  sing N N 152 
HIS CG  ND1  sing Y N 153 
HIS CG  CD2  doub Y N 154 
HIS ND1 CE1  doub Y N 155 
HIS ND1 HD1  sing N N 156 
HIS CD2 NE2  sing Y N 157 
HIS CD2 HD2  sing N N 158 
HIS CE1 NE2  sing Y N 159 
HIS CE1 HE1  sing N N 160 
HIS NE2 HE2  sing N N 161 
HIS OXT HXT  sing N N 162 
HOH O   H1   sing N N 163 
HOH O   H2   sing N N 164 
ILE N   CA   sing N N 165 
ILE N   H    sing N N 166 
ILE N   H2   sing N N 167 
ILE CA  C    sing N N 168 
ILE CA  CB   sing N N 169 
ILE CA  HA   sing N N 170 
ILE C   O    doub N N 171 
ILE C   OXT  sing N N 172 
ILE CB  CG1  sing N N 173 
ILE CB  CG2  sing N N 174 
ILE CB  HB   sing N N 175 
ILE CG1 CD1  sing N N 176 
ILE CG1 HG12 sing N N 177 
ILE CG1 HG13 sing N N 178 
ILE CG2 HG21 sing N N 179 
ILE CG2 HG22 sing N N 180 
ILE CG2 HG23 sing N N 181 
ILE CD1 HD11 sing N N 182 
ILE CD1 HD12 sing N N 183 
ILE CD1 HD13 sing N N 184 
ILE OXT HXT  sing N N 185 
LEU N   CA   sing N N 186 
LEU N   H    sing N N 187 
LEU N   H2   sing N N 188 
LEU CA  C    sing N N 189 
LEU CA  CB   sing N N 190 
LEU CA  HA   sing N N 191 
LEU C   O    doub N N 192 
LEU C   OXT  sing N N 193 
LEU CB  CG   sing N N 194 
LEU CB  HB2  sing N N 195 
LEU CB  HB3  sing N N 196 
LEU CG  CD1  sing N N 197 
LEU CG  CD2  sing N N 198 
LEU CG  HG   sing N N 199 
LEU CD1 HD11 sing N N 200 
LEU CD1 HD12 sing N N 201 
LEU CD1 HD13 sing N N 202 
LEU CD2 HD21 sing N N 203 
LEU CD2 HD22 sing N N 204 
LEU CD2 HD23 sing N N 205 
LEU OXT HXT  sing N N 206 
LYS N   CA   sing N N 207 
LYS N   H    sing N N 208 
LYS N   H2   sing N N 209 
LYS CA  C    sing N N 210 
LYS CA  CB   sing N N 211 
LYS CA  HA   sing N N 212 
LYS C   O    doub N N 213 
LYS C   OXT  sing N N 214 
LYS CB  CG   sing N N 215 
LYS CB  HB2  sing N N 216 
LYS CB  HB3  sing N N 217 
LYS CG  CD   sing N N 218 
LYS CG  HG2  sing N N 219 
LYS CG  HG3  sing N N 220 
LYS CD  CE   sing N N 221 
LYS CD  HD2  sing N N 222 
LYS CD  HD3  sing N N 223 
LYS CE  NZ   sing N N 224 
LYS CE  HE2  sing N N 225 
LYS CE  HE3  sing N N 226 
LYS NZ  HZ1  sing N N 227 
LYS NZ  HZ2  sing N N 228 
LYS NZ  HZ3  sing N N 229 
LYS OXT HXT  sing N N 230 
MET N   CA   sing N N 231 
MET N   H    sing N N 232 
MET N   H2   sing N N 233 
MET CA  C    sing N N 234 
MET CA  CB   sing N N 235 
MET CA  HA   sing N N 236 
MET C   O    doub N N 237 
MET C   OXT  sing N N 238 
MET CB  CG   sing N N 239 
MET CB  HB2  sing N N 240 
MET CB  HB3  sing N N 241 
MET CG  SD   sing N N 242 
MET CG  HG2  sing N N 243 
MET CG  HG3  sing N N 244 
MET SD  CE   sing N N 245 
MET CE  HE1  sing N N 246 
MET CE  HE2  sing N N 247 
MET CE  HE3  sing N N 248 
MET OXT HXT  sing N N 249 
PHE N   CA   sing N N 250 
PHE N   H    sing N N 251 
PHE N   H2   sing N N 252 
PHE CA  C    sing N N 253 
PHE CA  CB   sing N N 254 
PHE CA  HA   sing N N 255 
PHE C   O    doub N N 256 
PHE C   OXT  sing N N 257 
PHE CB  CG   sing N N 258 
PHE CB  HB2  sing N N 259 
PHE CB  HB3  sing N N 260 
PHE CG  CD1  doub Y N 261 
PHE CG  CD2  sing Y N 262 
PHE CD1 CE1  sing Y N 263 
PHE CD1 HD1  sing N N 264 
PHE CD2 CE2  doub Y N 265 
PHE CD2 HD2  sing N N 266 
PHE CE1 CZ   doub Y N 267 
PHE CE1 HE1  sing N N 268 
PHE CE2 CZ   sing Y N 269 
PHE CE2 HE2  sing N N 270 
PHE CZ  HZ   sing N N 271 
PHE OXT HXT  sing N N 272 
PRO N   CA   sing N N 273 
PRO N   CD   sing N N 274 
PRO N   H    sing N N 275 
PRO CA  C    sing N N 276 
PRO CA  CB   sing N N 277 
PRO CA  HA   sing N N 278 
PRO C   O    doub N N 279 
PRO C   OXT  sing N N 280 
PRO CB  CG   sing N N 281 
PRO CB  HB2  sing N N 282 
PRO CB  HB3  sing N N 283 
PRO CG  CD   sing N N 284 
PRO CG  HG2  sing N N 285 
PRO CG  HG3  sing N N 286 
PRO CD  HD2  sing N N 287 
PRO CD  HD3  sing N N 288 
PRO OXT HXT  sing N N 289 
SER N   CA   sing N N 290 
SER N   H    sing N N 291 
SER N   H2   sing N N 292 
SER CA  C    sing N N 293 
SER CA  CB   sing N N 294 
SER CA  HA   sing N N 295 
SER C   O    doub N N 296 
SER C   OXT  sing N N 297 
SER CB  OG   sing N N 298 
SER CB  HB2  sing N N 299 
SER CB  HB3  sing N N 300 
SER OG  HG   sing N N 301 
SER OXT HXT  sing N N 302 
THR N   CA   sing N N 303 
THR N   H    sing N N 304 
THR N   H2   sing N N 305 
THR CA  C    sing N N 306 
THR CA  CB   sing N N 307 
THR CA  HA   sing N N 308 
THR C   O    doub N N 309 
THR C   OXT  sing N N 310 
THR CB  OG1  sing N N 311 
THR CB  CG2  sing N N 312 
THR CB  HB   sing N N 313 
THR OG1 HG1  sing N N 314 
THR CG2 HG21 sing N N 315 
THR CG2 HG22 sing N N 316 
THR CG2 HG23 sing N N 317 
THR OXT HXT  sing N N 318 
TRP N   CA   sing N N 319 
TRP N   H    sing N N 320 
TRP N   H2   sing N N 321 
TRP CA  C    sing N N 322 
TRP CA  CB   sing N N 323 
TRP CA  HA   sing N N 324 
TRP C   O    doub N N 325 
TRP C   OXT  sing N N 326 
TRP CB  CG   sing N N 327 
TRP CB  HB2  sing N N 328 
TRP CB  HB3  sing N N 329 
TRP CG  CD1  doub Y N 330 
TRP CG  CD2  sing Y N 331 
TRP CD1 NE1  sing Y N 332 
TRP CD1 HD1  sing N N 333 
TRP CD2 CE2  doub Y N 334 
TRP CD2 CE3  sing Y N 335 
TRP NE1 CE2  sing Y N 336 
TRP NE1 HE1  sing N N 337 
TRP CE2 CZ2  sing Y N 338 
TRP CE3 CZ3  doub Y N 339 
TRP CE3 HE3  sing N N 340 
TRP CZ2 CH2  doub Y N 341 
TRP CZ2 HZ2  sing N N 342 
TRP CZ3 CH2  sing Y N 343 
TRP CZ3 HZ3  sing N N 344 
TRP CH2 HH2  sing N N 345 
TRP OXT HXT  sing N N 346 
TYR N   CA   sing N N 347 
TYR N   H    sing N N 348 
TYR N   H2   sing N N 349 
TYR CA  C    sing N N 350 
TYR CA  CB   sing N N 351 
TYR CA  HA   sing N N 352 
TYR C   O    doub N N 353 
TYR C   OXT  sing N N 354 
TYR CB  CG   sing N N 355 
TYR CB  HB2  sing N N 356 
TYR CB  HB3  sing N N 357 
TYR CG  CD1  doub Y N 358 
TYR CG  CD2  sing Y N 359 
TYR CD1 CE1  sing Y N 360 
TYR CD1 HD1  sing N N 361 
TYR CD2 CE2  doub Y N 362 
TYR CD2 HD2  sing N N 363 
TYR CE1 CZ   doub Y N 364 
TYR CE1 HE1  sing N N 365 
TYR CE2 CZ   sing Y N 366 
TYR CE2 HE2  sing N N 367 
TYR CZ  OH   sing N N 368 
TYR OH  HH   sing N N 369 
TYR OXT HXT  sing N N 370 
VAL N   CA   sing N N 371 
VAL N   H    sing N N 372 
VAL N   H2   sing N N 373 
VAL CA  C    sing N N 374 
VAL CA  CB   sing N N 375 
VAL CA  HA   sing N N 376 
VAL C   O    doub N N 377 
VAL C   OXT  sing N N 378 
VAL CB  CG1  sing N N 379 
VAL CB  CG2  sing N N 380 
VAL CB  HB   sing N N 381 
VAL CG1 HG11 sing N N 382 
VAL CG1 HG12 sing N N 383 
VAL CG1 HG13 sing N N 384 
VAL CG2 HG21 sing N N 385 
VAL CG2 HG22 sing N N 386 
VAL CG2 HG23 sing N N 387 
VAL OXT HXT  sing N N 388 
# 
_atom_sites.entry_id                    3ELS 
_atom_sites.fract_transf_matrix[1][1]   0.00049373 
_atom_sites.fract_transf_matrix[1][2]   0.01133008 
_atom_sites.fract_transf_matrix[1][3]   0.00175897 
_atom_sites.fract_transf_matrix[2][1]   0.00111089 
_atom_sites.fract_transf_matrix[2][2]   0.00410931 
_atom_sites.fract_transf_matrix[2][3]   0.01065838 
_atom_sites.fract_transf_matrix[3][1]   0.00973887 
_atom_sites.fract_transf_matrix[3][2]   -0.00028379 
_atom_sites.fract_transf_matrix[3][3]   -0.00090564 
_atom_sites.fract_transf_vector[1]      0.157827 
_atom_sites.fract_transf_vector[2]      0.215420 
_atom_sites.fract_transf_vector[3]      0.378472 
# 
loop_
_atom_type.symbol 
C  
CL 
MG 
N  
O  
S  
# 
loop_
_atom_site.group_PDB 
_atom_site.id 
_atom_site.type_symbol 
_atom_site.label_atom_id 
_atom_site.label_alt_id 
_atom_site.label_comp_id 
_atom_site.label_asym_id 
_atom_site.label_entity_id 
_atom_site.label_seq_id 
_atom_site.pdbx_PDB_ins_code 
_atom_site.Cartn_x 
_atom_site.Cartn_y 
_atom_site.Cartn_z 
_atom_site.occupancy 
_atom_site.B_iso_or_equiv 
_atom_site.pdbx_formal_charge 
_atom_site.auth_seq_id 
_atom_site.auth_comp_id 
_atom_site.auth_asym_id 
_atom_site.auth_atom_id 
_atom_site.pdbx_PDB_model_num 
ATOM   1    N  N   . LYS A 1 5   ? -15.634 -6.344  5.031   1.00 44.14 ? 51  LYS A N   1 
ATOM   2    C  CA  . LYS A 1 5   ? -14.285 -5.882  5.469   1.00 43.43 ? 51  LYS A CA  1 
ATOM   3    C  C   . LYS A 1 5   ? -13.206 -6.930  5.216   1.00 42.60 ? 51  LYS A C   1 
ATOM   4    O  O   . LYS A 1 5   ? -13.477 -8.141  5.227   1.00 42.19 ? 51  LYS A O   1 
ATOM   5    C  CB  . LYS A 1 5   ? -14.294 -5.493  6.951   1.00 43.74 ? 51  LYS A CB  1 
ATOM   6    C  CG  . LYS A 1 5   ? -15.007 -4.180  7.228   1.00 44.75 ? 51  LYS A CG  1 
ATOM   7    C  CD  . LYS A 1 5   ? -14.782 -3.729  8.659   1.00 46.06 ? 51  LYS A CD  1 
ATOM   8    C  CE  . LYS A 1 5   ? -15.672 -2.544  9.015   1.00 46.91 ? 51  LYS A CE  1 
ATOM   9    N  NZ  . LYS A 1 5   ? -15.254 -1.928  10.307  1.00 44.79 ? 51  LYS A NZ  1 
ATOM   10   N  N   . HIS A 1 6   ? -11.982 -6.453  5.005   1.00 41.54 ? 52  HIS A N   1 
ATOM   11   C  CA  . HIS A 1 6   ? -10.853 -7.327  4.678   1.00 40.53 ? 52  HIS A CA  1 
ATOM   12   C  C   . HIS A 1 6   ? -10.470 -8.281  5.813   1.00 39.84 ? 52  HIS A C   1 
ATOM   13   O  O   . HIS A 1 6   ? -10.262 -7.852  6.954   1.00 39.96 ? 52  HIS A O   1 
ATOM   14   C  CB  . HIS A 1 6   ? -9.634  -6.492  4.247   1.00 40.46 ? 52  HIS A CB  1 
ATOM   15   C  CG  . HIS A 1 6   ? -8.436  -7.316  3.895   1.00 39.60 ? 52  HIS A CG  1 
ATOM   16   N  ND1 . HIS A 1 6   ? -8.402  -8.137  2.790   1.00 37.56 ? 52  HIS A ND1 1 
ATOM   17   C  CD2 . HIS A 1 6   ? -7.233  -7.451  4.504   1.00 37.84 ? 52  HIS A CD2 1 
ATOM   18   C  CE1 . HIS A 1 6   ? -7.231  -8.743  2.730   1.00 37.39 ? 52  HIS A CE1 1 
ATOM   19   N  NE2 . HIS A 1 6   ? -6.503  -8.344  3.757   1.00 37.59 ? 52  HIS A NE2 1 
ATOM   20   N  N   . VAL A 1 7   ? -10.383 -9.569  5.486   1.00 39.15 ? 53  VAL A N   1 
ATOM   21   C  CA  . VAL A 1 7   ? -9.923  -10.593 6.420   1.00 38.90 ? 53  VAL A CA  1 
ATOM   22   C  C   . VAL A 1 7   ? -8.533  -11.083 6.001   1.00 38.44 ? 53  VAL A C   1 
ATOM   23   O  O   . VAL A 1 7   ? -8.349  -11.533 4.870   1.00 38.35 ? 53  VAL A O   1 
ATOM   24   C  CB  . VAL A 1 7   ? -10.913 -11.798 6.500   1.00 39.17 ? 53  VAL A CB  1 
ATOM   25   C  CG1 . VAL A 1 7   ? -10.318 -12.946 7.332   1.00 39.99 ? 53  VAL A CG1 1 
ATOM   26   C  CG2 . VAL A 1 7   ? -12.244 -11.360 7.104   1.00 39.67 ? 53  VAL A CG2 1 
ATOM   27   N  N   . GLU A 1 8   ? -7.570  -10.987 6.916   1.00 37.76 ? 54  GLU A N   1 
ATOM   28   C  CA  . GLU A 1 8   ? -6.171  -11.350 6.637   1.00 37.70 ? 54  GLU A CA  1 
ATOM   29   C  C   . GLU A 1 8   ? -5.976  -12.863 6.515   1.00 37.36 ? 54  GLU A C   1 
ATOM   30   O  O   . GLU A 1 8   ? -6.681  -13.630 7.194   1.00 37.49 ? 54  GLU A O   1 
ATOM   31   C  CB  . GLU A 1 8   ? -5.239  -10.795 7.723   1.00 37.45 ? 54  GLU A CB  1 
ATOM   32   C  CG  . GLU A 1 8   ? -5.229  -9.268  7.822   1.00 37.38 ? 54  GLU A CG  1 
ATOM   33   C  CD  . GLU A 1 8   ? -4.014  -8.748  8.551   1.00 36.91 ? 54  GLU A CD  1 
ATOM   34   O  OE1 . GLU A 1 8   ? -4.185  -8.082  9.591   1.00 39.17 ? 54  GLU A OE1 1 
ATOM   35   O  OE2 . GLU A 1 8   ? -2.874  -9.006  8.106   1.00 34.90 ? 54  GLU A OE2 1 
ATOM   36   N  N   . PRO A 1 9   ? -5.013  -13.306 5.669   1.00 37.00 ? 55  PRO A N   1 
ATOM   37   C  CA  . PRO A 1 9   ? -4.693  -14.729 5.547   1.00 36.44 ? 55  PRO A CA  1 
ATOM   38   C  C   . PRO A 1 9   ? -4.102  -15.276 6.837   1.00 36.15 ? 55  PRO A C   1 
ATOM   39   O  O   . PRO A 1 9   ? -3.609  -14.501 7.660   1.00 35.52 ? 55  PRO A O   1 
ATOM   40   C  CB  . PRO A 1 9   ? -3.631  -14.767 4.440   1.00 36.59 ? 55  PRO A CB  1 
ATOM   41   C  CG  . PRO A 1 9   ? -3.751  -13.456 3.731   1.00 37.82 ? 55  PRO A CG  1 
ATOM   42   C  CD  . PRO A 1 9   ? -4.167  -12.483 4.778   1.00 36.55 ? 55  PRO A CD  1 
ATOM   43   N  N   . GLN A 1 10  ? -4.157  -16.600 7.018   1.00 35.32 ? 56  GLN A N   1 
ATOM   44   C  CA  . GLN A 1 10  ? -3.630  -17.213 8.238   1.00 35.43 ? 56  GLN A CA  1 
ATOM   45   C  C   . GLN A 1 10  ? -2.122  -17.025 8.369   1.00 33.67 ? 56  GLN A C   1 
ATOM   46   O  O   . GLN A 1 10  ? -1.599  -17.003 9.475   1.00 33.19 ? 56  GLN A O   1 
ATOM   47   C  CB  . GLN A 1 10  ? -4.029  -18.699 8.359   1.00 36.40 ? 56  GLN A CB  1 
ATOM   48   C  CG  . GLN A 1 10  ? -5.541  -18.913 8.627   1.00 39.69 ? 56  GLN A CG  1 
ATOM   49   C  CD  . GLN A 1 10  ? -6.082  -18.085 9.802   1.00 43.85 ? 56  GLN A CD  1 
ATOM   50   O  OE1 . GLN A 1 10  ? -5.532  -18.109 10.910  1.00 46.28 ? 56  GLN A OE1 1 
ATOM   51   N  NE2 . GLN A 1 10  ? -7.166  -17.352 9.561   1.00 45.80 ? 56  GLN A NE2 1 
ATOM   52   N  N   . ASP A 1 11  ? -1.440  -16.850 7.236   1.00 31.71 ? 57  ASP A N   1 
ATOM   53   C  CA  . ASP A 1 11  ? 0.013   -16.658 7.245   1.00 30.42 ? 57  ASP A CA  1 
ATOM   54   C  C   . ASP A 1 11  ? 0.440   -15.179 7.251   1.00 29.56 ? 57  ASP A C   1 
ATOM   55   O  O   . ASP A 1 11  ? 1.618   -14.883 7.094   1.00 29.32 ? 57  ASP A O   1 
ATOM   56   C  CB  . ASP A 1 11  ? 0.694   -17.438 6.109   1.00 30.34 ? 57  ASP A CB  1 
ATOM   57   C  CG  . ASP A 1 11  ? 0.282   -16.966 4.727   1.00 30.89 ? 57  ASP A CG  1 
ATOM   58   O  OD1 . ASP A 1 11  ? 0.697   -17.616 3.730   1.00 34.32 ? 57  ASP A OD1 1 
ATOM   59   O  OD2 . ASP A 1 11  ? -0.446  -15.966 4.617   1.00 32.34 ? 57  ASP A OD2 1 
ATOM   60   N  N   . ALA A 1 12  ? -0.499  -14.267 7.469   1.00 28.96 ? 58  ALA A N   1 
ATOM   61   C  CA  . ALA A 1 12  ? -0.164  -12.850 7.648   1.00 28.29 ? 58  ALA A CA  1 
ATOM   62   C  C   . ALA A 1 12  ? 0.893   -12.682 8.730   1.00 28.58 ? 58  ALA A C   1 
ATOM   63   O  O   . ALA A 1 12  ? 0.888   -13.396 9.746   1.00 28.32 ? 58  ALA A O   1 
ATOM   64   C  CB  . ALA A 1 12  ? -1.436  -12.040 7.980   1.00 28.62 ? 58  ALA A CB  1 
ATOM   65   N  N   . ILE A 1 13  ? 1.826   -11.754 8.509   1.00 27.42 ? 59  ILE A N   1 
ATOM   66   C  CA  . ILE A 1 13  ? 2.845   -11.443 9.501   1.00 26.94 ? 59  ILE A CA  1 
ATOM   67   C  C   . ILE A 1 13  ? 3.351   -10.028 9.228   1.00 26.93 ? 59  ILE A C   1 
ATOM   68   O  O   . ILE A 1 13  ? 3.383   -9.594  8.064   1.00 26.44 ? 59  ILE A O   1 
ATOM   69   C  CB  . ILE A 1 13  ? 4.008   -12.464 9.466   1.00 26.53 ? 59  ILE A CB  1 
ATOM   70   C  CG1 . ILE A 1 13  ? 4.795   -12.439 10.789  1.00 26.31 ? 59  ILE A CG1 1 
ATOM   71   C  CG2 . ILE A 1 13  ? 4.883   -12.306 8.178   1.00 26.50 ? 59  ILE A CG2 1 
ATOM   72   C  CD1 . ILE A 1 13  ? 5.948   -13.444 10.874  1.00 27.45 ? 59  ILE A CD1 1 
ATOM   73   N  N   . SER A 1 14  ? 3.679   -9.291  10.289  1.00 26.91 ? 60  SER A N   1 
ATOM   74   C  CA  . SER A 1 14  ? 4.329   -7.983  10.104  1.00 26.74 ? 60  SER A CA  1 
ATOM   75   C  C   . SER A 1 14  ? 5.803   -8.190  9.747   1.00 26.25 ? 60  SER A C   1 
ATOM   76   O  O   . SER A 1 14  ? 6.460   -9.118  10.239  1.00 26.50 ? 60  SER A O   1 
ATOM   77   C  CB  . SER A 1 14  ? 4.191   -7.107  11.363  1.00 26.34 ? 60  SER A CB  1 
ATOM   78   O  OG  . SER A 1 14  ? 5.001   -7.601  12.415  1.00 27.89 ? 60  SER A OG  1 
ATOM   79   N  N   . PRO A 1 15  ? 6.351   -7.314  8.884   1.00 26.31 ? 61  PRO A N   1 
ATOM   80   C  CA  . PRO A 1 15  ? 7.791   -7.376  8.661   1.00 26.11 ? 61  PRO A CA  1 
ATOM   81   C  C   . PRO A 1 15  ? 8.632   -7.317  9.959   1.00 26.93 ? 61  PRO A C   1 
ATOM   82   O  O   . PRO A 1 15  ? 9.609   -8.052  10.100  1.00 26.83 ? 61  PRO A O   1 
ATOM   83   C  CB  . PRO A 1 15  ? 8.050   -6.164  7.750   1.00 25.55 ? 61  PRO A CB  1 
ATOM   84   C  CG  . PRO A 1 15  ? 6.768   -5.992  6.993   1.00 26.55 ? 61  PRO A CG  1 
ATOM   85   C  CD  . PRO A 1 15  ? 5.690   -6.310  8.038   1.00 25.38 ? 61  PRO A CD  1 
ATOM   86   N  N   . ASP A 1 16  ? 8.243   -6.463  10.907  1.00 27.75 ? 62  ASP A N   1 
ATOM   87   C  CA  . ASP A 1 16  ? 8.925   -6.401  12.202  1.00 28.78 ? 62  ASP A CA  1 
ATOM   88   C  C   . ASP A 1 16  ? 9.043   -7.781  12.858  1.00 28.86 ? 62  ASP A C   1 
ATOM   89   O  O   . ASP A 1 16  ? 10.137  -8.176  13.255  1.00 28.55 ? 62  ASP A O   1 
ATOM   90   C  CB  . ASP A 1 16  ? 8.193   -5.450  13.169  1.00 29.07 ? 62  ASP A CB  1 
ATOM   91   C  CG  . ASP A 1 16  ? 8.623   -3.986  13.032  1.00 31.48 ? 62  ASP A CG  1 
ATOM   92   O  OD1 . ASP A 1 16  ? 9.657   -3.697  12.393  1.00 30.32 ? 62  ASP A OD1 1 
ATOM   93   O  OD2 . ASP A 1 16  ? 7.884   -3.112  13.564  1.00 34.31 ? 62  ASP A OD2 1 
ATOM   94   N  N   . ASN A 1 17  ? 7.919   -8.503  12.975  1.00 29.04 ? 63  ASN A N   1 
ATOM   95   C  CA  . ASN A 1 17  ? 7.901   -9.819  13.664  1.00 29.00 ? 63  ASN A CA  1 
ATOM   96   C  C   . ASN A 1 17  ? 8.698   -10.865 12.928  1.00 28.36 ? 63  ASN A C   1 
ATOM   97   O  O   . ASN A 1 17  ? 9.437   -11.632 13.526  1.00 28.21 ? 63  ASN A O   1 
ATOM   98   C  CB  . ASN A 1 17  ? 6.458   -10.293 13.894  1.00 30.26 ? 63  ASN A CB  1 
ATOM   99   C  CG  . ASN A 1 17  ? 5.752   -9.504  15.000  1.00 32.75 ? 63  ASN A CG  1 
ATOM   100  O  OD1 . ASN A 1 17  ? 6.402   -8.925  15.879  1.00 38.20 ? 63  ASN A OD1 1 
ATOM   101  N  ND2 . ASN A 1 17  ? 4.421   -9.469  14.952  1.00 35.12 ? 63  ASN A ND2 1 
ATOM   102  N  N   . TYR A 1 18  ? 8.560   -10.871 11.605  1.00 27.60 ? 64  TYR A N   1 
ATOM   103  C  CA  . TYR A 1 18  ? 9.329   -11.769 10.750  1.00 27.23 ? 64  TYR A CA  1 
ATOM   104  C  C   . TYR A 1 18  ? 10.825  -11.527 10.898  1.00 27.23 ? 64  TYR A C   1 
ATOM   105  O  O   . TYR A 1 18  ? 11.608  -12.461 11.156  1.00 27.69 ? 64  TYR A O   1 
ATOM   106  C  CB  . TYR A 1 18  ? 8.861   -11.578 9.303   1.00 26.68 ? 64  TYR A CB  1 
ATOM   107  C  CG  . TYR A 1 18  ? 9.504   -12.471 8.268   1.00 26.68 ? 64  TYR A CG  1 
ATOM   108  C  CD1 . TYR A 1 18  ? 8.879   -13.641 7.834   1.00 25.92 ? 64  TYR A CD1 1 
ATOM   109  C  CD2 . TYR A 1 18  ? 10.715  -12.121 7.676   1.00 26.30 ? 64  TYR A CD2 1 
ATOM   110  C  CE1 . TYR A 1 18  ? 9.463   -14.450 6.854   1.00 26.40 ? 64  TYR A CE1 1 
ATOM   111  C  CE2 . TYR A 1 18  ? 11.314  -12.932 6.697   1.00 25.07 ? 64  TYR A CE2 1 
ATOM   112  C  CZ  . TYR A 1 18  ? 10.667  -14.078 6.279   1.00 26.02 ? 64  TYR A CZ  1 
ATOM   113  O  OH  . TYR A 1 18  ? 11.250  -14.846 5.309   1.00 26.64 ? 64  TYR A OH  1 
ATOM   114  N  N   . MET A 1 19  ? 11.247  -10.274 10.712  1.00 26.69 ? 65  MET A N   1 
ATOM   115  C  CA  . MET A 1 19  ? 12.659  -9.966  10.784  1.00 27.26 ? 65  MET A CA  1 
ATOM   116  C  C   . MET A 1 19  ? 13.250  -10.160 12.192  1.00 27.67 ? 65  MET A C   1 
ATOM   117  O  O   . MET A 1 19  ? 14.374  -10.635 12.310  1.00 27.41 ? 65  MET A O   1 
ATOM   118  C  CB  . MET A 1 19  ? 12.965  -8.581  10.218  1.00 27.10 ? 65  MET A CB  1 
ATOM   119  C  CG  . MET A 1 19  ? 12.593  -8.438  8.723   1.00 26.17 ? 65  MET A CG  1 
ATOM   120  S  SD  . MET A 1 19  ? 13.613  -9.385  7.585   1.00 28.10 ? 65  MET A SD  1 
ATOM   121  C  CE  . MET A 1 19  ? 12.502  -9.327  6.161   1.00 27.85 ? 65  MET A CE  1 
ATOM   122  N  N   . ASP A 1 20  ? 12.475  -9.831  13.229  1.00 29.22 ? 66  ASP A N   1 
ATOM   123  C  CA  . ASP A 1 20  ? 12.891  -10.116 14.620  1.00 29.88 ? 66  ASP A CA  1 
ATOM   124  C  C   . ASP A 1 20  ? 13.118  -11.607 14.898  1.00 30.19 ? 66  ASP A C   1 
ATOM   125  O  O   . ASP A 1 20  ? 14.072  -11.962 15.585  1.00 30.24 ? 66  ASP A O   1 
ATOM   126  C  CB  . ASP A 1 20  ? 11.874  -9.602  15.625  1.00 30.07 ? 66  ASP A CB  1 
ATOM   127  C  CG  . ASP A 1 20  ? 11.858  -8.093  15.761  1.00 32.45 ? 66  ASP A CG  1 
ATOM   128  O  OD1 . ASP A 1 20  ? 12.730  -7.372  15.208  1.00 34.22 ? 66  ASP A OD1 1 
ATOM   129  O  OD2 . ASP A 1 20  ? 10.933  -7.627  16.440  1.00 34.14 ? 66  ASP A OD2 1 
ATOM   130  N  N   . MET A 1 21  ? 12.240  -12.486 14.393  1.00 30.38 ? 67  MET A N   1 
ATOM   131  C  CA  . MET A 1 21  ? 12.457  -13.932 14.550  1.00 31.08 ? 67  MET A CA  1 
ATOM   132  C  C   . MET A 1 21  ? 13.795  -14.379 13.996  1.00 30.27 ? 67  MET A C   1 
ATOM   133  O  O   . MET A 1 21  ? 14.457  -15.250 14.544  1.00 29.41 ? 67  MET A O   1 
ATOM   134  C  CB  . MET A 1 21  ? 11.310  -14.733 13.907  1.00 30.21 ? 67  MET A CB  1 
ATOM   135  C  CG  . MET A 1 21  ? 10.082  -14.764 14.777  1.00 32.60 ? 67  MET A CG  1 
ATOM   136  S  SD  . MET A 1 21  ? 8.825   -15.917 14.185  1.00 34.86 ? 67  MET A SD  1 
ATOM   137  C  CE  . MET A 1 21  ? 7.958   -14.870 13.051  1.00 35.68 ? 67  MET A CE  1 
ATOM   138  N  N   . LEU A 1 22  ? 14.195  -13.770 12.881  1.00 30.55 ? 68  LEU A N   1 
ATOM   139  C  CA  . LEU A 1 22  ? 15.464  -14.082 12.249  1.00 30.44 ? 68  LEU A CA  1 
ATOM   140  C  C   . LEU A 1 22  ? 16.674  -13.422 12.947  1.00 31.05 ? 68  LEU A C   1 
ATOM   141  O  O   . LEU A 1 22  ? 17.812  -13.639 12.540  1.00 31.50 ? 68  LEU A O   1 
ATOM   142  C  CB  . LEU A 1 22  ? 15.429  -13.693 10.759  1.00 30.37 ? 68  LEU A CB  1 
ATOM   143  C  CG  . LEU A 1 22  ? 14.507  -14.525 9.864   1.00 29.26 ? 68  LEU A CG  1 
ATOM   144  C  CD1 . LEU A 1 22  ? 14.381  -13.902 8.470   1.00 26.83 ? 68  LEU A CD1 1 
ATOM   145  C  CD2 . LEU A 1 22  ? 15.028  -15.952 9.744   1.00 29.14 ? 68  LEU A CD2 1 
ATOM   146  N  N   . GLY A 1 23  ? 16.404  -12.640 13.988  1.00 31.37 ? 69  GLY A N   1 
ATOM   147  C  CA  . GLY A 1 23  ? 17.451  -12.085 14.855  1.00 32.04 ? 69  GLY A CA  1 
ATOM   148  C  C   . GLY A 1 23  ? 18.293  -11.023 14.180  1.00 32.27 ? 69  GLY A C   1 
ATOM   149  O  O   . GLY A 1 23  ? 19.474  -10.858 14.500  1.00 33.21 ? 69  GLY A O   1 
ATOM   150  N  N   . LEU A 1 24  ? 17.686  -10.289 13.254  1.00 31.21 ? 70  LEU A N   1 
ATOM   151  C  CA  . LEU A 1 24  ? 18.463  -9.423  12.355  1.00 31.65 ? 70  LEU A CA  1 
ATOM   152  C  C   . LEU A 1 24  ? 18.631  -7.991  12.840  1.00 31.26 ? 70  LEU A C   1 
ATOM   153  O  O   . LEU A 1 24  ? 17.670  -7.328  13.193  1.00 32.15 ? 70  LEU A O   1 
ATOM   154  C  CB  . LEU A 1 24  ? 17.854  -9.433  10.949  1.00 30.96 ? 70  LEU A CB  1 
ATOM   155  C  CG  . LEU A 1 24  ? 17.746  -10.825 10.311  1.00 30.19 ? 70  LEU A CG  1 
ATOM   156  C  CD1 . LEU A 1 24  ? 16.915  -10.751 9.024   1.00 30.42 ? 70  LEU A CD1 1 
ATOM   157  C  CD2 . LEU A 1 24  ? 19.111  -11.445 10.062  1.00 30.14 ? 70  LEU A CD2 1 
ATOM   158  N  N   . GLU A 1 25  ? 19.874  -7.524  12.834  1.00 32.73 ? 71  GLU A N   1 
ATOM   159  C  CA  . GLU A 1 25  ? 20.179  -6.117  13.067  1.00 33.19 ? 71  GLU A CA  1 
ATOM   160  C  C   . GLU A 1 25  ? 19.653  -5.288  11.895  1.00 33.84 ? 71  GLU A C   1 
ATOM   161  O  O   . GLU A 1 25  ? 19.421  -5.840  10.816  1.00 33.60 ? 71  GLU A O   1 
ATOM   162  C  CB  . GLU A 1 25  ? 21.696  -5.935  13.203  1.00 33.02 ? 71  GLU A CB  1 
ATOM   163  C  CG  . GLU A 1 25  ? 22.299  -6.673  14.401  1.00 35.07 ? 71  GLU A CG  1 
ATOM   164  C  CD  . GLU A 1 25  ? 21.887  -6.080  15.750  0.50 34.78 ? 71  GLU A CD  1 
ATOM   165  O  OE1 . GLU A 1 25  ? 21.356  -4.954  15.789  0.50 36.36 ? 71  GLU A OE1 1 
ATOM   166  O  OE2 . GLU A 1 25  ? 22.100  -6.748  16.781  0.50 36.33 ? 71  GLU A OE2 1 
ATOM   167  N  N   . ALA A 1 26  ? 19.504  -3.973  12.084  1.00 34.16 ? 72  ALA A N   1 
ATOM   168  C  CA  . ALA A 1 26  ? 19.035  -3.078  11.008  1.00 34.35 ? 72  ALA A CA  1 
ATOM   169  C  C   . ALA A 1 26  ? 19.669  -3.345  9.645   1.00 34.63 ? 72  ALA A C   1 
ATOM   170  O  O   . ALA A 1 26  ? 18.947  -3.488  8.660   1.00 34.32 ? 72  ALA A O   1 
ATOM   171  C  CB  . ALA A 1 26  ? 19.191  -1.606  11.395  1.00 35.00 ? 72  ALA A CB  1 
ATOM   172  N  N   . ARG A 1 27  ? 21.002  -3.435  9.595   1.00 34.61 ? 73  ARG A N   1 
ATOM   173  C  CA  . ARG A 1 27  ? 21.747  -3.578  8.329   1.00 34.80 ? 73  ARG A CA  1 
ATOM   174  C  C   . ARG A 1 27  ? 21.508  -4.904  7.609   1.00 34.78 ? 73  ARG A C   1 
ATOM   175  O  O   . ARG A 1 27  ? 21.808  -5.051  6.412   1.00 34.40 ? 73  ARG A O   1 
ATOM   176  C  CB  . ARG A 1 27  ? 23.249  -3.412  8.571   1.00 35.36 ? 73  ARG A CB  1 
ATOM   177  C  CG  . ARG A 1 27  ? 23.897  -4.576  9.295   1.00 36.08 ? 73  ARG A CG  1 
ATOM   178  C  CD  . ARG A 1 27  ? 25.368  -4.328  9.514   1.00 36.63 ? 73  ARG A CD  1 
ATOM   179  N  NE  . ARG A 1 27  ? 26.192  -4.543  8.323   1.00 38.22 ? 73  ARG A NE  1 
ATOM   180  C  CZ  . ARG A 1 27  ? 26.781  -3.577  7.618   1.00 39.84 ? 73  ARG A CZ  1 
ATOM   181  N  NH1 . ARG A 1 27  ? 26.633  -2.302  7.962   1.00 39.13 ? 73  ARG A NH1 1 
ATOM   182  N  NH2 . ARG A 1 27  ? 27.531  -3.891  6.568   1.00 39.94 ? 73  ARG A NH2 1 
ATOM   183  N  N   . ASP A 1 28  ? 20.975  -5.873  8.347   1.00 33.52 ? 74  ASP A N   1 
ATOM   184  C  CA  . ASP A 1 28  ? 20.804  -7.218  7.825   1.00 33.51 ? 74  ASP A CA  1 
ATOM   185  C  C   . ASP A 1 28  ? 19.352  -7.572  7.530   1.00 32.18 ? 74  ASP A C   1 
ATOM   186  O  O   . ASP A 1 28  ? 19.084  -8.659  7.053   1.00 32.38 ? 74  ASP A O   1 
ATOM   187  C  CB  . ASP A 1 28  ? 21.406  -8.241  8.792   1.00 33.24 ? 74  ASP A CB  1 
ATOM   188  C  CG  . ASP A 1 28  ? 22.926  -8.198  8.824   1.00 35.76 ? 74  ASP A CG  1 
ATOM   189  O  OD1 . ASP A 1 28  ? 23.553  -7.989  7.767   1.00 37.57 ? 74  ASP A OD1 1 
ATOM   190  O  OD2 . ASP A 1 28  ? 23.506  -8.391  9.917   1.00 37.28 ? 74  ASP A OD2 1 
ATOM   191  N  N   . ARG A 1 29  ? 18.420  -6.667  7.805   1.00 31.71 ? 75  ARG A N   1 
ATOM   192  C  CA  . ARG A 1 29  ? 17.014  -6.949  7.532   1.00 30.74 ? 75  ARG A CA  1 
ATOM   193  C  C   . ARG A 1 29  ? 16.479  -6.059  6.413   1.00 30.04 ? 75  ARG A C   1 
ATOM   194  O  O   . ARG A 1 29  ? 17.054  -5.002  6.115   1.00 30.40 ? 75  ARG A O   1 
ATOM   195  C  CB  . ARG A 1 29  ? 16.148  -6.831  8.804   1.00 30.56 ? 75  ARG A CB  1 
ATOM   196  C  CG  . ARG A 1 29  ? 15.932  -5.407  9.354   1.00 31.44 ? 75  ARG A CG  1 
ATOM   197  C  CD  . ARG A 1 29  ? 14.917  -5.378  10.503  1.00 31.74 ? 75  ARG A CD  1 
ATOM   198  N  NE  . ARG A 1 29  ? 15.322  -6.176  11.664  1.00 32.93 ? 75  ARG A NE  1 
ATOM   199  C  CZ  . ARG A 1 29  ? 14.503  -6.539  12.655  1.00 31.46 ? 75  ARG A CZ  1 
ATOM   200  N  NH1 . ARG A 1 29  ? 14.967  -7.259  13.672  1.00 33.03 ? 75  ARG A NH1 1 
ATOM   201  N  NH2 . ARG A 1 29  ? 13.228  -6.166  12.642  1.00 33.05 ? 75  ARG A NH2 1 
ATOM   202  N  N   . THR A 1 30  ? 15.377  -6.493  5.805   1.00 28.18 ? 76  THR A N   1 
ATOM   203  C  CA  . THR A 1 30  ? 14.675  -5.687  4.827   1.00 27.73 ? 76  THR A CA  1 
ATOM   204  C  C   . THR A 1 30  ? 13.599  -4.882  5.527   1.00 28.66 ? 76  THR A C   1 
ATOM   205  O  O   . THR A 1 30  ? 12.877  -5.414  6.389   1.00 28.54 ? 76  THR A O   1 
ATOM   206  C  CB  . THR A 1 30  ? 14.028  -6.572  3.711   1.00 27.20 ? 76  THR A CB  1 
ATOM   207  O  OG1 . THR A 1 30  ? 15.061  -7.301  3.028   1.00 26.26 ? 76  THR A OG1 1 
ATOM   208  C  CG2 . THR A 1 30  ? 13.282  -5.710  2.704   1.00 27.02 ? 76  THR A CG2 1 
ATOM   209  N  N   . MET A 1 31  ? 13.496  -3.606  5.164   1.00 28.24 ? 77  MET A N   1 
ATOM   210  C  CA  . MET A 1 31  ? 12.441  -2.733  5.663   1.00 29.48 ? 77  MET A CA  1 
ATOM   211  C  C   . MET A 1 31  ? 11.598  -2.244  4.510   1.00 28.65 ? 77  MET A C   1 
ATOM   212  O  O   . MET A 1 31  ? 12.067  -2.197  3.376   1.00 29.94 ? 77  MET A O   1 
ATOM   213  C  CB  . MET A 1 31  ? 13.038  -1.552  6.423   1.00 28.95 ? 77  MET A CB  1 
ATOM   214  C  CG  . MET A 1 31  ? 13.836  -2.007  7.611   1.00 30.58 ? 77  MET A CG  1 
ATOM   215  S  SD  . MET A 1 31  ? 14.623  -0.589  8.349   1.00 34.08 ? 77  MET A SD  1 
ATOM   216  C  CE  . MET A 1 31  ? 15.941  -1.438  9.210   1.00 31.26 ? 77  MET A CE  1 
ATOM   217  N  N   . TYR A 1 32  ? 10.366  -1.857  4.810   1.00 27.86 ? 78  TYR A N   1 
ATOM   218  C  CA  . TYR A 1 32  ? 9.325   -1.648  3.820   1.00 27.32 ? 78  TYR A CA  1 
ATOM   219  C  C   . TYR A 1 32  ? 8.658   -0.300  4.009   1.00 27.60 ? 78  TYR A C   1 
ATOM   220  O  O   . TYR A 1 32  ? 8.377   0.119   5.145   1.00 27.12 ? 78  TYR A O   1 
ATOM   221  C  CB  . TYR A 1 32  ? 8.276   -2.777  3.924   1.00 26.65 ? 78  TYR A CB  1 
ATOM   222  C  CG  . TYR A 1 32  ? 8.874   -4.152  3.691   1.00 26.89 ? 78  TYR A CG  1 
ATOM   223  C  CD1 . TYR A 1 32  ? 9.433   -4.875  4.746   1.00 28.45 ? 78  TYR A CD1 1 
ATOM   224  C  CD2 . TYR A 1 32  ? 8.934   -4.704  2.405   1.00 27.05 ? 78  TYR A CD2 1 
ATOM   225  C  CE1 . TYR A 1 32  ? 9.999   -6.117  4.536   1.00 26.70 ? 78  TYR A CE1 1 
ATOM   226  C  CE2 . TYR A 1 32  ? 9.500   -5.939  2.182   1.00 26.19 ? 78  TYR A CE2 1 
ATOM   227  C  CZ  . TYR A 1 32  ? 10.020  -6.643  3.253   1.00 27.73 ? 78  TYR A CZ  1 
ATOM   228  O  OH  . TYR A 1 32  ? 10.602  -7.860  3.056   1.00 26.74 ? 78  TYR A OH  1 
ATOM   229  N  N   . GLU A 1 33  ? 8.385   0.367   2.897   1.00 27.58 ? 79  GLU A N   1 
ATOM   230  C  CA  . GLU A 1 33  ? 7.869   1.731   2.908   1.00 28.88 ? 79  GLU A CA  1 
ATOM   231  C  C   . GLU A 1 33  ? 6.954   1.986   1.719   1.00 28.36 ? 79  GLU A C   1 
ATOM   232  O  O   . GLU A 1 33  ? 7.133   1.383   0.642   1.00 28.31 ? 79  GLU A O   1 
ATOM   233  C  CB  . GLU A 1 33  ? 9.088   2.676   2.917   1.00 30.38 ? 79  GLU A CB  1 
ATOM   234  C  CG  . GLU A 1 33  ? 8.836   4.142   2.956   1.00 34.80 ? 79  GLU A CG  1 
ATOM   235  C  CD  . GLU A 1 33  ? 10.146  4.864   3.196   1.00 38.09 ? 79  GLU A CD  1 
ATOM   236  O  OE1 . GLU A 1 33  ? 10.833  5.194   2.203   1.00 42.50 ? 79  GLU A OE1 1 
ATOM   237  O  OE2 . GLU A 1 33  ? 10.522  5.038   4.370   1.00 41.39 ? 79  GLU A OE2 1 
ATOM   238  N  N   . LEU A 1 34  ? 5.931   2.814   1.922   1.00 27.09 ? 80  LEU A N   1 
ATOM   239  C  CA  . LEU A 1 34  ? 5.112   3.327   0.819   1.00 27.29 ? 80  LEU A CA  1 
ATOM   240  C  C   . LEU A 1 34  ? 5.448   4.799   0.623   1.00 28.11 ? 80  LEU A C   1 
ATOM   241  O  O   . LEU A 1 34  ? 5.140   5.632   1.475   1.00 27.69 ? 80  LEU A O   1 
ATOM   242  C  CB  . LEU A 1 34  ? 3.602   3.127   1.078   1.00 27.78 ? 80  LEU A CB  1 
ATOM   243  C  CG  . LEU A 1 34  ? 2.655   3.334   -0.123  1.00 27.68 ? 80  LEU A CG  1 
ATOM   244  C  CD1 . LEU A 1 34  ? 2.890   2.275   -1.221  1.00 30.01 ? 80  LEU A CD1 1 
ATOM   245  C  CD2 . LEU A 1 34  ? 1.170   3.319   0.309   1.00 27.99 ? 80  LEU A CD2 1 
ATOM   246  N  N   . VAL A 1 35  ? 6.117   5.117   -0.481  1.00 26.94 ? 81  VAL A N   1 
ATOM   247  C  CA  . VAL A 1 35  ? 6.562   6.498   -0.718  1.00 27.40 ? 81  VAL A CA  1 
ATOM   248  C  C   . VAL A 1 35  ? 5.498   7.208   -1.541  1.00 27.57 ? 81  VAL A C   1 
ATOM   249  O  O   . VAL A 1 35  ? 5.127   6.735   -2.615  1.00 28.32 ? 81  VAL A O   1 
ATOM   250  C  CB  . VAL A 1 35  ? 7.944   6.521   -1.431  1.00 26.90 ? 81  VAL A CB  1 
ATOM   251  C  CG1 . VAL A 1 35  ? 8.466   7.963   -1.572  1.00 27.85 ? 81  VAL A CG1 1 
ATOM   252  C  CG2 . VAL A 1 35  ? 8.924   5.688   -0.644  1.00 27.99 ? 81  VAL A CG2 1 
ATOM   253  N  N   . ILE A 1 36  ? 4.985   8.331   -1.027  1.00 27.96 ? 82  ILE A N   1 
ATOM   254  C  CA  . ILE A 1 36  ? 3.892   9.053   -1.686  1.00 28.52 ? 82  ILE A CA  1 
ATOM   255  C  C   . ILE A 1 36  ? 4.401   10.320  -2.358  1.00 29.48 ? 82  ILE A C   1 
ATOM   256  O  O   . ILE A 1 36  ? 4.955   11.195  -1.695  1.00 29.64 ? 82  ILE A O   1 
ATOM   257  C  CB  . ILE A 1 36  ? 2.775   9.485   -0.681  1.00 28.41 ? 82  ILE A CB  1 
ATOM   258  C  CG1 . ILE A 1 36  ? 2.407   8.344   0.278   1.00 29.42 ? 82  ILE A CG1 1 
ATOM   259  C  CG2 . ILE A 1 36  ? 1.568   10.002  -1.437  1.00 29.49 ? 82  ILE A CG2 1 
ATOM   260  C  CD1 . ILE A 1 36  ? 1.954   7.070   -0.418  1.00 29.50 ? 82  ILE A CD1 1 
ATOM   261  N  N   . TYR A 1 37  ? 4.196   10.406  -3.670  1.00 29.94 ? 83  TYR A N   1 
ATOM   262  C  CA  . TYR A 1 37  ? 4.522   11.602  -4.423  1.00 30.74 ? 83  TYR A CA  1 
ATOM   263  C  C   . TYR A 1 37  ? 3.267   12.335  -4.790  1.00 31.01 ? 83  TYR A C   1 
ATOM   264  O  O   . TYR A 1 37  ? 2.310   11.737  -5.291  1.00 31.10 ? 83  TYR A O   1 
ATOM   265  C  CB  . TYR A 1 37  ? 5.312   11.240  -5.699  1.00 30.52 ? 83  TYR A CB  1 
ATOM   266  C  CG  . TYR A 1 37  ? 6.763   10.991  -5.431  1.00 30.65 ? 83  TYR A CG  1 
ATOM   267  C  CD1 . TYR A 1 37  ? 7.221   9.710   -5.129  1.00 30.94 ? 83  TYR A CD1 1 
ATOM   268  C  CD2 . TYR A 1 37  ? 7.682   12.030  -5.455  1.00 31.56 ? 83  TYR A CD2 1 
ATOM   269  C  CE1 . TYR A 1 37  ? 8.556   9.467   -4.863  1.00 32.60 ? 83  TYR A CE1 1 
ATOM   270  C  CE2 . TYR A 1 37  ? 9.031   11.798  -5.202  1.00 33.70 ? 83  TYR A CE2 1 
ATOM   271  C  CZ  . TYR A 1 37  ? 9.457   10.513  -4.904  1.00 33.80 ? 83  TYR A CZ  1 
ATOM   272  O  OH  . TYR A 1 37  ? 10.775  10.247  -4.635  1.00 33.00 ? 83  TYR A OH  1 
ATOM   273  N  N   . ARG A 1 38  ? 3.265   13.643  -4.538  1.00 31.68 ? 84  ARG A N   1 
ATOM   274  C  CA  . ARG A 1 38  ? 2.203   14.491  -5.043  1.00 32.45 ? 84  ARG A CA  1 
ATOM   275  C  C   . ARG A 1 38  ? 2.713   14.936  -6.405  1.00 32.69 ? 84  ARG A C   1 
ATOM   276  O  O   . ARG A 1 38  ? 3.763   15.596  -6.491  1.00 32.33 ? 84  ARG A O   1 
ATOM   277  C  CB  . ARG A 1 38  ? 1.984   15.697  -4.123  1.00 32.26 ? 84  ARG A CB  1 
ATOM   278  C  CG  . ARG A 1 38  ? 0.850   16.613  -4.566  1.00 33.08 ? 84  ARG A CG  1 
ATOM   279  C  CD  . ARG A 1 38  ? 0.488   17.621  -3.454  1.00 33.54 ? 84  ARG A CD  1 
ATOM   280  N  NE  . ARG A 1 38  ? 1.683   18.246  -2.896  1.00 39.10 ? 84  ARG A NE  1 
ATOM   281  C  CZ  . ARG A 1 38  ? 1.750   18.866  -1.716  1.00 42.34 ? 84  ARG A CZ  1 
ATOM   282  N  NH1 . ARG A 1 38  ? 0.673   18.956  -0.937  1.00 41.46 ? 84  ARG A NH1 1 
ATOM   283  N  NH2 . ARG A 1 38  ? 2.903   19.395  -1.315  1.00 41.82 ? 84  ARG A NH2 1 
ATOM   284  N  N   . LYS A 1 39  ? 1.991   14.548  -7.456  1.00 33.26 ? 85  LYS A N   1 
ATOM   285  C  CA  . LYS A 1 39  ? 2.509   14.667  -8.828  1.00 34.60 ? 85  LYS A CA  1 
ATOM   286  C  C   . LYS A 1 39  ? 2.916   16.090  -9.189  1.00 35.39 ? 85  LYS A C   1 
ATOM   287  O  O   . LYS A 1 39  ? 3.954   16.303  -9.804  1.00 34.68 ? 85  LYS A O   1 
ATOM   288  C  CB  . LYS A 1 39  ? 1.501   14.160  -9.844  1.00 34.16 ? 85  LYS A CB  1 
ATOM   289  C  CG  . LYS A 1 39  ? 1.300   12.647  -9.864  1.00 35.06 ? 85  LYS A CG  1 
ATOM   290  C  CD  . LYS A 1 39  ? 0.385   12.323  -11.000 1.00 35.12 ? 85  LYS A CD  1 
ATOM   291  C  CE  . LYS A 1 39  ? -0.035  10.880  -11.062 1.00 37.96 ? 85  LYS A CE  1 
ATOM   292  N  NZ  . LYS A 1 39  ? -1.033  10.806  -12.180 1.00 38.96 ? 85  LYS A NZ  1 
ATOM   293  N  N   . ASN A 1 40  ? 2.089   17.058  -8.803  1.00 36.93 ? 86  ASN A N   1 
ATOM   294  C  CA  . ASN A 1 40  ? 2.318   18.448  -9.193  1.00 38.79 ? 86  ASN A CA  1 
ATOM   295  C  C   . ASN A 1 40  ? 3.597   19.060  -8.658  1.00 39.57 ? 86  ASN A C   1 
ATOM   296  O  O   . ASN A 1 40  ? 4.133   19.997  -9.249  1.00 40.31 ? 86  ASN A O   1 
ATOM   297  C  CB  . ASN A 1 40  ? 1.090   19.315  -8.874  1.00 39.47 ? 86  ASN A CB  1 
ATOM   298  C  CG  . ASN A 1 40  ? -0.031  19.092  -9.856  1.00 41.76 ? 86  ASN A CG  1 
ATOM   299  O  OD1 . ASN A 1 40  ? 0.185   18.566  -10.955 1.00 44.42 ? 86  ASN A OD1 1 
ATOM   300  N  ND2 . ASN A 1 40  ? -1.246  19.456  -9.463  1.00 43.02 ? 86  ASN A ND2 1 
ATOM   301  N  N   . ASP A 1 41  ? 4.121   18.520  -7.564  1.00 39.65 ? 87  ASP A N   1 
ATOM   302  C  CA  . ASP A 1 41  ? 5.411   18.986  -7.081  1.00 40.72 ? 87  ASP A CA  1 
ATOM   303  C  C   . ASP A 1 41  ? 6.375   17.864  -6.761  1.00 39.81 ? 87  ASP A C   1 
ATOM   304  O  O   . ASP A 1 41  ? 7.141   17.952  -5.814  1.00 39.75 ? 87  ASP A O   1 
ATOM   305  C  CB  . ASP A 1 41  ? 5.225   19.897  -5.870  1.00 41.73 ? 87  ASP A CB  1 
ATOM   306  C  CG  . ASP A 1 41  ? 4.107   19.437  -4.980  1.00 45.31 ? 87  ASP A CG  1 
ATOM   307  O  OD1 . ASP A 1 41  ? 4.248   18.341  -4.375  1.00 47.70 ? 87  ASP A OD1 1 
ATOM   308  O  OD2 . ASP A 1 41  ? 3.082   20.166  -4.908  1.00 49.94 ? 87  ASP A OD2 1 
ATOM   309  N  N   . LYS A 1 42  ? 6.385   16.818  -7.580  1.00 39.76 ? 88  LYS A N   1 
ATOM   310  C  CA  . LYS A 1 42  ? 7.275   15.703  -7.284  1.00 39.25 ? 88  LYS A CA  1 
ATOM   311  C  C   . LYS A 1 42  ? 8.753   16.038  -7.451  1.00 39.50 ? 88  LYS A C   1 
ATOM   312  O  O   . LYS A 1 42  ? 9.608   15.341  -6.908  1.00 38.54 ? 88  LYS A O   1 
ATOM   313  C  CB  . LYS A 1 42  ? 6.878   14.451  -8.054  1.00 39.56 ? 88  LYS A CB  1 
ATOM   314  C  CG  . LYS A 1 42  ? 6.990   14.569  -9.536  1.00 38.25 ? 88  LYS A CG  1 
ATOM   315  C  CD  . LYS A 1 42  ? 6.467   13.292  -10.122 1.00 37.50 ? 88  LYS A CD  1 
ATOM   316  C  CE  . LYS A 1 42  ? 6.876   13.162  -11.551 1.00 34.96 ? 88  LYS A CE  1 
ATOM   317  N  NZ  . LYS A 1 42  ? 6.193   11.951  -12.091 1.00 31.74 ? 88  LYS A NZ  1 
ATOM   318  N  N   . ASP A 1 43  ? 9.042   17.126  -8.169  1.00 40.62 ? 89  ASP A N   1 
ATOM   319  C  CA  . ASP A 1 43  ? 10.409  17.656  -8.257  1.00 42.34 ? 89  ASP A CA  1 
ATOM   320  C  C   . ASP A 1 43  ? 10.948  18.087  -6.893  1.00 42.65 ? 89  ASP A C   1 
ATOM   321  O  O   . ASP A 1 43  ? 12.163  18.069  -6.665  1.00 43.02 ? 89  ASP A O   1 
ATOM   322  C  CB  . ASP A 1 43  ? 10.508  18.803  -9.280  1.00 42.63 ? 89  ASP A CB  1 
ATOM   323  C  CG  . ASP A 1 43  ? 9.582   19.966  -8.964  1.00 45.34 ? 89  ASP A CG  1 
ATOM   324  O  OD1 . ASP A 1 43  ? 10.087  21.106  -8.849  1.00 48.32 ? 89  ASP A OD1 1 
ATOM   325  O  OD2 . ASP A 1 43  ? 8.352   19.751  -8.831  1.00 47.79 ? 89  ASP A OD2 1 
ATOM   326  N  N   . LYS A 1 44  ? 10.035  18.440  -5.985  1.00 42.65 ? 90  LYS A N   1 
ATOM   327  C  CA  . LYS A 1 44  ? 10.389  18.816  -4.619  1.00 43.16 ? 90  LYS A CA  1 
ATOM   328  C  C   . LYS A 1 44  ? 10.729  17.586  -3.786  1.00 42.42 ? 90  LYS A C   1 
ATOM   329  O  O   . LYS A 1 44  ? 11.251  17.709  -2.679  1.00 43.05 ? 90  LYS A O   1 
ATOM   330  C  CB  . LYS A 1 44  ? 9.244   19.593  -3.954  1.00 43.79 ? 90  LYS A CB  1 
ATOM   331  C  CG  . LYS A 1 44  ? 8.579   20.651  -4.832  1.00 45.43 ? 90  LYS A CG  1 
ATOM   332  C  CD  . LYS A 1 44  ? 9.277   22.017  -4.760  1.00 48.25 ? 90  LYS A CD  1 
ATOM   333  C  CE  . LYS A 1 44  ? 8.468   23.093  -5.517  1.00 48.28 ? 90  LYS A CE  1 
ATOM   334  N  NZ  . LYS A 1 44  ? 7.107   23.369  -4.926  1.00 50.57 ? 90  LYS A NZ  1 
ATOM   335  N  N   . GLY A 1 45  ? 10.420  16.400  -4.314  1.00 41.31 ? 91  GLY A N   1 
ATOM   336  C  CA  . GLY A 1 45  ? 10.697  15.150  -3.608  1.00 39.38 ? 91  GLY A CA  1 
ATOM   337  C  C   . GLY A 1 45  ? 9.425   14.527  -3.052  1.00 37.77 ? 91  GLY A C   1 
ATOM   338  O  O   . GLY A 1 45  ? 8.324   15.022  -3.327  1.00 37.79 ? 91  GLY A O   1 
ATOM   339  N  N   . PRO A 1 46  ? 9.564   13.439  -2.272  1.00 37.25 ? 92  PRO A N   1 
ATOM   340  C  CA  . PRO A 1 46  ? 8.372   12.738  -1.795  1.00 36.93 ? 92  PRO A CA  1 
ATOM   341  C  C   . PRO A 1 46  ? 7.607   13.633  -0.839  1.00 36.82 ? 92  PRO A C   1 
ATOM   342  O  O   . PRO A 1 46  ? 8.211   14.402  -0.081  1.00 37.38 ? 92  PRO A O   1 
ATOM   343  C  CB  . PRO A 1 46  ? 8.941   11.534  -1.030  1.00 36.77 ? 92  PRO A CB  1 
ATOM   344  C  CG  . PRO A 1 46  ? 10.343  11.410  -1.453  1.00 37.72 ? 92  PRO A CG  1 
ATOM   345  C  CD  . PRO A 1 46  ? 10.796  12.806  -1.775  1.00 37.13 ? 92  PRO A CD  1 
ATOM   346  N  N   . TRP A 1 47  ? 6.289   13.538  -0.890  1.00 35.96 ? 93  TRP A N   1 
ATOM   347  C  CA  . TRP A 1 47  ? 5.447   14.278  0.016   1.00 35.35 ? 93  TRP A CA  1 
ATOM   348  C  C   . TRP A 1 47  ? 5.468   13.620  1.398   1.00 34.84 ? 93  TRP A C   1 
ATOM   349  O  O   . TRP A 1 47  ? 5.632   14.297  2.425   1.00 34.72 ? 93  TRP A O   1 
ATOM   350  C  CB  . TRP A 1 47  ? 4.045   14.335  -0.562  1.00 36.03 ? 93  TRP A CB  1 
ATOM   351  C  CG  . TRP A 1 47  ? 3.088   15.152  0.219   1.00 37.46 ? 93  TRP A CG  1 
ATOM   352  C  CD1 . TRP A 1 47  ? 3.289   16.413  0.734   1.00 39.10 ? 93  TRP A CD1 1 
ATOM   353  C  CD2 . TRP A 1 47  ? 1.759   14.779  0.571   1.00 37.94 ? 93  TRP A CD2 1 
ATOM   354  N  NE1 . TRP A 1 47  ? 2.154   16.840  1.388   1.00 38.57 ? 93  TRP A NE1 1 
ATOM   355  C  CE2 . TRP A 1 47  ? 1.199   15.860  1.298   1.00 38.45 ? 93  TRP A CE2 1 
ATOM   356  C  CE3 . TRP A 1 47  ? 0.981   13.636  0.346   1.00 37.83 ? 93  TRP A CE3 1 
ATOM   357  C  CZ2 . TRP A 1 47  ? -0.099  15.826  1.798   1.00 37.85 ? 93  TRP A CZ2 1 
ATOM   358  C  CZ3 . TRP A 1 47  ? -0.313  13.603  0.845   1.00 38.47 ? 93  TRP A CZ3 1 
ATOM   359  C  CH2 . TRP A 1 47  ? -0.839  14.694  1.563   1.00 37.37 ? 93  TRP A CH2 1 
ATOM   360  N  N   . LYS A 1 48  ? 5.333   12.296  1.412   1.00 33.21 ? 94  LYS A N   1 
ATOM   361  C  CA  . LYS A 1 48  ? 5.332   11.511  2.639   1.00 32.64 ? 94  LYS A CA  1 
ATOM   362  C  C   . LYS A 1 48  ? 5.914   10.144  2.400   1.00 31.44 ? 94  LYS A C   1 
ATOM   363  O  O   . LYS A 1 48  ? 5.912   9.665   1.274   1.00 30.91 ? 94  LYS A O   1 
ATOM   364  C  CB  . LYS A 1 48  ? 3.902   11.262  3.098   1.00 32.64 ? 94  LYS A CB  1 
ATOM   365  C  CG  . LYS A 1 48  ? 3.220   12.441  3.685   1.00 33.98 ? 94  LYS A CG  1 
ATOM   366  C  CD  . LYS A 1 48  ? 1.773   12.113  3.925   1.00 31.57 ? 94  LYS A CD  1 
ATOM   367  C  CE  . LYS A 1 48  ? 1.047   13.360  4.388   1.00 32.81 ? 94  LYS A CE  1 
ATOM   368  N  NZ  . LYS A 1 48  ? -0.400  13.040  4.536   1.00 29.61 ? 94  LYS A NZ  1 
ATOM   369  N  N   . ARG A 1 49  ? 6.382   9.529   3.480   1.00 30.22 ? 95  ARG A N   1 
ATOM   370  C  CA  A ARG A 1 49  ? 6.792   8.131   3.491   0.30 29.97 ? 95  ARG A CA  1 
ATOM   371  C  CA  B ARG A 1 49  ? 6.759   8.124   3.477   0.70 29.96 ? 95  ARG A CA  1 
ATOM   372  C  C   . ARG A 1 49  ? 6.021   7.425   4.603   1.00 29.81 ? 95  ARG A C   1 
ATOM   373  O  O   . ARG A 1 49  ? 6.084   7.858   5.761   1.00 29.73 ? 95  ARG A O   1 
ATOM   374  C  CB  A ARG A 1 49  ? 8.293   8.016   3.768   0.30 29.97 ? 95  ARG A CB  1 
ATOM   375  C  CB  B ARG A 1 49  ? 8.248   7.959   3.706   0.70 30.18 ? 95  ARG A CB  1 
ATOM   376  C  CG  A ARG A 1 49  ? 9.200   8.309   2.578   0.30 29.91 ? 95  ARG A CG  1 
ATOM   377  C  CG  B ARG A 1 49  ? 9.079   8.866   2.862   0.70 31.32 ? 95  ARG A CG  1 
ATOM   378  C  CD  A ARG A 1 49  ? 10.656  8.562   3.008   0.30 30.18 ? 95  ARG A CD  1 
ATOM   379  C  CD  B ARG A 1 49  ? 10.535  8.701   3.188   0.70 33.76 ? 95  ARG A CD  1 
ATOM   380  N  NE  A ARG A 1 49  ? 11.149  7.588   3.980   0.30 29.38 ? 95  ARG A NE  1 
ATOM   381  N  NE  B ARG A 1 49  ? 11.318  9.340   2.139   0.70 34.15 ? 95  ARG A NE  1 
ATOM   382  C  CZ  A ARG A 1 49  ? 11.603  7.886   5.196   0.30 28.81 ? 95  ARG A CZ  1 
ATOM   383  C  CZ  B ARG A 1 49  ? 11.714  8.755   1.011   0.70 33.74 ? 95  ARG A CZ  1 
ATOM   384  N  NH1 A ARG A 1 49  ? 12.006  6.917   6.005   0.30 28.45 ? 95  ARG A NH1 1 
ATOM   385  N  NH1 B ARG A 1 49  ? 11.443  7.481   0.742   0.70 32.02 ? 95  ARG A NH1 1 
ATOM   386  N  NH2 A ARG A 1 49  ? 11.656  9.146   5.607   0.30 29.25 ? 95  ARG A NH2 1 
ATOM   387  N  NH2 B ARG A 1 49  ? 12.420  9.468   0.143   0.70 33.58 ? 95  ARG A NH2 1 
ATOM   388  N  N   . TYR A 1 50  ? 5.300   6.361   4.257   1.00 29.34 ? 96  TYR A N   1 
ATOM   389  C  CA  . TYR A 1 50  ? 4.594   5.561   5.270   1.00 30.10 ? 96  TYR A CA  1 
ATOM   390  C  C   . TYR A 1 50  ? 5.395   4.332   5.593   1.00 29.92 ? 96  TYR A C   1 
ATOM   391  O  O   . TYR A 1 50  ? 5.731   3.550   4.696   1.00 30.41 ? 96  TYR A O   1 
ATOM   392  C  CB  . TYR A 1 50  ? 3.211   5.151   4.805   1.00 30.70 ? 96  TYR A CB  1 
ATOM   393  C  CG  . TYR A 1 50  ? 2.194   6.259   4.815   1.00 32.72 ? 96  TYR A CG  1 
ATOM   394  C  CD1 . TYR A 1 50  ? 2.006   7.063   3.697   1.00 32.88 ? 96  TYR A CD1 1 
ATOM   395  C  CD2 . TYR A 1 50  ? 1.406   6.497   5.946   1.00 33.08 ? 96  TYR A CD2 1 
ATOM   396  C  CE1 . TYR A 1 50  ? 1.055   8.077   3.692   1.00 34.37 ? 96  TYR A CE1 1 
ATOM   397  C  CE2 . TYR A 1 50  ? 0.460   7.504   5.954   1.00 34.24 ? 96  TYR A CE2 1 
ATOM   398  C  CZ  . TYR A 1 50  ? 0.298   8.297   4.839   1.00 33.49 ? 96  TYR A CZ  1 
ATOM   399  O  OH  . TYR A 1 50  ? -0.647  9.295   4.830   1.00 35.64 ? 96  TYR A OH  1 
ATOM   400  N  N   . ASP A 1 51  ? 5.721   4.180   6.870   1.00 29.38 ? 97  ASP A N   1 
ATOM   401  C  CA  . ASP A 1 51  ? 6.405   3.019   7.389   1.00 28.86 ? 97  ASP A CA  1 
ATOM   402  C  C   . ASP A 1 51  ? 5.474   1.805   7.281   1.00 28.88 ? 97  ASP A C   1 
ATOM   403  O  O   . ASP A 1 51  ? 4.312   1.862   7.735   1.00 28.92 ? 97  ASP A O   1 
ATOM   404  C  CB  . ASP A 1 51  ? 6.772   3.275   8.851   1.00 29.73 ? 97  ASP A CB  1 
ATOM   405  C  CG  . ASP A 1 51  ? 7.617   2.172   9.452   1.00 30.27 ? 97  ASP A CG  1 
ATOM   406  O  OD1 . ASP A 1 51  ? 8.750   2.449   9.853   1.00 35.63 ? 97  ASP A OD1 1 
ATOM   407  O  OD2 . ASP A 1 51  ? 7.151   1.028   9.553   1.00 33.82 ? 97  ASP A OD2 1 
ATOM   408  N  N   . LEU A 1 52  ? 5.967   0.723   6.678   1.00 27.20 ? 98  LEU A N   1 
ATOM   409  C  CA  . LEU A 1 52  ? 5.146   -0.491  6.476   1.00 27.19 ? 98  LEU A CA  1 
ATOM   410  C  C   . LEU A 1 52  ? 5.659   -1.705  7.260   1.00 27.17 ? 98  LEU A C   1 
ATOM   411  O  O   . LEU A 1 52  ? 5.400   -2.861  6.884   1.00 27.25 ? 98  LEU A O   1 
ATOM   412  C  CB  . LEU A 1 52  ? 5.054   -0.851  4.974   1.00 27.04 ? 98  LEU A CB  1 
ATOM   413  C  CG  . LEU A 1 52  ? 4.389   0.109   3.979   1.00 27.36 ? 98  LEU A CG  1 
ATOM   414  C  CD1 . LEU A 1 52  ? 4.446   -0.500  2.559   1.00 29.37 ? 98  LEU A CD1 1 
ATOM   415  C  CD2 . LEU A 1 52  ? 2.965   0.452   4.376   1.00 29.59 ? 98  LEU A CD2 1 
ATOM   416  N  N   . ASN A 1 53  ? 6.381   -1.456  8.348   1.00 26.44 ? 99  ASN A N   1 
ATOM   417  C  CA  . ASN A 1 53  ? 7.053   -2.511  9.059   1.00 26.16 ? 99  ASN A CA  1 
ATOM   418  C  C   . ASN A 1 53  ? 6.290   -3.040  10.265  1.00 27.06 ? 99  ASN A C   1 
ATOM   419  O  O   . ASN A 1 53  ? 6.561   -4.144  10.701  1.00 26.58 ? 99  ASN A O   1 
ATOM   420  C  CB  . ASN A 1 53  ? 8.415   -2.034  9.504   1.00 26.67 ? 99  ASN A CB  1 
ATOM   421  C  CG  . ASN A 1 53  ? 9.278   -1.636  8.334   1.00 27.08 ? 99  ASN A CG  1 
ATOM   422  O  OD1 . ASN A 1 53  ? 9.715   -2.498  7.568   1.00 26.54 ? 99  ASN A OD1 1 
ATOM   423  N  ND2 . ASN A 1 53  ? 9.502   -0.321  8.169   1.00 26.24 ? 99  ASN A ND2 1 
ATOM   424  N  N   . GLY A 1 54  ? 5.352   -2.248  10.779  1.00 27.69 ? 100 GLY A N   1 
ATOM   425  C  CA  . GLY A 1 54  ? 4.707   -2.540  12.074  1.00 29.02 ? 100 GLY A CA  1 
ATOM   426  C  C   . GLY A 1 54  ? 3.412   -3.333  12.064  1.00 30.66 ? 100 GLY A C   1 
ATOM   427  O  O   . GLY A 1 54  ? 2.959   -3.780  13.129  1.00 31.07 ? 100 GLY A O   1 
ATOM   428  N  N   . ARG A 1 55  ? 2.804   -3.488  10.887  1.00 30.26 ? 101 ARG A N   1 
ATOM   429  C  CA  . ARG A 1 55  ? 1.543   -4.208  10.741  1.00 30.75 ? 101 ARG A CA  1 
ATOM   430  C  C   . ARG A 1 55  ? 1.699   -5.238  9.614   1.00 30.47 ? 101 ARG A C   1 
ATOM   431  O  O   . ARG A 1 55  ? 2.602   -5.123  8.773   1.00 30.55 ? 101 ARG A O   1 
ATOM   432  C  CB  . ARG A 1 55  ? 0.380   -3.260  10.388  1.00 31.03 ? 101 ARG A CB  1 
ATOM   433  C  CG  . ARG A 1 55  ? 0.037   -2.136  11.424  1.00 35.12 ? 101 ARG A CG  1 
ATOM   434  C  CD  . ARG A 1 55  ? -0.120  -2.668  12.842  1.00 41.83 ? 101 ARG A CD  1 
ATOM   435  N  NE  . ARG A 1 55  ? -1.077  -1.967  13.733  1.00 48.00 ? 101 ARG A NE  1 
ATOM   436  C  CZ  . ARG A 1 55  ? -1.855  -0.920  13.432  1.00 49.50 ? 101 ARG A CZ  1 
ATOM   437  N  NH1 . ARG A 1 55  ? -1.826  -0.347  12.235  1.00 50.60 ? 101 ARG A NH1 1 
ATOM   438  N  NH2 . ARG A 1 55  ? -2.669  -0.424  14.361  1.00 48.70 ? 101 ARG A NH2 1 
ATOM   439  N  N   . SER A 1 56  ? 0.830   -6.244  9.615   1.00 29.84 ? 102 SER A N   1 
ATOM   440  C  CA  . SER A 1 56  ? 0.817   -7.253  8.563   1.00 29.50 ? 102 SER A CA  1 
ATOM   441  C  C   . SER A 1 56  ? -0.071  -6.809  7.397   1.00 29.12 ? 102 SER A C   1 
ATOM   442  O  O   . SER A 1 56  ? -0.026  -7.397  6.306   1.00 28.04 ? 102 SER A O   1 
ATOM   443  C  CB  . SER A 1 56  ? 0.321   -8.588  9.124   1.00 29.50 ? 102 SER A CB  1 
ATOM   444  O  OG  . SER A 1 56  ? -0.932  -8.412  9.770   1.00 31.12 ? 102 SER A OG  1 
ATOM   445  N  N   . CYS A 1 57  ? -0.908  -5.790  7.627   1.00 29.76 ? 103 CYS A N   1 
ATOM   446  C  CA  A CYS A 1 57  ? -1.804  -5.271  6.601   0.50 29.97 ? 103 CYS A CA  1 
ATOM   447  C  CA  B CYS A 1 57  ? -1.711  -5.229  6.541   0.50 29.74 ? 103 CYS A CA  1 
ATOM   448  C  C   . CYS A 1 57  ? -2.055  -3.764  6.756   1.00 30.12 ? 103 CYS A C   1 
ATOM   449  O  O   . CYS A 1 57  ? -2.132  -3.264  7.894   1.00 30.72 ? 103 CYS A O   1 
ATOM   450  C  CB  A CYS A 1 57  ? -3.119  -6.048  6.647   0.50 30.35 ? 103 CYS A CB  1 
ATOM   451  C  CB  B CYS A 1 57  ? -2.968  -6.061  6.224   0.50 29.72 ? 103 CYS A CB  1 
ATOM   452  S  SG  A CYS A 1 57  ? -4.288  -5.628  5.406   0.50 31.78 ? 103 CYS A SG  1 
ATOM   453  S  SG  B CYS A 1 57  ? -4.418  -5.608  7.165   0.50 30.58 ? 103 CYS A SG  1 
ATOM   454  N  N   . TYR A 1 58  ? -2.206  -3.073  5.632   1.00 29.43 ? 104 TYR A N   1 
ATOM   455  C  CA  . TYR A 1 58  ? -2.444  -1.642  5.580   1.00 28.72 ? 104 TYR A CA  1 
ATOM   456  C  C   . TYR A 1 58  ? -3.559  -1.364  4.614   1.00 29.05 ? 104 TYR A C   1 
ATOM   457  O  O   . TYR A 1 58  ? -3.496  -1.760  3.436   1.00 28.49 ? 104 TYR A O   1 
ATOM   458  C  CB  . TYR A 1 58  ? -1.175  -0.882  5.128   1.00 28.62 ? 104 TYR A CB  1 
ATOM   459  C  CG  . TYR A 1 58  ? -0.050  -0.999  6.102   1.00 29.10 ? 104 TYR A CG  1 
ATOM   460  C  CD1 . TYR A 1 58  ? 0.825   -2.073  6.048   1.00 28.00 ? 104 TYR A CD1 1 
ATOM   461  C  CD2 . TYR A 1 58  ? 0.131   -0.038  7.101   1.00 29.00 ? 104 TYR A CD2 1 
ATOM   462  C  CE1 . TYR A 1 58  ? 1.844   -2.208  6.961   1.00 29.14 ? 104 TYR A CE1 1 
ATOM   463  C  CE2 . TYR A 1 58  ? 1.150   -0.163  8.027   1.00 28.60 ? 104 TYR A CE2 1 
ATOM   464  C  CZ  . TYR A 1 58  ? 2.005   -1.231  7.941   1.00 28.68 ? 104 TYR A CZ  1 
ATOM   465  O  OH  . TYR A 1 58  ? 3.015   -1.356  8.850   1.00 30.68 ? 104 TYR A OH  1 
ATOM   466  N  N   A LEU A 1 59  ? -4.603  -0.700  5.103   0.50 28.42 ? 105 LEU A N   1 
ATOM   467  N  N   B LEU A 1 59  ? -4.585  -0.681  5.110   0.50 28.50 ? 105 LEU A N   1 
ATOM   468  C  CA  A LEU A 1 59  ? -5.708  -0.291  4.255   0.50 28.62 ? 105 LEU A CA  1 
ATOM   469  C  CA  B LEU A 1 59  ? -5.682  -0.261  4.272   0.50 28.75 ? 105 LEU A CA  1 
ATOM   470  C  C   A LEU A 1 59  ? -5.438  1.082   3.656   0.50 28.50 ? 105 LEU A C   1 
ATOM   471  C  C   B LEU A 1 59  ? -5.360  1.084   3.653   0.50 28.59 ? 105 LEU A C   1 
ATOM   472  O  O   A LEU A 1 59  ? -5.221  2.052   4.382   0.50 29.02 ? 105 LEU A O   1 
ATOM   473  O  O   B LEU A 1 59  ? -5.017  2.031   4.358   0.50 29.19 ? 105 LEU A O   1 
ATOM   474  C  CB  A LEU A 1 59  ? -7.023  -0.264  5.048   0.50 28.64 ? 105 LEU A CB  1 
ATOM   475  C  CB  B LEU A 1 59  ? -6.972  -0.159  5.094   0.50 28.84 ? 105 LEU A CB  1 
ATOM   476  C  CG  A LEU A 1 59  ? -8.283  0.117   4.273   0.50 28.96 ? 105 LEU A CG  1 
ATOM   477  C  CG  B LEU A 1 59  ? -8.102  -1.024  4.555   0.50 29.63 ? 105 LEU A CG  1 
ATOM   478  C  CD1 A LEU A 1 59  ? -8.621  -0.939  3.220   0.50 30.91 ? 105 LEU A CD1 1 
ATOM   479  C  CD1 B LEU A 1 59  ? -8.491  -0.607  3.130   0.50 31.74 ? 105 LEU A CD1 1 
ATOM   480  C  CD2 A LEU A 1 59  ? -9.447  0.287   5.240   0.50 28.79 ? 105 LEU A CD2 1 
ATOM   481  C  CD2 B LEU A 1 59  ? -7.704  -2.490  4.609   0.50 29.46 ? 105 LEU A CD2 1 
ATOM   482  N  N   . VAL A 1 60  ? -5.464  1.153   2.332   1.00 28.56 ? 106 VAL A N   1 
ATOM   483  C  CA  . VAL A 1 60  ? -5.279  2.401   1.598   1.00 28.53 ? 106 VAL A CA  1 
ATOM   484  C  C   . VAL A 1 60  ? -6.628  2.898   1.126   1.00 28.75 ? 106 VAL A C   1 
ATOM   485  O  O   . VAL A 1 60  ? -7.425  2.137   0.562   1.00 28.91 ? 106 VAL A O   1 
ATOM   486  C  CB  . VAL A 1 60  ? -4.390  2.196   0.340   1.00 28.57 ? 106 VAL A CB  1 
ATOM   487  C  CG1 . VAL A 1 60  ? -4.130  3.546   -0.358  1.00 29.38 ? 106 VAL A CG1 1 
ATOM   488  C  CG2 . VAL A 1 60  ? -3.072  1.535   0.714   1.00 28.61 ? 106 VAL A CG2 1 
ATOM   489  N  N   . GLY A 1 61  ? -6.890  4.186   1.303   1.00 28.73 ? 107 GLY A N   1 
ATOM   490  C  CA  . GLY A 1 61  ? -8.156  4.741   0.792   1.00 29.90 ? 107 GLY A CA  1 
ATOM   491  C  C   . GLY A 1 61  ? -8.239  6.236   0.944   1.00 30.18 ? 107 GLY A C   1 
ATOM   492  O  O   . GLY A 1 61  ? -7.293  6.856   1.412   1.00 30.51 ? 107 GLY A O   1 
ATOM   493  N  N   . ARG A 1 62  ? -9.387  6.809   0.563   1.00 31.06 ? 108 ARG A N   1 
ATOM   494  C  CA  . ARG A 1 62  ? -9.537  8.260   0.482   1.00 31.42 ? 108 ARG A CA  1 
ATOM   495  C  C   . ARG A 1 62  ? -9.415  8.964   1.840   1.00 31.90 ? 108 ARG A C   1 
ATOM   496  O  O   . ARG A 1 62  ? -10.004 8.525   2.828   1.00 32.13 ? 108 ARG A O   1 
ATOM   497  C  CB  . ARG A 1 62  ? -10.890 8.587   -0.160  1.00 31.64 ? 108 ARG A CB  1 
ATOM   498  C  CG  . ARG A 1 62  ? -10.995 9.982   -0.711  1.00 33.27 ? 108 ARG A CG  1 
ATOM   499  C  CD  . ARG A 1 62  ? -12.281 10.142  -1.527  1.00 37.36 ? 108 ARG A CD  1 
ATOM   500  N  NE  . ARG A 1 62  ? -13.471 10.164  -0.678  1.00 41.93 ? 108 ARG A NE  1 
ATOM   501  C  CZ  . ARG A 1 62  ? -14.485 9.302   -0.762  1.00 44.94 ? 108 ARG A CZ  1 
ATOM   502  N  NH1 . ARG A 1 62  ? -15.516 9.422   0.058   1.00 45.57 ? 108 ARG A NH1 1 
ATOM   503  N  NH2 . ARG A 1 62  ? -14.486 8.334   -1.672  1.00 45.70 ? 108 ARG A NH2 1 
ATOM   504  N  N   . GLU A 1 63  ? -8.647  10.052  1.874   1.00 32.51 ? 109 GLU A N   1 
ATOM   505  C  CA  . GLU A 1 63  ? -8.629  10.981  3.010   1.00 33.75 ? 109 GLU A CA  1 
ATOM   506  C  C   . GLU A 1 63  ? -8.233  12.373  2.490   1.00 34.74 ? 109 GLU A C   1 
ATOM   507  O  O   . GLU A 1 63  ? -7.057  12.631  2.247   1.00 34.59 ? 109 GLU A O   1 
ATOM   508  C  CB  . GLU A 1 63  ? -7.662  10.501  4.105   1.00 33.13 ? 109 GLU A CB  1 
ATOM   509  C  CG  . GLU A 1 63  ? -7.632  11.387  5.378   1.00 33.69 ? 109 GLU A CG  1 
ATOM   510  C  CD  . GLU A 1 63  ? -6.716  10.862  6.474   1.00 34.83 ? 109 GLU A CD  1 
ATOM   511  O  OE1 . GLU A 1 63  ? -6.598  11.527  7.526   1.00 35.70 ? 109 GLU A OE1 1 
ATOM   512  O  OE2 . GLU A 1 63  ? -6.101  9.794   6.295   1.00 36.84 ? 109 GLU A OE2 1 
ATOM   513  N  N   . LEU A 1 64  ? -9.210  13.262  2.325   1.00 36.51 ? 110 LEU A N   1 
ATOM   514  C  CA  . LEU A 1 64  ? -8.984  14.531  1.636   1.00 38.77 ? 110 LEU A CA  1 
ATOM   515  C  C   . LEU A 1 64  ? -8.517  15.664  2.550   1.00 40.28 ? 110 LEU A C   1 
ATOM   516  O  O   . LEU A 1 64  ? -7.624  16.438  2.187   1.00 40.10 ? 110 LEU A O   1 
ATOM   517  C  CB  . LEU A 1 64  ? -10.244 14.985  0.881   1.00 39.09 ? 110 LEU A CB  1 
ATOM   518  C  CG  . LEU A 1 64  ? -10.724 14.237  -0.364  1.00 40.77 ? 110 LEU A CG  1 
ATOM   519  C  CD1 . LEU A 1 64  ? -11.447 13.027  0.078   1.00 42.65 ? 110 LEU A CD1 1 
ATOM   520  C  CD2 . LEU A 1 64  ? -11.673 15.092  -1.223  1.00 42.25 ? 110 LEU A CD2 1 
ATOM   521  N  N   . GLY A 1 65  ? -9.128  15.767  3.731   1.00 41.84 ? 111 GLY A N   1 
ATOM   522  C  CA  . GLY A 1 65  ? -8.937  16.934  4.586   1.00 44.73 ? 111 GLY A CA  1 
ATOM   523  C  C   . GLY A 1 65  ? -9.619  18.171  4.007   1.00 46.80 ? 111 GLY A C   1 
ATOM   524  O  O   . GLY A 1 65  ? -9.121  19.290  4.162   1.00 47.91 ? 111 GLY A O   1 
ATOM   525  N  N   . HIS A 1 66  ? -10.749 17.960  3.328   1.00 48.45 ? 112 HIS A N   1 
ATOM   526  C  CA  . HIS A 1 66  ? -11.558 19.047  2.751   1.00 50.13 ? 112 HIS A CA  1 
ATOM   527  C  C   . HIS A 1 66  ? -12.852 19.274  3.538   1.00 50.53 ? 112 HIS A C   1 
ATOM   528  O  O   . HIS A 1 66  ? -13.082 18.659  4.590   1.00 51.04 ? 112 HIS A O   1 
ATOM   529  C  CB  . HIS A 1 66  ? -11.915 18.756  1.287   1.00 50.73 ? 112 HIS A CB  1 
ATOM   530  C  CG  . HIS A 1 66  ? -10.767 18.913  0.333   1.00 52.91 ? 112 HIS A CG  1 
ATOM   531  N  ND1 . HIS A 1 66  ? -9.708  19.766  0.567   1.00 54.77 ? 112 HIS A ND1 1 
ATOM   532  C  CD2 . HIS A 1 66  ? -10.528 18.339  -0.872  1.00 54.12 ? 112 HIS A CD2 1 
ATOM   533  C  CE1 . HIS A 1 66  ? -8.860  19.701  -0.446  1.00 55.45 ? 112 HIS A CE1 1 
ATOM   534  N  NE2 . HIS A 1 66  ? -9.334  18.840  -1.331  1.00 55.56 ? 112 HIS A NE2 1 
ATOM   535  N  N   . THR A 1 76  ? -17.702 17.216  6.827   1.00 41.07 ? 122 THR A N   1 
ATOM   536  C  CA  . THR A 1 76  ? -17.076 16.152  7.641   1.00 40.41 ? 122 THR A CA  1 
ATOM   537  C  C   . THR A 1 76  ? -16.788 14.882  6.848   1.00 39.79 ? 122 THR A C   1 
ATOM   538  O  O   . THR A 1 76  ? -17.636 14.388  6.113   1.00 41.28 ? 122 THR A O   1 
ATOM   539  C  CB  . THR A 1 76  ? -17.954 15.761  8.842   1.00 40.72 ? 122 THR A CB  1 
ATOM   540  O  OG1 . THR A 1 76  ? -18.352 16.941  9.552   1.00 40.93 ? 122 THR A OG1 1 
ATOM   541  C  CG2 . THR A 1 76  ? -17.192 14.853  9.784   1.00 40.09 ? 122 THR A CG2 1 
ATOM   542  N  N   . GLU A 1 77  ? -15.610 14.319  7.070   1.00 38.51 ? 123 GLU A N   1 
ATOM   543  C  CA  . GLU A 1 77  ? -15.112 13.197  6.296   1.00 36.77 ? 123 GLU A CA  1 
ATOM   544  C  C   . GLU A 1 77  ? -14.877 11.992  7.220   1.00 35.45 ? 123 GLU A C   1 
ATOM   545  O  O   . GLU A 1 77  ? -14.131 12.107  8.185   1.00 35.23 ? 123 GLU A O   1 
ATOM   546  C  CB  . GLU A 1 77  ? -13.792 13.650  5.652   1.00 37.55 ? 123 GLU A CB  1 
ATOM   547  C  CG  . GLU A 1 77  ? -13.115 12.585  4.837   1.00 37.58 ? 123 GLU A CG  1 
ATOM   548  C  CD  . GLU A 1 77  ? -11.849 13.068  4.161   1.00 37.76 ? 123 GLU A CD  1 
ATOM   549  O  OE1 . GLU A 1 77  ? -11.529 12.472  3.119   1.00 38.70 ? 123 GLU A OE1 1 
ATOM   550  O  OE2 . GLU A 1 77  ? -11.185 14.023  4.654   1.00 37.42 ? 123 GLU A OE2 1 
ATOM   551  N  N   . ILE A 1 78  ? -15.526 10.857  6.959   1.00 34.24 ? 124 ILE A N   1 
ATOM   552  C  CA  . ILE A 1 78  ? -15.220 9.629   7.712   1.00 34.66 ? 124 ILE A CA  1 
ATOM   553  C  C   . ILE A 1 78  ? -14.017 8.884   7.098   1.00 33.16 ? 124 ILE A C   1 
ATOM   554  O  O   . ILE A 1 78  ? -14.004 8.570   5.899   1.00 34.24 ? 124 ILE A O   1 
ATOM   555  C  CB  . ILE A 1 78  ? -16.452 8.693   7.862   1.00 35.29 ? 124 ILE A CB  1 
ATOM   556  C  CG1 . ILE A 1 78  ? -16.080 7.315   8.409   1.00 35.66 ? 124 ILE A CG1 1 
ATOM   557  C  CG2 . ILE A 1 78  ? -17.145 8.521   6.539   1.00 37.45 ? 124 ILE A CG2 1 
ATOM   558  C  CD1 . ILE A 1 78  ? -15.798 7.261   9.889   1.00 40.09 ? 124 ILE A CD1 1 
ATOM   559  N  N   . VAL A 1 79  ? -13.012 8.617   7.925   1.00 31.55 ? 125 VAL A N   1 
ATOM   560  C  CA  . VAL A 1 79  ? -11.795 7.968   7.435   1.00 30.36 ? 125 VAL A CA  1 
ATOM   561  C  C   . VAL A 1 79  ? -11.698 6.549   7.995   1.00 30.44 ? 125 VAL A C   1 
ATOM   562  O  O   . VAL A 1 79  ? -11.745 6.353   9.211   1.00 29.65 ? 125 VAL A O   1 
ATOM   563  C  CB  . VAL A 1 79  ? -10.539 8.779   7.815   1.00 29.64 ? 125 VAL A CB  1 
ATOM   564  C  CG1 . VAL A 1 79  ? -9.279  8.161   7.162   1.00 29.32 ? 125 VAL A CG1 1 
ATOM   565  C  CG2 . VAL A 1 79  ? -10.686 10.233  7.418   1.00 29.75 ? 125 VAL A CG2 1 
ATOM   566  N  N   A VAL A 1 80  ? -11.568 5.561   7.116   0.33 30.48 ? 126 VAL A N   1 
ATOM   567  N  N   B VAL A 1 80  ? -11.553 5.563   7.114   0.33 30.59 ? 126 VAL A N   1 
ATOM   568  N  N   C VAL A 1 80  ? -11.570 5.583   7.078   0.33 30.48 ? 126 VAL A N   1 
ATOM   569  C  CA  A VAL A 1 80  ? -11.394 4.179   7.558   0.33 30.64 ? 126 VAL A CA  1 
ATOM   570  C  CA  B VAL A 1 80  ? -11.409 4.173   7.544   0.33 30.85 ? 126 VAL A CA  1 
ATOM   571  C  CA  C VAL A 1 80  ? -11.517 4.144   7.387   0.33 30.60 ? 126 VAL A CA  1 
ATOM   572  C  C   A VAL A 1 80  ? -9.953  3.714   7.310   0.33 30.97 ? 126 VAL A C   1 
ATOM   573  C  C   B VAL A 1 80  ? -10.009 3.622   7.227   0.33 31.10 ? 126 VAL A C   1 
ATOM   574  C  C   C VAL A 1 80  ? -10.226 3.453   6.897   0.33 31.02 ? 126 VAL A C   1 
ATOM   575  O  O   A VAL A 1 80  ? -9.394  2.936   8.090   0.33 31.07 ? 126 VAL A O   1 
ATOM   576  O  O   B VAL A 1 80  ? -9.529  2.690   7.883   0.33 31.13 ? 126 VAL A O   1 
ATOM   577  O  O   C VAL A 1 80  ? -10.039 2.251   7.109   0.33 31.01 ? 126 VAL A O   1 
ATOM   578  C  CB  A VAL A 1 80  ? -12.412 3.227   6.876   0.33 30.93 ? 126 VAL A CB  1 
ATOM   579  C  CB  B VAL A 1 80  ? -12.541 3.282   6.949   0.33 31.22 ? 126 VAL A CB  1 
ATOM   580  C  CB  C VAL A 1 80  ? -12.753 3.383   6.813   0.33 30.96 ? 126 VAL A CB  1 
ATOM   581  C  CG1 A VAL A 1 80  ? -12.216 1.802   7.345   0.33 30.91 ? 126 VAL A CG1 1 
ATOM   582  C  CG1 B VAL A 1 80  ? -12.501 3.280   5.426   0.33 31.14 ? 126 VAL A CG1 1 
ATOM   583  C  CG1 C VAL A 1 80  ? -14.026 3.780   7.546   0.33 30.09 ? 126 VAL A CG1 1 
ATOM   584  C  CG2 A VAL A 1 80  ? -13.852 3.675   7.164   0.33 30.31 ? 126 VAL A CG2 1 
ATOM   585  C  CG2 B VAL A 1 80  ? -12.489 1.871   7.512   0.33 31.25 ? 126 VAL A CG2 1 
ATOM   586  C  CG2 C VAL A 1 80  ? -12.907 3.632   5.312   0.33 30.55 ? 126 VAL A CG2 1 
ATOM   587  N  N   . ALA A 1 81  ? -9.358  4.216   6.232   1.00 30.80 ? 127 ALA A N   1 
ATOM   588  C  CA  . ALA A 1 81  ? -8.050  3.737   5.766   1.00 31.17 ? 127 ALA A CA  1 
ATOM   589  C  C   . ALA A 1 81  ? -6.953  4.083   6.769   1.00 31.74 ? 127 ALA A C   1 
ATOM   590  O  O   . ALA A 1 81  ? -7.043  5.095   7.475   1.00 32.26 ? 127 ALA A O   1 
ATOM   591  C  CB  . ALA A 1 81  ? -7.739  4.347   4.423   1.00 31.63 ? 127 ALA A CB  1 
ATOM   592  N  N   . ASP A 1 82  ? -5.927  3.237   6.840   1.00 31.52 ? 128 ASP A N   1 
ATOM   593  C  CA  . ASP A 1 82  ? -4.737  3.482   7.651   1.00 31.68 ? 128 ASP A CA  1 
ATOM   594  C  C   . ASP A 1 82  ? -3.831  4.450   6.920   1.00 31.24 ? 128 ASP A C   1 
ATOM   595  O  O   . ASP A 1 82  ? -3.196  5.317   7.537   1.00 30.28 ? 128 ASP A O   1 
ATOM   596  C  CB  . ASP A 1 82  ? -3.959  2.165   7.847   1.00 32.85 ? 128 ASP A CB  1 
ATOM   597  C  CG  . ASP A 1 82  ? -4.819  1.072   8.363   1.00 34.82 ? 128 ASP A CG  1 
ATOM   598  O  OD1 . ASP A 1 82  ? -5.434  1.266   9.443   1.00 40.36 ? 128 ASP A OD1 1 
ATOM   599  O  OD2 . ASP A 1 82  ? -4.920  0.025   7.703   1.00 36.26 ? 128 ASP A OD2 1 
ATOM   600  N  N   . ILE A 1 83  ? -3.752  4.246   5.603   1.00 30.63 ? 129 ILE A N   1 
ATOM   601  C  CA  . ILE A 1 83  ? -2.998  5.112   4.702   1.00 30.68 ? 129 ILE A CA  1 
ATOM   602  C  C   . ILE A 1 83  ? -4.002  5.903   3.872   1.00 30.37 ? 129 ILE A C   1 
ATOM   603  O  O   . ILE A 1 83  ? -4.585  5.409   2.904   1.00 29.66 ? 129 ILE A O   1 
ATOM   604  C  CB  . ILE A 1 83  ? -1.958  4.301   3.843   1.00 30.08 ? 129 ILE A CB  1 
ATOM   605  C  CG1 . ILE A 1 83  ? -1.014  3.548   4.774   1.00 30.90 ? 129 ILE A CG1 1 
ATOM   606  C  CG2 . ILE A 1 83  ? -1.162  5.240   2.947   1.00 31.91 ? 129 ILE A CG2 1 
ATOM   607  C  CD1 . ILE A 1 83  ? -0.010  2.558   4.083   1.00 30.16 ? 129 ILE A CD1 1 
ATOM   608  N  N   . GLY A 1 84  ? -4.226  7.140   4.305   1.00 31.29 ? 130 GLY A N   1 
ATOM   609  C  CA  . GLY A 1 84  ? -5.212  8.011   3.698   1.00 31.83 ? 130 GLY A CA  1 
ATOM   610  C  C   . GLY A 1 84  ? -4.594  8.923   2.664   1.00 32.35 ? 130 GLY A C   1 
ATOM   611  O  O   . GLY A 1 84  ? -3.741  9.756   2.983   1.00 33.94 ? 130 GLY A O   1 
ATOM   612  N  N   . ILE A 1 85  ? -5.037  8.774   1.429   1.00 32.37 ? 131 ILE A N   1 
ATOM   613  C  CA  . ILE A 1 85  ? -4.488  9.522   0.306   1.00 33.27 ? 131 ILE A CA  1 
ATOM   614  C  C   . ILE A 1 85  ? -5.536  10.539  -0.200  1.00 33.84 ? 131 ILE A C   1 
ATOM   615  O  O   . ILE A 1 85  ? -6.709  10.198  -0.323  1.00 33.70 ? 131 ILE A O   1 
ATOM   616  C  CB  . ILE A 1 85  ? -4.031  8.523   -0.807  1.00 33.03 ? 131 ILE A CB  1 
ATOM   617  C  CG1 . ILE A 1 85  ? -3.113  7.427   -0.209  1.00 32.53 ? 131 ILE A CG1 1 
ATOM   618  C  CG2 . ILE A 1 85  ? -3.348  9.241   -1.978  1.00 33.72 ? 131 ILE A CG2 1 
ATOM   619  C  CD1 . ILE A 1 85  ? -1.780  7.913   0.366   1.00 32.44 ? 131 ILE A CD1 1 
ATOM   620  N  N   . PRO A 1 86  ? -5.123  11.803  -0.449  1.00 34.71 ? 132 PRO A N   1 
ATOM   621  C  CA  . PRO A 1 86  ? -6.068  12.841  -0.889  1.00 35.55 ? 132 PRO A CA  1 
ATOM   622  C  C   . PRO A 1 86  ? -6.572  12.722  -2.338  1.00 36.54 ? 132 PRO A C   1 
ATOM   623  O  O   . PRO A 1 86  ? -6.674  13.731  -3.038  1.00 36.65 ? 132 PRO A O   1 
ATOM   624  C  CB  . PRO A 1 86  ? -5.279  14.155  -0.695  1.00 34.77 ? 132 PRO A CB  1 
ATOM   625  C  CG  . PRO A 1 86  ? -4.089  13.797  0.116   1.00 34.67 ? 132 PRO A CG  1 
ATOM   626  C  CD  . PRO A 1 86  ? -3.781  12.366  -0.246  1.00 34.68 ? 132 PRO A CD  1 
ATOM   627  N  N   . GLU A 1 87  ? -6.908  11.511  -2.774  1.00 37.53 ? 133 GLU A N   1 
ATOM   628  C  CA  . GLU A 1 87  ? -7.447  11.311  -4.121  1.00 38.87 ? 133 GLU A CA  1 
ATOM   629  C  C   . GLU A 1 87  ? -8.966  11.405  -4.149  1.00 39.11 ? 133 GLU A C   1 
ATOM   630  O  O   . GLU A 1 87  ? -9.668  10.572  -3.583  1.00 39.69 ? 133 GLU A O   1 
ATOM   631  C  CB  . GLU A 1 87  ? -6.985  9.972   -4.711  1.00 38.73 ? 133 GLU A CB  1 
ATOM   632  C  CG  . GLU A 1 87  ? -5.496  9.893   -4.972  1.00 40.47 ? 133 GLU A CG  1 
ATOM   633  C  CD  . GLU A 1 87  ? -5.056  10.566  -6.278  1.00 41.59 ? 133 GLU A CD  1 
ATOM   634  O  OE1 . GLU A 1 87  ? -4.095  10.058  -6.893  1.00 39.79 ? 133 GLU A OE1 1 
ATOM   635  O  OE2 . GLU A 1 87  ? -5.651  11.595  -6.689  1.00 41.66 ? 133 GLU A OE2 1 
ATOM   636  N  N   . GLU A 1 88  ? -9.462  12.417  -4.841  1.00 39.82 ? 134 GLU A N   1 
ATOM   637  C  CA  . GLU A 1 88  ? -10.893 12.697  -4.926  1.00 40.76 ? 134 GLU A CA  1 
ATOM   638  C  C   . GLU A 1 88  ? -11.749 11.520  -5.362  1.00 40.22 ? 134 GLU A C   1 
ATOM   639  O  O   . GLU A 1 88  ? -12.835 11.326  -4.828  1.00 40.38 ? 134 GLU A O   1 
ATOM   640  C  CB  . GLU A 1 88  ? -11.133 13.887  -5.847  1.00 41.56 ? 134 GLU A CB  1 
ATOM   641  C  CG  . GLU A 1 88  ? -10.043 14.928  -5.734  1.00 45.70 ? 134 GLU A CG  1 
ATOM   642  C  CD  . GLU A 1 88  ? -10.584 16.313  -5.463  1.00 51.46 ? 134 GLU A CD  1 
ATOM   643  O  OE1 . GLU A 1 88  ? -10.465 16.774  -4.298  1.00 54.32 ? 134 GLU A OE1 1 
ATOM   644  O  OE2 . GLU A 1 88  ? -11.134 16.928  -6.408  1.00 53.21 ? 134 GLU A OE2 1 
ATOM   645  N  N   . THR A 1 89  ? -11.261 10.734  -6.324  1.00 39.61 ? 135 THR A N   1 
ATOM   646  C  CA  . THR A 1 89  ? -12.066 9.644   -6.902  1.00 38.94 ? 135 THR A CA  1 
ATOM   647  C  C   . THR A 1 89  ? -11.725 8.242   -6.355  1.00 37.69 ? 135 THR A C   1 
ATOM   648  O  O   . THR A 1 89  ? -12.327 7.246   -6.770  1.00 37.57 ? 135 THR A O   1 
ATOM   649  C  CB  . THR A 1 89  ? -12.007 9.643   -8.451  1.00 39.15 ? 135 THR A CB  1 
ATOM   650  O  OG1 . THR A 1 89  ? -10.671 9.345   -8.875  1.00 40.16 ? 135 THR A OG1 1 
ATOM   651  C  CG2 . THR A 1 89  ? -12.431 11.001  -9.013  1.00 38.72 ? 135 THR A CG2 1 
ATOM   652  N  N   . SER A 1 90  ? -10.781 8.171   -5.422  1.00 36.77 ? 136 SER A N   1 
ATOM   653  C  CA  . SER A 1 90  ? -10.466 6.924   -4.735  1.00 35.72 ? 136 SER A CA  1 
ATOM   654  C  C   . SER A 1 90  ? -11.594 6.577   -3.747  1.00 35.32 ? 136 SER A C   1 
ATOM   655  O  O   . SER A 1 90  ? -12.301 7.469   -3.293  1.00 35.36 ? 136 SER A O   1 
ATOM   656  C  CB  . SER A 1 90  ? -9.122  7.042   -4.008  1.00 35.80 ? 136 SER A CB  1 
ATOM   657  O  OG  . SER A 1 90  ? -9.205  7.842   -2.831  1.00 35.89 ? 136 SER A OG  1 
ATOM   658  N  N   . SER A 1 91  ? -11.774 5.290   -3.447  1.00 34.73 ? 137 SER A N   1 
ATOM   659  C  CA  . SER A 1 91  ? -12.775 4.825   -2.472  1.00 34.59 ? 137 SER A CA  1 
ATOM   660  C  C   . SER A 1 91  ? -12.256 4.908   -1.037  1.00 34.69 ? 137 SER A C   1 
ATOM   661  O  O   . SER A 1 91  ? -11.048 4.916   -0.804  1.00 33.14 ? 137 SER A O   1 
ATOM   662  C  CB  . SER A 1 91  ? -13.187 3.387   -2.777  1.00 34.74 ? 137 SER A CB  1 
ATOM   663  O  OG  . SER A 1 91  ? -13.791 3.295   -4.053  1.00 34.28 ? 137 SER A OG  1 
ATOM   664  N  N   . LYS A 1 92  ? -13.174 4.953   -0.066  1.00 34.93 ? 138 LYS A N   1 
ATOM   665  C  CA  . LYS A 1 92  ? -12.777 5.043   1.339   1.00 35.60 ? 138 LYS A CA  1 
ATOM   666  C  C   . LYS A 1 92  ? -11.964 3.821   1.752   1.00 35.21 ? 138 LYS A C   1 
ATOM   667  O  O   . LYS A 1 92  ? -10.965 3.953   2.452   1.00 34.83 ? 138 LYS A O   1 
ATOM   668  C  CB  . LYS A 1 92  ? -14.005 5.257   2.256   1.00 35.77 ? 138 LYS A CB  1 
ATOM   669  C  CG  . LYS A 1 92  ? -14.520 6.687   2.191   1.00 37.57 ? 138 LYS A CG  1 
ATOM   670  C  CD  . LYS A 1 92  ? -15.651 6.949   3.192   1.00 37.75 ? 138 LYS A CD  1 
ATOM   671  C  CE  . LYS A 1 92  ? -16.232 8.338   2.971   1.00 40.45 ? 138 LYS A CE  1 
ATOM   672  N  NZ  . LYS A 1 92  ? -15.241 9.450   3.229   1.00 40.68 ? 138 LYS A NZ  1 
ATOM   673  N  N   . GLN A 1 93  ? -12.401 2.643   1.304   1.00 35.34 ? 139 GLN A N   1 
ATOM   674  C  CA  . GLN A 1 93  ? -11.624 1.414   1.401   1.00 35.94 ? 139 GLN A CA  1 
ATOM   675  C  C   . GLN A 1 93  ? -11.259 1.045   -0.032  1.00 35.24 ? 139 GLN A C   1 
ATOM   676  O  O   . GLN A 1 93  ? -12.079 0.506   -0.769  1.00 34.91 ? 139 GLN A O   1 
ATOM   677  C  CB  . GLN A 1 93  ? -12.435 0.282   2.044   1.00 36.83 ? 139 GLN A CB  1 
ATOM   678  C  CG  . GLN A 1 93  ? -12.648 0.435   3.538   1.00 41.20 ? 139 GLN A CG  1 
ATOM   679  C  CD  . GLN A 1 93  ? -12.794 -0.900  4.280   1.00 45.94 ? 139 GLN A CD  1 
ATOM   680  O  OE1 . GLN A 1 93  ? -12.702 -1.979  3.691   1.00 48.46 ? 139 GLN A OE1 1 
ATOM   681  N  NE2 . GLN A 1 93  ? -13.011 -0.818  5.589   1.00 49.24 ? 139 GLN A NE2 1 
ATOM   682  N  N   . HIS A 1 94  ? -10.045 1.373   -0.447  1.00 34.18 ? 140 HIS A N   1 
ATOM   683  C  CA  . HIS A 1 94  ? -9.711  1.244   -1.872  1.00 33.29 ? 140 HIS A CA  1 
ATOM   684  C  C   . HIS A 1 94  ? -8.933  -0.040  -2.166  1.00 32.75 ? 140 HIS A C   1 
ATOM   685  O  O   . HIS A 1 94  ? -9.350  -0.872  -2.986  1.00 32.76 ? 140 HIS A O   1 
ATOM   686  C  CB  . HIS A 1 94  ? -8.934  2.469   -2.355  1.00 33.39 ? 140 HIS A CB  1 
ATOM   687  C  CG  . HIS A 1 94  ? -8.989  2.663   -3.838  1.00 32.04 ? 140 HIS A CG  1 
ATOM   688  N  ND1 . HIS A 1 94  ? -8.233  1.916   -4.717  1.00 34.86 ? 140 HIS A ND1 1 
ATOM   689  C  CD2 . HIS A 1 94  ? -9.729  3.502   -4.599  1.00 30.73 ? 140 HIS A CD2 1 
ATOM   690  C  CE1 . HIS A 1 94  ? -8.493  2.301   -5.954  1.00 31.02 ? 140 HIS A CE1 1 
ATOM   691  N  NE2 . HIS A 1 94  ? -9.401  3.260   -5.911  1.00 34.43 ? 140 HIS A NE2 1 
ATOM   692  N  N   . CYS A 1 95  ? -7.803  -0.195  -1.494  1.00 31.61 ? 141 CYS A N   1 
ATOM   693  C  CA  . CYS A 1 95  ? -6.991  -1.381  -1.673  1.00 31.11 ? 141 CYS A CA  1 
ATOM   694  C  C   . CYS A 1 95  ? -6.239  -1.677  -0.401  1.00 29.77 ? 141 CYS A C   1 
ATOM   695  O  O   . CYS A 1 95  ? -6.120  -0.819  0.465   1.00 30.92 ? 141 CYS A O   1 
ATOM   696  C  CB  . CYS A 1 95  ? -6.045  -1.232  -2.876  1.00 30.65 ? 141 CYS A CB  1 
ATOM   697  S  SG  . CYS A 1 95  ? -4.687  -0.060  -2.673  1.00 31.46 ? 141 CYS A SG  1 
ATOM   698  N  N   . VAL A 1 96  ? -5.746  -2.899  -0.286  1.00 29.32 ? 142 VAL A N   1 
ATOM   699  C  CA  A VAL A 1 96  ? -4.973  -3.312  0.874   0.50 28.59 ? 142 VAL A CA  1 
ATOM   700  C  CA  B VAL A 1 96  ? -4.978  -3.320  0.881   0.50 28.62 ? 142 VAL A CA  1 
ATOM   701  C  C   . VAL A 1 96  ? -3.569  -3.740  0.457   1.00 29.09 ? 142 VAL A C   1 
ATOM   702  O  O   . VAL A 1 96  ? -3.390  -4.328  -0.593  1.00 28.19 ? 142 VAL A O   1 
ATOM   703  C  CB  A VAL A 1 96  ? -5.658  -4.469  1.625   0.50 29.12 ? 142 VAL A CB  1 
ATOM   704  C  CB  B VAL A 1 96  ? -5.675  -4.483  1.644   0.50 29.15 ? 142 VAL A CB  1 
ATOM   705  C  CG1 A VAL A 1 96  ? -6.673  -3.928  2.606   0.50 27.50 ? 142 VAL A CG1 1 
ATOM   706  C  CG1 B VAL A 1 96  ? -5.617  -5.791  0.848   0.50 28.69 ? 142 VAL A CG1 1 
ATOM   707  C  CG2 A VAL A 1 96  ? -6.305  -5.455  0.646   0.50 28.64 ? 142 VAL A CG2 1 
ATOM   708  C  CG2 B VAL A 1 96  ? -5.061  -4.673  3.029   0.50 27.70 ? 142 VAL A CG2 1 
ATOM   709  N  N   . ILE A 1 97  ? -2.590  -3.400  1.287   1.00 28.78 ? 143 ILE A N   1 
ATOM   710  C  CA  . ILE A 1 97  ? -1.232  -3.897  1.167   1.00 27.99 ? 143 ILE A CA  1 
ATOM   711  C  C   . ILE A 1 97  ? -1.096  -4.980  2.236   1.00 27.91 ? 143 ILE A C   1 
ATOM   712  O  O   . ILE A 1 97  ? -1.227  -4.701  3.428   1.00 28.55 ? 143 ILE A O   1 
ATOM   713  C  CB  . ILE A 1 97  ? -0.209  -2.756  1.347   1.00 28.18 ? 143 ILE A CB  1 
ATOM   714  C  CG1 . ILE A 1 97  ? -0.335  -1.782  0.165   1.00 27.39 ? 143 ILE A CG1 1 
ATOM   715  C  CG2 . ILE A 1 97  ? 1.202   -3.307  1.449   1.00 28.43 ? 143 ILE A CG2 1 
ATOM   716  C  CD1 . ILE A 1 97  ? 0.333   -0.416  0.385   1.00 29.12 ? 143 ILE A CD1 1 
ATOM   717  N  N   . GLN A 1 98  ? -0.862  -6.220  1.809   1.00 26.74 ? 144 GLN A N   1 
ATOM   718  C  CA  . GLN A 1 98  ? -0.901  -7.375  2.706   1.00 26.17 ? 144 GLN A CA  1 
ATOM   719  C  C   . GLN A 1 98  ? 0.424   -8.151  2.740   1.00 26.44 ? 144 GLN A C   1 
ATOM   720  O  O   . GLN A 1 98  ? 0.845   -8.680  1.711   1.00 26.42 ? 144 GLN A O   1 
ATOM   721  C  CB  . GLN A 1 98  ? -2.041  -8.309  2.249   1.00 26.26 ? 144 GLN A CB  1 
ATOM   722  C  CG  . GLN A 1 98  ? -2.156  -9.597  3.053   1.00 25.36 ? 144 GLN A CG  1 
ATOM   723  C  CD  . GLN A 1 98  ? -2.712  -9.343  4.467   1.00 26.42 ? 144 GLN A CD  1 
ATOM   724  O  OE1 . GLN A 1 98  ? -3.841  -8.899  4.614   1.00 28.57 ? 144 GLN A OE1 1 
ATOM   725  N  NE2 . GLN A 1 98  ? -1.911  -9.619  5.488   1.00 25.42 ? 144 GLN A NE2 1 
ATOM   726  N  N   . PHE A 1 99  ? 1.075   -8.232  3.898   1.00 25.66 ? 145 PHE A N   1 
ATOM   727  C  CA  . PHE A 1 99  ? 2.241   -9.124  4.066   1.00 26.09 ? 145 PHE A CA  1 
ATOM   728  C  C   . PHE A 1 99  ? 1.860   -10.557 4.415   1.00 26.50 ? 145 PHE A C   1 
ATOM   729  O  O   . PHE A 1 99  ? 0.951   -10.782 5.218   1.00 26.70 ? 145 PHE A O   1 
ATOM   730  C  CB  . PHE A 1 99  ? 3.226   -8.605  5.108   1.00 25.76 ? 145 PHE A CB  1 
ATOM   731  C  CG  . PHE A 1 99  ? 3.913   -7.320  4.699   1.00 26.67 ? 145 PHE A CG  1 
ATOM   732  C  CD1 . PHE A 1 99  ? 3.409   -6.092  5.109   1.00 26.03 ? 145 PHE A CD1 1 
ATOM   733  C  CD2 . PHE A 1 99  ? 5.041   -7.357  3.876   1.00 26.92 ? 145 PHE A CD2 1 
ATOM   734  C  CE1 . PHE A 1 99  ? 4.021   -4.902  4.727   1.00 26.69 ? 145 PHE A CE1 1 
ATOM   735  C  CE2 . PHE A 1 99  ? 5.668   -6.148  3.483   1.00 25.63 ? 145 PHE A CE2 1 
ATOM   736  C  CZ  . PHE A 1 99  ? 5.146   -4.944  3.908   1.00 25.89 ? 145 PHE A CZ  1 
ATOM   737  N  N   . ARG A 1 100 ? 2.555   -11.510 3.792   1.00 26.12 ? 146 ARG A N   1 
ATOM   738  C  CA  . ARG A 1 100 ? 2.362   -12.922 4.087   1.00 26.08 ? 146 ARG A CA  1 
ATOM   739  C  C   . ARG A 1 100 ? 3.686   -13.644 4.230   1.00 25.42 ? 146 ARG A C   1 
ATOM   740  O  O   . ARG A 1 100 ? 4.652   -13.395 3.494   1.00 24.56 ? 146 ARG A O   1 
ATOM   741  C  CB  . ARG A 1 100 ? 1.506   -13.613 3.021   1.00 26.29 ? 146 ARG A CB  1 
ATOM   742  C  CG  . ARG A 1 100 ? 0.214   -12.900 2.663   1.00 27.26 ? 146 ARG A CG  1 
ATOM   743  C  CD  . ARG A 1 100 ? -0.485  -13.659 1.572   1.00 31.49 ? 146 ARG A CD  1 
ATOM   744  N  NE  . ARG A 1 100 ? -0.945  -14.944 2.077   1.00 33.68 ? 146 ARG A NE  1 
ATOM   745  C  CZ  . ARG A 1 100 ? -1.877  -15.694 1.494   1.00 37.20 ? 146 ARG A CZ  1 
ATOM   746  N  NH1 . ARG A 1 100 ? -2.464  -15.285 0.365   1.00 37.22 ? 146 ARG A NH1 1 
ATOM   747  N  NH2 . ARG A 1 100 ? -2.237  -16.845 2.060   1.00 34.95 ? 146 ARG A NH2 1 
ATOM   748  N  N   . ASN A 1 101 ? 3.731   -14.551 5.192   1.00 25.79 ? 147 ASN A N   1 
ATOM   749  C  CA  . ASN A 1 101 ? 4.837   -15.457 5.346   1.00 25.72 ? 147 ASN A CA  1 
ATOM   750  C  C   . ASN A 1 101 ? 4.555   -16.625 4.403   1.00 26.59 ? 147 ASN A C   1 
ATOM   751  O  O   . ASN A 1 101 ? 3.862   -17.592 4.782   1.00 26.49 ? 147 ASN A O   1 
ATOM   752  C  CB  . ASN A 1 101 ? 4.931   -15.917 6.805   1.00 26.39 ? 147 ASN A CB  1 
ATOM   753  C  CG  . ASN A 1 101 ? 6.241   -16.593 7.121   1.00 27.14 ? 147 ASN A CG  1 
ATOM   754  O  OD1 . ASN A 1 101 ? 7.000   -16.935 6.223   1.00 27.20 ? 147 ASN A OD1 1 
ATOM   755  N  ND2 . ASN A 1 101 ? 6.512   -16.805 8.415   1.00 28.14 ? 147 ASN A ND2 1 
ATOM   756  N  N   . VAL A 1 102 ? 5.056   -16.526 3.172   1.00 26.07 ? 148 VAL A N   1 
ATOM   757  C  CA  . VAL A 1 102 ? 4.680   -17.485 2.124   1.00 26.27 ? 148 VAL A CA  1 
ATOM   758  C  C   . VAL A 1 102 ? 5.640   -18.658 2.184   1.00 26.00 ? 148 VAL A C   1 
ATOM   759  O  O   . VAL A 1 102 ? 6.735   -18.612 1.614   1.00 25.96 ? 148 VAL A O   1 
ATOM   760  C  CB  . VAL A 1 102 ? 4.629   -16.845 0.697   1.00 26.10 ? 148 VAL A CB  1 
ATOM   761  C  CG1 . VAL A 1 102 ? 4.055   -17.843 -0.304  1.00 26.26 ? 148 VAL A CG1 1 
ATOM   762  C  CG2 . VAL A 1 102 ? 3.789   -15.535 0.700   1.00 26.08 ? 148 VAL A CG2 1 
ATOM   763  N  N   . ARG A 1 103 ? 5.246   -19.693 2.937   1.00 26.41 ? 149 ARG A N   1 
ATOM   764  C  CA  . ARG A 1 103 ? 6.073   -20.882 3.059   1.00 27.37 ? 149 ARG A CA  1 
ATOM   765  C  C   . ARG A 1 103 ? 7.483   -20.485 3.580   1.00 26.67 ? 149 ARG A C   1 
ATOM   766  O  O   . ARG A 1 103 ? 8.501   -21.038 3.180   1.00 26.41 ? 149 ARG A O   1 
ATOM   767  C  CB  . ARG A 1 103 ? 6.118   -21.625 1.708   1.00 27.91 ? 149 ARG A CB  1 
ATOM   768  C  CG  . ARG A 1 103 ? 6.429   -23.128 1.788   1.00 30.23 ? 149 ARG A CG  1 
ATOM   769  C  CD  . ARG A 1 103 ? 6.350   -23.836 0.405   1.00 29.34 ? 149 ARG A CD  1 
ATOM   770  N  NE  . ARG A 1 103 ? 7.348   -23.343 -0.547  1.00 31.75 ? 149 ARG A NE  1 
ATOM   771  C  CZ  . ARG A 1 103 ? 7.347   -23.584 -1.859  1.00 33.30 ? 149 ARG A CZ  1 
ATOM   772  N  NH1 . ARG A 1 103 ? 8.292   -23.055 -2.635  1.00 33.12 ? 149 ARG A NH1 1 
ATOM   773  N  NH2 . ARG A 1 103 ? 6.410   -24.357 -2.398  1.00 33.49 ? 149 ARG A NH2 1 
ATOM   774  N  N   . GLY A 1 104 ? 7.527   -19.522 4.498   1.00 27.20 ? 150 GLY A N   1 
ATOM   775  C  CA  . GLY A 1 104 ? 8.805   -19.116 5.080   1.00 26.57 ? 150 GLY A CA  1 
ATOM   776  C  C   . GLY A 1 104 ? 9.459   -17.911 4.441   1.00 27.13 ? 150 GLY A C   1 
ATOM   777  O  O   . GLY A 1 104 ? 10.431  -17.373 4.974   1.00 27.53 ? 150 GLY A O   1 
ATOM   778  N  N   . ILE A 1 105 ? 8.903   -17.445 3.327   1.00 26.24 ? 151 ILE A N   1 
ATOM   779  C  CA  . ILE A 1 105 ? 9.497   -16.313 2.598   1.00 25.60 ? 151 ILE A CA  1 
ATOM   780  C  C   . ILE A 1 105 ? 8.536   -15.115 2.667   1.00 25.37 ? 151 ILE A C   1 
ATOM   781  O  O   . ILE A 1 105 ? 7.395   -15.184 2.204   1.00 24.97 ? 151 ILE A O   1 
ATOM   782  C  CB  . ILE A 1 105 ? 9.808   -16.681 1.110   1.00 25.48 ? 151 ILE A CB  1 
ATOM   783  C  CG1 . ILE A 1 105 ? 10.700  -17.939 1.028   1.00 26.40 ? 151 ILE A CG1 1 
ATOM   784  C  CG2 . ILE A 1 105 ? 10.399  -15.445 0.363   1.00 24.69 ? 151 ILE A CG2 1 
ATOM   785  C  CD1 . ILE A 1 105 ? 12.100  -17.794 1.611   1.00 28.76 ? 151 ILE A CD1 1 
ATOM   786  N  N   . LEU A 1 106 ? 8.985   -14.012 3.269   1.00 25.08 ? 152 LEU A N   1 
ATOM   787  C  CA  . LEU A 1 106 ? 8.114   -12.858 3.390   1.00 25.22 ? 152 LEU A CA  1 
ATOM   788  C  C   . LEU A 1 106 ? 7.857   -12.212 2.025   1.00 25.78 ? 152 LEU A C   1 
ATOM   789  O  O   . LEU A 1 106 ? 8.802   -11.820 1.313   1.00 25.81 ? 152 LEU A O   1 
ATOM   790  C  CB  . LEU A 1 106 ? 8.704   -11.831 4.368   1.00 25.56 ? 152 LEU A CB  1 
ATOM   791  C  CG  . LEU A 1 106 ? 7.858   -10.584 4.631   1.00 25.93 ? 152 LEU A CG  1 
ATOM   792  C  CD1 . LEU A 1 106 ? 6.568   -10.947 5.392   1.00 25.82 ? 152 LEU A CD1 1 
ATOM   793  C  CD2 . LEU A 1 106 ? 8.689   -9.550  5.416   1.00 26.06 ? 152 LEU A CD2 1 
ATOM   794  N  N   . LYS A 1 107 ? 6.581   -12.099 1.669   1.00 25.03 ? 153 LYS A N   1 
ATOM   795  C  CA  . LYS A 1 107 ? 6.152   -11.481 0.411   1.00 25.47 ? 153 LYS A CA  1 
ATOM   796  C  C   . LYS A 1 107 ? 5.040   -10.492 0.695   1.00 25.43 ? 153 LYS A C   1 
ATOM   797  O  O   . LYS A 1 107 ? 4.352   -10.589 1.722   1.00 25.67 ? 153 LYS A O   1 
ATOM   798  C  CB  . LYS A 1 107 ? 5.693   -12.540 -0.598  1.00 25.42 ? 153 LYS A CB  1 
ATOM   799  C  CG  . LYS A 1 107 ? 6.760   -13.603 -0.866  1.00 25.45 ? 153 LYS A CG  1 
ATOM   800  C  CD  . LYS A 1 107 ? 6.457   -14.458 -2.105  1.00 27.06 ? 153 LYS A CD  1 
ATOM   801  C  CE  . LYS A 1 107 ? 7.531   -15.526 -2.216  1.00 31.10 ? 153 LYS A CE  1 
ATOM   802  N  NZ  . LYS A 1 107 ? 7.281   -16.500 -3.317  1.00 34.22 ? 153 LYS A NZ  1 
ATOM   803  N  N   . CYS A 1 108 ? 4.872   -9.519  -0.196  1.00 26.09 ? 154 CYS A N   1 
ATOM   804  C  CA  . CYS A 1 108 ? 3.870   -8.472  -0.027  1.00 26.10 ? 154 CYS A CA  1 
ATOM   805  C  C   . CYS A 1 108 ? 2.949   -8.441  -1.236  1.00 26.39 ? 154 CYS A C   1 
ATOM   806  O  O   . CYS A 1 108 ? 3.402   -8.618  -2.371  1.00 26.03 ? 154 CYS A O   1 
ATOM   807  C  CB  . CYS A 1 108 ? 4.538   -7.112  0.197   1.00 26.58 ? 154 CYS A CB  1 
ATOM   808  S  SG  . CYS A 1 108 ? 3.336   -5.839  0.718   1.00 28.76 ? 154 CYS A SG  1 
ATOM   809  N  N   . TYR A 1 109 ? 1.655   -8.252  -0.995  1.00 26.04 ? 155 TYR A N   1 
ATOM   810  C  CA  . TYR A 1 109 ? 0.650   -8.264  -2.049  1.00 26.35 ? 155 TYR A CA  1 
ATOM   811  C  C   . TYR A 1 109 ? -0.238  -7.039  -1.957  1.00 27.11 ? 155 TYR A C   1 
ATOM   812  O  O   . TYR A 1 109 ? -0.470  -6.511  -0.860  1.00 27.53 ? 155 TYR A O   1 
ATOM   813  C  CB  . TYR A 1 109 ? -0.239  -9.522  -1.949  1.00 26.79 ? 155 TYR A CB  1 
ATOM   814  C  CG  . TYR A 1 109 ? 0.557   -10.797 -2.063  1.00 26.21 ? 155 TYR A CG  1 
ATOM   815  C  CD1 . TYR A 1 109 ? 1.189   -11.346 -0.942  1.00 27.36 ? 155 TYR A CD1 1 
ATOM   816  C  CD2 . TYR A 1 109 ? 0.732   -11.420 -3.301  1.00 26.75 ? 155 TYR A CD2 1 
ATOM   817  C  CE1 . TYR A 1 109 ? 1.947   -12.501 -1.043  1.00 26.23 ? 155 TYR A CE1 1 
ATOM   818  C  CE2 . TYR A 1 109 ? 1.495   -12.589 -3.418  1.00 24.92 ? 155 TYR A CE2 1 
ATOM   819  C  CZ  . TYR A 1 109 ? 2.088   -13.116 -2.290  1.00 25.61 ? 155 TYR A CZ  1 
ATOM   820  O  OH  . TYR A 1 109 ? 2.853   -14.250 -2.381  1.00 25.96 ? 155 TYR A OH  1 
ATOM   821  N  N   . VAL A 1 110 ? -0.755  -6.620  -3.101  1.00 26.82 ? 156 VAL A N   1 
ATOM   822  C  CA  . VAL A 1 110 ? -1.855  -5.644  -3.142  1.00 27.99 ? 156 VAL A CA  1 
ATOM   823  C  C   . VAL A 1 110 ? -3.166  -6.325  -3.550  1.00 29.11 ? 156 VAL A C   1 
ATOM   824  O  O   . VAL A 1 110 ? -3.189  -7.204  -4.429  1.00 29.17 ? 156 VAL A O   1 
ATOM   825  C  CB  . VAL A 1 110 ? -1.536  -4.439  -4.081  1.00 27.97 ? 156 VAL A CB  1 
ATOM   826  C  CG1 . VAL A 1 110 ? -1.361  -4.905  -5.537  1.00 27.18 ? 156 VAL A CG1 1 
ATOM   827  C  CG2 . VAL A 1 110 ? -2.608  -3.345  -3.983  1.00 28.13 ? 156 VAL A CG2 1 
ATOM   828  N  N   . MET A 1 111 ? -4.264  -5.923  -2.917  1.00 29.42 ? 157 MET A N   1 
ATOM   829  C  CA  . MET A 1 111 ? -5.571  -6.364  -3.377  1.00 31.57 ? 157 MET A CA  1 
ATOM   830  C  C   . MET A 1 111 ? -6.536  -5.189  -3.434  1.00 31.65 ? 157 MET A C   1 
ATOM   831  O  O   . MET A 1 111 ? -6.703  -4.469  -2.444  1.00 31.87 ? 157 MET A O   1 
ATOM   832  C  CB  . MET A 1 111 ? -6.125  -7.489  -2.477  1.00 30.71 ? 157 MET A CB  1 
ATOM   833  C  CG  . MET A 1 111 ? -7.574  -7.885  -2.776  1.00 32.22 ? 157 MET A CG  1 
ATOM   834  S  SD  . MET A 1 111 ? -8.215  -9.027  -1.529  1.00 36.42 ? 157 MET A SD  1 
ATOM   835  C  CE  . MET A 1 111 ? -7.472  -10.563 -2.055  1.00 34.56 ? 157 MET A CE  1 
ATOM   836  N  N   . ASP A 1 112 ? -7.163  -5.018  -4.593  1.00 32.35 ? 158 ASP A N   1 
ATOM   837  C  CA  . ASP A 1 112 ? -8.177  -3.988  -4.814  1.00 33.34 ? 158 ASP A CA  1 
ATOM   838  C  C   . ASP A 1 112 ? -9.471  -4.476  -4.177  1.00 34.00 ? 158 ASP A C   1 
ATOM   839  O  O   . ASP A 1 112 ? -9.884  -5.623  -4.394  1.00 33.79 ? 158 ASP A O   1 
ATOM   840  C  CB  . ASP A 1 112 ? -8.402  -3.767  -6.307  1.00 33.13 ? 158 ASP A CB  1 
ATOM   841  C  CG  . ASP A 1 112 ? -9.509  -2.768  -6.586  1.00 34.30 ? 158 ASP A CG  1 
ATOM   842  O  OD1 . ASP A 1 112 ? -9.250  -1.551  -6.501  1.00 36.03 ? 158 ASP A OD1 1 
ATOM   843  O  OD2 . ASP A 1 112 ? -10.639 -3.202  -6.879  1.00 36.76 ? 158 ASP A OD2 1 
ATOM   844  N  N   . LEU A 1 113 ? -10.093 -3.617  -3.376  1.00 34.81 ? 159 LEU A N   1 
ATOM   845  C  CA  . LEU A 1 113 ? -11.237 -4.034  -2.572  1.00 36.10 ? 159 LEU A CA  1 
ATOM   846  C  C   . LEU A 1 113 ? -12.542 -3.701  -3.285  1.00 37.36 ? 159 LEU A C   1 
ATOM   847  O  O   . LEU A 1 113 ? -13.439 -3.083  -2.704  1.00 37.79 ? 159 LEU A O   1 
ATOM   848  C  CB  . LEU A 1 113 ? -11.165 -3.421  -1.165  1.00 36.20 ? 159 LEU A CB  1 
ATOM   849  C  CG  . LEU A 1 113 ? -10.001 -3.898  -0.292  1.00 35.58 ? 159 LEU A CG  1 
ATOM   850  C  CD1 . LEU A 1 113 ? -10.017 -3.176  1.029   1.00 37.32 ? 159 LEU A CD1 1 
ATOM   851  C  CD2 . LEU A 1 113 ? -10.018 -5.405  -0.076  1.00 35.67 ? 159 LEU A CD2 1 
ATOM   852  N  N   . ASP A 1 114 ? -12.629 -4.134  -4.543  1.00 38.02 ? 160 ASP A N   1 
ATOM   853  C  CA  . ASP A 1 114 ? -13.705 -3.773  -5.459  1.00 39.41 ? 160 ASP A CA  1 
ATOM   854  C  C   . ASP A 1 114 ? -13.994 -2.274  -5.397  1.00 39.29 ? 160 ASP A C   1 
ATOM   855  O  O   . ASP A 1 114 ? -15.130 -1.840  -5.167  1.00 39.90 ? 160 ASP A O   1 
ATOM   856  C  CB  . ASP A 1 114 ? -14.949 -4.643  -5.217  1.00 40.47 ? 160 ASP A CB  1 
ATOM   857  C  CG  . ASP A 1 114 ? -14.741 -6.093  -5.644  1.00 42.85 ? 160 ASP A CG  1 
ATOM   858  O  OD1 . ASP A 1 114 ? -14.279 -6.333  -6.783  1.00 45.87 ? 160 ASP A OD1 1 
ATOM   859  O  OD2 . ASP A 1 114 ? -15.050 -7.008  -4.839  1.00 47.25 ? 160 ASP A OD2 1 
ATOM   860  N  N   . SER A 1 115 ? -12.938 -1.484  -5.590  1.00 38.41 ? 161 SER A N   1 
ATOM   861  C  CA  . SER A 1 115 ? -13.040 -0.030  -5.593  1.00 38.18 ? 161 SER A CA  1 
ATOM   862  C  C   . SER A 1 115 ? -13.839 0.417   -6.817  1.00 38.49 ? 161 SER A C   1 
ATOM   863  O  O   . SER A 1 115 ? -13.965 -0.338  -7.800  1.00 38.22 ? 161 SER A O   1 
ATOM   864  C  CB  . SER A 1 115 ? -11.640 0.606   -5.598  1.00 38.23 ? 161 SER A CB  1 
ATOM   865  O  OG  . SER A 1 115 ? -10.951 0.309   -6.807  1.00 36.84 ? 161 SER A OG  1 
ATOM   866  N  N   . SER A 1 116 ? -14.390 1.629   -6.757  1.00 38.85 ? 162 SER A N   1 
ATOM   867  C  CA  . SER A 1 116 ? -15.184 2.159   -7.866  1.00 39.57 ? 162 SER A CA  1 
ATOM   868  C  C   . SER A 1 116 ? -14.343 2.335   -9.121  1.00 39.05 ? 162 SER A C   1 
ATOM   869  O  O   . SER A 1 116 ? -14.775 1.989   -10.218 1.00 39.58 ? 162 SER A O   1 
ATOM   870  C  CB  . SER A 1 116 ? -15.842 3.496   -7.509  1.00 40.14 ? 162 SER A CB  1 
ATOM   871  O  OG  . SER A 1 116 ? -16.782 3.337   -6.457  1.00 42.78 ? 162 SER A OG  1 
ATOM   872  N  N   . ASN A 1 117 ? -13.135 2.861   -8.960  1.00 38.19 ? 163 ASN A N   1 
ATOM   873  C  CA  . ASN A 1 117 ? -12.353 3.270   -10.110 1.00 37.52 ? 163 ASN A CA  1 
ATOM   874  C  C   . ASN A 1 117 ? -11.172 2.358   -10.461 1.00 36.94 ? 163 ASN A C   1 
ATOM   875  O  O   . ASN A 1 117 ? -10.555 2.527   -11.504 1.00 37.68 ? 163 ASN A O   1 
ATOM   876  C  CB  . ASN A 1 117 ? -11.946 4.742   -9.981  1.00 37.91 ? 163 ASN A CB  1 
ATOM   877  C  CG  . ASN A 1 117 ? -13.139 5.680   -10.123 1.00 38.60 ? 163 ASN A CG  1 
ATOM   878  O  OD1 . ASN A 1 117 ? -13.964 5.529   -11.031 1.00 40.21 ? 163 ASN A OD1 1 
ATOM   879  N  ND2 . ASN A 1 117 ? -13.249 6.638   -9.217  1.00 39.27 ? 163 ASN A ND2 1 
ATOM   880  N  N   . GLY A 1 118 ? -10.889 1.391   -9.596  1.00 35.97 ? 164 GLY A N   1 
ATOM   881  C  CA  . GLY A 1 118 ? -9.831  0.419   -9.822  1.00 34.48 ? 164 GLY A CA  1 
ATOM   882  C  C   . GLY A 1 118 ? -8.501  0.825   -9.219  1.00 33.73 ? 164 GLY A C   1 
ATOM   883  O  O   . GLY A 1 118 ? -8.281  1.990   -8.887  1.00 33.88 ? 164 GLY A O   1 
ATOM   884  N  N   . THR A 1 119 ? -7.611  -0.152  -9.085  1.00 33.18 ? 165 THR A N   1 
ATOM   885  C  CA  . THR A 1 119 ? -6.244  0.093   -8.656  1.00 31.82 ? 165 THR A CA  1 
ATOM   886  C  C   . THR A 1 119 ? -5.318  -0.309  -9.806  1.00 32.55 ? 165 THR A C   1 
ATOM   887  O  O   . THR A 1 119 ? -5.449  -1.410  -10.362 1.00 31.79 ? 165 THR A O   1 
ATOM   888  C  CB  . THR A 1 119 ? -5.892  -0.730  -7.412  1.00 32.64 ? 165 THR A CB  1 
ATOM   889  O  OG1 . THR A 1 119 ? -6.844  -0.448  -6.374  1.00 30.62 ? 165 THR A OG1 1 
ATOM   890  C  CG2 . THR A 1 119 ? -4.472  -0.409  -6.919  1.00 30.79 ? 165 THR A CG2 1 
ATOM   891  N  N   . CYS A 1 120 ? -4.398  0.594   -10.138 1.00 32.29 ? 166 CYS A N   1 
ATOM   892  C  CA  . CYS A 1 120 ? -3.375  0.358   -11.154 1.00 33.29 ? 166 CYS A CA  1 
ATOM   893  C  C   . CYS A 1 120 ? -2.030  0.063   -10.516 1.00 32.55 ? 166 CYS A C   1 
ATOM   894  O  O   . CYS A 1 120 ? -1.559  0.797   -9.633  1.00 32.16 ? 166 CYS A O   1 
ATOM   895  C  CB  . CYS A 1 120 ? -3.252  1.571   -12.077 1.00 33.62 ? 166 CYS A CB  1 
ATOM   896  S  SG  . CYS A 1 120 ? -4.667  1.769   -13.174 1.00 39.94 ? 166 CYS A SG  1 
ATOM   897  N  N   . LEU A 1 121 ? -1.426  -1.038  -10.952 1.00 32.16 ? 167 LEU A N   1 
ATOM   898  C  CA  . LEU A 1 121 ? -0.086  -1.395  -10.569 1.00 31.59 ? 167 LEU A CA  1 
ATOM   899  C  C   . LEU A 1 121 ? 0.783   -1.266  -11.834 1.00 31.65 ? 167 LEU A C   1 
ATOM   900  O  O   . LEU A 1 121 ? 0.558   -1.984  -12.817 1.00 30.39 ? 167 LEU A O   1 
ATOM   901  C  CB  . LEU A 1 121 ? -0.064  -2.842  -10.046 1.00 32.30 ? 167 LEU A CB  1 
ATOM   902  C  CG  . LEU A 1 121 ? 1.302   -3.419  -9.673  1.00 31.87 ? 167 LEU A CG  1 
ATOM   903  C  CD1 . LEU A 1 121 ? 1.980   -2.575  -8.616  1.00 33.65 ? 167 LEU A CD1 1 
ATOM   904  C  CD2 . LEU A 1 121 ? 1.177   -4.878  -9.223  1.00 33.16 ? 167 LEU A CD2 1 
ATOM   905  N  N   . ASN A 1 122 ? 1.743   -0.341  -11.814 1.00 31.30 ? 168 ASN A N   1 
ATOM   906  C  CA  . ASN A 1 122 ? 2.608   -0.086  -12.979 1.00 32.22 ? 168 ASN A CA  1 
ATOM   907  C  C   . ASN A 1 122 ? 1.775   0.103   -14.243 1.00 33.48 ? 168 ASN A C   1 
ATOM   908  O  O   . ASN A 1 122 ? 2.053   -0.504  -15.286 1.00 33.86 ? 168 ASN A O   1 
ATOM   909  C  CB  . ASN A 1 122 ? 3.643   -1.203  -13.154 1.00 31.57 ? 168 ASN A CB  1 
ATOM   910  C  CG  . ASN A 1 122 ? 4.568   -1.332  -11.966 1.00 30.94 ? 168 ASN A CG  1 
ATOM   911  O  OD1 . ASN A 1 122 ? 4.991   -0.331  -11.379 1.00 31.07 ? 168 ASN A OD1 1 
ATOM   912  N  ND2 . ASN A 1 122 ? 4.909   -2.573  -11.612 1.00 30.62 ? 168 ASN A ND2 1 
ATOM   913  N  N   . ASN A 1 123 ? 0.730   0.919   -14.101 1.00 34.18 ? 169 ASN A N   1 
ATOM   914  C  CA  . ASN A 1 123 ? -0.184  1.335   -15.169 1.00 35.82 ? 169 ASN A CA  1 
ATOM   915  C  C   . ASN A 1 123 ? -1.110  0.224   -15.675 1.00 36.88 ? 169 ASN A C   1 
ATOM   916  O  O   . ASN A 1 123 ? -1.769  0.398   -16.696 1.00 38.97 ? 169 ASN A O   1 
ATOM   917  C  CB  . ASN A 1 123 ? 0.573   2.020   -16.329 1.00 35.83 ? 169 ASN A CB  1 
ATOM   918  C  CG  . ASN A 1 123 ? 1.509   3.126   -15.855 1.00 36.85 ? 169 ASN A CG  1 
ATOM   919  O  OD1 . ASN A 1 123 ? 2.739   2.994   -15.927 1.00 38.03 ? 169 ASN A OD1 1 
ATOM   920  N  ND2 . ASN A 1 123 ? 0.936   4.208   -15.351 1.00 39.21 ? 169 ASN A ND2 1 
ATOM   921  N  N   . VAL A 1 124 ? -1.148  -0.908  -14.967 1.00 37.66 ? 170 VAL A N   1 
ATOM   922  C  CA  . VAL A 1 124 ? -2.042  -2.042  -15.267 1.00 38.14 ? 170 VAL A CA  1 
ATOM   923  C  C   . VAL A 1 124 ? -3.167  -2.035  -14.235 1.00 37.21 ? 170 VAL A C   1 
ATOM   924  O  O   . VAL A 1 124 ? -2.891  -2.135  -13.046 1.00 36.91 ? 170 VAL A O   1 
ATOM   925  C  CB  . VAL A 1 124 ? -1.314  -3.425  -15.106 1.00 38.52 ? 170 VAL A CB  1 
ATOM   926  C  CG1 . VAL A 1 124 ? -2.297  -4.620  -15.257 1.00 39.78 ? 170 VAL A CG1 1 
ATOM   927  C  CG2 . VAL A 1 124 ? -0.142  -3.568  -16.067 1.00 40.08 ? 170 VAL A CG2 1 
ATOM   928  N  N   . VAL A 1 125 ? -4.421  -1.947  -14.683 1.00 37.00 ? 171 VAL A N   1 
ATOM   929  C  CA  . VAL A 1 125 ? -5.563  -2.134  -13.768 1.00 36.45 ? 171 VAL A CA  1 
ATOM   930  C  C   . VAL A 1 125 ? -5.558  -3.589  -13.322 1.00 36.31 ? 171 VAL A C   1 
ATOM   931  O  O   . VAL A 1 125 ? -5.609  -4.501  -14.167 1.00 36.12 ? 171 VAL A O   1 
ATOM   932  C  CB  . VAL A 1 125 ? -6.926  -1.826  -14.434 1.00 37.30 ? 171 VAL A CB  1 
ATOM   933  C  CG1 . VAL A 1 125 ? -8.084  -2.265  -13.518 1.00 36.79 ? 171 VAL A CG1 1 
ATOM   934  C  CG2 . VAL A 1 125 ? -7.045  -0.358  -14.762 1.00 36.73 ? 171 VAL A CG2 1 
ATOM   935  N  N   . ILE A 1 126 ? -5.479  -3.815  -12.011 1.00 35.11 ? 172 ILE A N   1 
ATOM   936  C  CA  . ILE A 1 126 ? -5.431  -5.182  -11.492 1.00 35.35 ? 172 ILE A CA  1 
ATOM   937  C  C   . ILE A 1 126 ? -6.846  -5.753  -11.384 1.00 36.04 ? 172 ILE A C   1 
ATOM   938  O  O   . ILE A 1 126 ? -7.809  -4.983  -11.262 1.00 36.38 ? 172 ILE A O   1 
ATOM   939  C  CB  . ILE A 1 126 ? -4.638  -5.301  -10.149 1.00 35.10 ? 172 ILE A CB  1 
ATOM   940  C  CG1 . ILE A 1 126 ? -5.372  -4.620  -8.977  1.00 34.36 ? 172 ILE A CG1 1 
ATOM   941  C  CG2 . ILE A 1 126 ? -3.223  -4.731  -10.321 1.00 34.49 ? 172 ILE A CG2 1 
ATOM   942  C  CD1 . ILE A 1 126 ? -4.627  -4.703  -7.643  1.00 34.05 ? 172 ILE A CD1 1 
ATOM   943  N  N   . PRO A 1 127 ? -6.984  -7.092  -11.441 1.00 36.77 ? 173 PRO A N   1 
ATOM   944  C  CA  . PRO A 1 127 ? -8.309  -7.688  -11.235 1.00 36.94 ? 173 PRO A CA  1 
ATOM   945  C  C   . PRO A 1 127 ? -8.781  -7.437  -9.801  1.00 37.38 ? 173 PRO A C   1 
ATOM   946  O  O   . PRO A 1 127 ? -7.961  -7.414  -8.890  1.00 37.49 ? 173 PRO A O   1 
ATOM   947  C  CB  . PRO A 1 127 ? -8.060  -9.184  -11.475 1.00 36.90 ? 173 PRO A CB  1 
ATOM   948  C  CG  . PRO A 1 127 ? -6.601  -9.385  -11.239 1.00 36.67 ? 173 PRO A CG  1 
ATOM   949  C  CD  . PRO A 1 127 ? -5.944  -8.117  -11.677 1.00 36.76 ? 173 PRO A CD  1 
ATOM   950  N  N   . GLY A 1 128 ? -10.083 -7.241  -9.598  1.00 37.12 ? 174 GLY A N   1 
ATOM   951  C  CA  . GLY A 1 128 ? -10.608 -7.024  -8.252  1.00 37.43 ? 174 GLY A CA  1 
ATOM   952  C  C   . GLY A 1 128 ? -10.560 -8.255  -7.361  1.00 37.60 ? 174 GLY A C   1 
ATOM   953  O  O   . GLY A 1 128 ? -10.647 -9.389  -7.837  1.00 37.72 ? 174 GLY A O   1 
ATOM   954  N  N   . ALA A 1 129 ? -10.398 -8.020  -6.062  1.00 37.85 ? 175 ALA A N   1 
ATOM   955  C  CA  . ALA A 1 129 ? -10.467 -9.061  -5.034  1.00 37.74 ? 175 ALA A CA  1 
ATOM   956  C  C   . ALA A 1 129 ? -9.470  -10.224 -5.229  1.00 37.92 ? 175 ALA A C   1 
ATOM   957  O  O   . ALA A 1 129 ? -9.775  -11.382 -4.946  1.00 37.80 ? 175 ALA A O   1 
ATOM   958  C  CB  . ALA A 1 129 ? -11.911 -9.567  -4.904  1.00 38.34 ? 175 ALA A CB  1 
ATOM   959  N  N   . ARG A 1 130 ? -8.269  -9.892  -5.698  1.00 36.83 ? 176 ARG A N   1 
ATOM   960  C  CA  . ARG A 1 130 ? -7.229  -10.867 -5.976  1.00 36.81 ? 176 ARG A CA  1 
ATOM   961  C  C   . ARG A 1 130 ? -5.882  -10.285 -5.523  1.00 35.48 ? 176 ARG A C   1 
ATOM   962  O  O   . ARG A 1 130 ? -5.513  -9.181  -5.946  1.00 34.97 ? 176 ARG A O   1 
ATOM   963  C  CB  . ARG A 1 130 ? -7.208  -11.151 -7.483  1.00 36.95 ? 176 ARG A CB  1 
ATOM   964  C  CG  . ARG A 1 130 ? -6.811  -12.568 -7.880  1.00 39.63 ? 176 ARG A CG  1 
ATOM   965  C  CD  . ARG A 1 130 ? -6.718  -12.712 -9.405  1.00 39.82 ? 176 ARG A CD  1 
ATOM   966  N  NE  . ARG A 1 130 ? -8.042  -12.751 -10.033 1.00 45.64 ? 176 ARG A NE  1 
ATOM   967  C  CZ  . ARG A 1 130 ? -8.262  -12.713 -11.347 1.00 45.85 ? 176 ARG A CZ  1 
ATOM   968  N  NH1 . ARG A 1 130 ? -7.245  -12.623 -12.198 1.00 46.65 ? 176 ARG A NH1 1 
ATOM   969  N  NH2 . ARG A 1 130 ? -9.506  -12.752 -11.806 1.00 46.41 ? 176 ARG A NH2 1 
ATOM   970  N  N   . TYR A 1 131 ? -5.156  -11.008 -4.671  1.00 33.86 ? 177 TYR A N   1 
ATOM   971  C  CA  . TYR A 1 131 ? -3.785  -10.616 -4.328  1.00 33.10 ? 177 TYR A CA  1 
ATOM   972  C  C   . TYR A 1 131 ? -2.858  -10.662 -5.543  1.00 32.97 ? 177 TYR A C   1 
ATOM   973  O  O   . TYR A 1 131 ? -2.827  -11.655 -6.274  1.00 33.16 ? 177 TYR A O   1 
ATOM   974  C  CB  . TYR A 1 131 ? -3.190  -11.510 -3.243  1.00 33.23 ? 177 TYR A CB  1 
ATOM   975  C  CG  . TYR A 1 131 ? -3.803  -11.378 -1.869  1.00 32.97 ? 177 TYR A CG  1 
ATOM   976  C  CD1 . TYR A 1 131 ? -4.406  -12.481 -1.255  1.00 31.45 ? 177 TYR A CD1 1 
ATOM   977  C  CD2 . TYR A 1 131 ? -3.747  -10.168 -1.166  1.00 32.50 ? 177 TYR A CD2 1 
ATOM   978  C  CE1 . TYR A 1 131 ? -4.964  -12.377 0.022   1.00 33.48 ? 177 TYR A CE1 1 
ATOM   979  C  CE2 . TYR A 1 131 ? -4.312  -10.051 0.115   1.00 33.58 ? 177 TYR A CE2 1 
ATOM   980  C  CZ  . TYR A 1 131 ? -4.911  -11.158 0.702   1.00 34.37 ? 177 TYR A CZ  1 
ATOM   981  O  OH  . TYR A 1 131 ? -5.465  -11.054 1.968   1.00 35.03 ? 177 TYR A OH  1 
ATOM   982  N  N   . ILE A 1 132 ? -2.098  -9.587  -5.729  1.00 31.91 ? 178 ILE A N   1 
ATOM   983  C  CA  . ILE A 1 132 ? -1.105  -9.469  -6.793  1.00 30.74 ? 178 ILE A CA  1 
ATOM   984  C  C   . ILE A 1 132 ? 0.212   -9.103  -6.115  1.00 30.70 ? 178 ILE A C   1 
ATOM   985  O  O   . ILE A 1 132 ? 0.260   -8.170  -5.303  1.00 29.39 ? 178 ILE A O   1 
ATOM   986  C  CB  . ILE A 1 132 ? -1.514  -8.370  -7.807  1.00 31.37 ? 178 ILE A CB  1 
ATOM   987  C  CG1 . ILE A 1 132 ? -2.911  -8.644  -8.399  1.00 30.99 ? 178 ILE A CG1 1 
ATOM   988  C  CG2 . ILE A 1 132 ? -0.432  -8.169  -8.881  1.00 30.82 ? 178 ILE A CG2 1 
ATOM   989  C  CD1 . ILE A 1 132 ? -3.040  -9.936  -9.242  1.00 33.53 ? 178 ILE A CD1 1 
ATOM   990  N  N   . GLU A 1 133 ? 1.278   -9.849  -6.408  1.00 30.21 ? 179 GLU A N   1 
ATOM   991  C  CA  . GLU A 1 133 ? 2.548   -9.647  -5.703  1.00 30.58 ? 179 GLU A CA  1 
ATOM   992  C  C   . GLU A 1 133 ? 3.167   -8.290  -6.046  1.00 30.38 ? 179 GLU A C   1 
ATOM   993  O  O   . GLU A 1 133 ? 3.183   -7.885  -7.212  1.00 30.31 ? 179 GLU A O   1 
ATOM   994  C  CB  . GLU A 1 133 ? 3.568   -10.783 -5.959  1.00 30.73 ? 179 GLU A CB  1 
ATOM   995  C  CG  . GLU A 1 133 ? 4.833   -10.593 -5.093  1.00 31.34 ? 179 GLU A CG  1 
ATOM   996  C  CD  . GLU A 1 133 ? 5.821   -11.735 -5.099  1.00 33.30 ? 179 GLU A CD  1 
ATOM   997  O  OE1 . GLU A 1 133 ? 5.554   -12.779 -5.716  1.00 34.74 ? 179 GLU A OE1 1 
ATOM   998  O  OE2 . GLU A 1 133 ? 6.895   -11.568 -4.464  1.00 39.39 ? 179 GLU A OE2 1 
ATOM   999  N  N   . LEU A 1 134 ? 3.661   -7.601  -5.019  1.00 29.33 ? 180 LEU A N   1 
ATOM   1000 C  CA  . LEU A 1 134 ? 4.319   -6.311  -5.163  1.00 29.87 ? 180 LEU A CA  1 
ATOM   1001 C  C   . LEU A 1 134 ? 5.815   -6.519  -5.161  1.00 30.37 ? 180 LEU A C   1 
ATOM   1002 O  O   . LEU A 1 134 ? 6.325   -7.395  -4.463  1.00 31.94 ? 180 LEU A O   1 
ATOM   1003 C  CB  . LEU A 1 134 ? 3.954   -5.393  -3.994  1.00 29.24 ? 180 LEU A CB  1 
ATOM   1004 C  CG  . LEU A 1 134 ? 2.529   -4.848  -3.950  1.00 28.33 ? 180 LEU A CG  1 
ATOM   1005 C  CD1 . LEU A 1 134 ? 2.290   -4.219  -2.595  1.00 29.91 ? 180 LEU A CD1 1 
ATOM   1006 C  CD2 . LEU A 1 134 ? 2.319   -3.820  -5.041  1.00 28.37 ? 180 LEU A CD2 1 
ATOM   1007 N  N   A ARG A 1 135 ? 6.522   -5.689  -5.918  0.50 30.39 ? 181 ARG A N   1 
ATOM   1008 N  N   B ARG A 1 135 ? 6.522   -5.729  -5.963  0.50 30.62 ? 181 ARG A N   1 
ATOM   1009 C  CA  A ARG A 1 135 ? 7.977   -5.739  -5.969  0.50 30.15 ? 181 ARG A CA  1 
ATOM   1010 C  CA  B ARG A 1 135 ? 7.982   -5.736  -5.979  0.50 30.67 ? 181 ARG A CA  1 
ATOM   1011 C  C   A ARG A 1 135 ? 8.511   -4.332  -5.751  0.50 29.80 ? 181 ARG A C   1 
ATOM   1012 C  C   B ARG A 1 135 ? 8.486   -4.329  -5.701  0.50 30.08 ? 181 ARG A C   1 
ATOM   1013 O  O   A ARG A 1 135 ? 7.856   -3.357  -6.118  0.50 29.19 ? 181 ARG A O   1 
ATOM   1014 O  O   B ARG A 1 135 ? 7.791   -3.354  -5.985  0.50 29.48 ? 181 ARG A O   1 
ATOM   1015 C  CB  A ARG A 1 135 ? 8.432   -6.303  -7.317  0.50 30.57 ? 181 ARG A CB  1 
ATOM   1016 C  CB  B ARG A 1 135 ? 8.510   -6.225  -7.334  0.50 31.20 ? 181 ARG A CB  1 
ATOM   1017 C  CG  A ARG A 1 135 ? 7.679   -7.578  -7.675  0.50 31.99 ? 181 ARG A CG  1 
ATOM   1018 C  CG  B ARG A 1 135 ? 8.389   -7.729  -7.507  0.50 34.39 ? 181 ARG A CG  1 
ATOM   1019 C  CD  A ARG A 1 135 ? 8.485   -8.501  -8.569  0.50 35.11 ? 181 ARG A CD  1 
ATOM   1020 C  CD  B ARG A 1 135 ? 9.222   -8.231  -8.684  0.50 38.60 ? 181 ARG A CD  1 
ATOM   1021 N  NE  A ARG A 1 135 ? 7.943   -9.861  -8.578  0.50 35.13 ? 181 ARG A NE  1 
ATOM   1022 N  NE  B ARG A 1 135 ? 9.639   -9.641  -8.591  0.50 41.34 ? 181 ARG A NE  1 
ATOM   1023 C  CZ  A ARG A 1 135 ? 6.840   -10.225 -9.218  0.50 36.85 ? 181 ARG A CZ  1 
ATOM   1024 C  CZ  B ARG A 1 135 ? 9.216   -10.531 -7.691  0.50 42.66 ? 181 ARG A CZ  1 
ATOM   1025 N  NH1 A ARG A 1 135 ? 6.132   -9.333  -9.894  0.50 37.49 ? 181 ARG A NH1 1 
ATOM   1026 N  NH1 B ARG A 1 135 ? 8.334   -10.206 -6.753  0.50 43.65 ? 181 ARG A NH1 1 
ATOM   1027 N  NH2 A ARG A 1 135 ? 6.431   -11.488 -9.169  0.50 37.60 ? 181 ARG A NH2 1 
ATOM   1028 N  NH2 B ARG A 1 135 ? 9.686   -11.769 -7.734  0.50 44.06 ? 181 ARG A NH2 1 
ATOM   1029 N  N   . SER A 1 136 ? 9.686   -4.218  -5.138  1.00 29.30 ? 182 SER A N   1 
ATOM   1030 C  CA  . SER A 1 136 ? 10.258  -2.895  -4.861  1.00 29.51 ? 182 SER A CA  1 
ATOM   1031 C  C   . SER A 1 136 ? 10.309  -2.042  -6.140  1.00 29.53 ? 182 SER A C   1 
ATOM   1032 O  O   . SER A 1 136 ? 10.642  -2.559  -7.216  1.00 28.69 ? 182 SER A O   1 
ATOM   1033 C  CB  . SER A 1 136 ? 11.636  -3.008  -4.235  1.00 29.53 ? 182 SER A CB  1 
ATOM   1034 O  OG  . SER A 1 136 ? 12.057  -1.750  -3.739  1.00 30.59 ? 182 SER A OG  1 
ATOM   1035 N  N   . GLY A 1 137 ? 9.933   -0.768  -6.028  1.00 28.43 ? 183 GLY A N   1 
ATOM   1036 C  CA  . GLY A 1 137 ? 9.828   0.113   -7.190  1.00 28.31 ? 183 GLY A CA  1 
ATOM   1037 C  C   . GLY A 1 137 ? 8.449   0.151   -7.827  1.00 28.46 ? 183 GLY A C   1 
ATOM   1038 O  O   . GLY A 1 137 ? 8.176   1.027   -8.662  1.00 28.37 ? 183 GLY A O   1 
ATOM   1039 N  N   . ASP A 1 138 ? 7.568   -0.780  -7.450  1.00 27.86 ? 184 ASP A N   1 
ATOM   1040 C  CA  . ASP A 1 138 ? 6.213   -0.819  -8.032  1.00 28.32 ? 184 ASP A CA  1 
ATOM   1041 C  C   . ASP A 1 138 ? 5.430   0.438   -7.693  1.00 28.28 ? 184 ASP A C   1 
ATOM   1042 O  O   . ASP A 1 138 ? 5.508   0.929   -6.562  1.00 29.40 ? 184 ASP A O   1 
ATOM   1043 C  CB  . ASP A 1 138 ? 5.396   -2.037  -7.567  1.00 28.14 ? 184 ASP A CB  1 
ATOM   1044 C  CG  . ASP A 1 138 ? 5.733   -3.305  -8.339  1.00 30.71 ? 184 ASP A CG  1 
ATOM   1045 O  OD1 . ASP A 1 138 ? 6.549   -3.244  -9.305  1.00 30.68 ? 184 ASP A OD1 1 
ATOM   1046 O  OD2 . ASP A 1 138 ? 5.175   -4.364  -7.975  1.00 30.14 ? 184 ASP A OD2 1 
ATOM   1047 N  N   . VAL A 1 139 ? 4.676   0.930   -8.674  1.00 28.07 ? 185 VAL A N   1 
ATOM   1048 C  CA  . VAL A 1 139 ? 3.889   2.160   -8.535  1.00 28.35 ? 185 VAL A CA  1 
ATOM   1049 C  C   . VAL A 1 139 ? 2.406   1.832   -8.525  1.00 28.45 ? 185 VAL A C   1 
ATOM   1050 O  O   . VAL A 1 139 ? 1.885   1.201   -9.450  1.00 27.84 ? 185 VAL A O   1 
ATOM   1051 C  CB  . VAL A 1 139 ? 4.202   3.191   -9.646  1.00 28.50 ? 185 VAL A CB  1 
ATOM   1052 C  CG1 . VAL A 1 139 ? 3.542   4.532   -9.317  1.00 28.77 ? 185 VAL A CG1 1 
ATOM   1053 C  CG2 . VAL A 1 139 ? 5.690   3.398   -9.749  1.00 29.73 ? 185 VAL A CG2 1 
ATOM   1054 N  N   . LEU A 1 140 ? 1.726   2.243   -7.449  1.00 28.32 ? 186 LEU A N   1 
ATOM   1055 C  CA  . LEU A 1 140 ? 0.278   2.137   -7.370  1.00 28.61 ? 186 LEU A CA  1 
ATOM   1056 C  C   . LEU A 1 140 ? -0.366  3.500   -7.581  1.00 28.75 ? 186 LEU A C   1 
ATOM   1057 O  O   . LEU A 1 140 ? 0.113   4.524   -7.065  1.00 28.44 ? 186 LEU A O   1 
ATOM   1058 C  CB  . LEU A 1 140 ? -0.168  1.594   -6.001  1.00 28.71 ? 186 LEU A CB  1 
ATOM   1059 C  CG  . LEU A 1 140 ? 0.212   0.159   -5.603  1.00 29.28 ? 186 LEU A CG  1 
ATOM   1060 C  CD1 . LEU A 1 140 ? -0.011  -0.052  -4.102  1.00 29.59 ? 186 LEU A CD1 1 
ATOM   1061 C  CD2 . LEU A 1 140 ? -0.571  -0.854  -6.411  1.00 29.90 ? 186 LEU A CD2 1 
ATOM   1062 N  N   . THR A 1 141 ? -1.442  3.502   -8.351  1.00 29.75 ? 187 THR A N   1 
ATOM   1063 C  CA  . THR A 1 141 ? -2.319  4.671   -8.471  1.00 30.76 ? 187 THR A CA  1 
ATOM   1064 C  C   . THR A 1 141 ? -3.773  4.209   -8.242  1.00 31.56 ? 187 THR A C   1 
ATOM   1065 O  O   . THR A 1 141 ? -4.130  3.047   -8.516  1.00 31.34 ? 187 THR A O   1 
ATOM   1066 C  CB  . THR A 1 141 ? -2.128  5.423   -9.815  1.00 31.47 ? 187 THR A CB  1 
ATOM   1067 O  OG1 . THR A 1 141 ? -2.234  4.505   -10.901 1.00 32.56 ? 187 THR A OG1 1 
ATOM   1068 C  CG2 . THR A 1 141 ? -0.761  6.051   -9.893  1.00 30.79 ? 187 THR A CG2 1 
ATOM   1069 N  N   . LEU A 1 142 ? -4.602  5.105   -7.709  1.00 31.96 ? 188 LEU A N   1 
ATOM   1070 C  CA  . LEU A 1 142 ? -5.918  4.720   -7.200  1.00 33.96 ? 188 LEU A CA  1 
ATOM   1071 C  C   . LEU A 1 142 ? -7.083  5.025   -8.150  1.00 35.66 ? 188 LEU A C   1 
ATOM   1072 O  O   . LEU A 1 142 ? -8.188  5.331   -7.712  1.00 35.37 ? 188 LEU A O   1 
ATOM   1073 C  CB  . LEU A 1 142 ? -6.146  5.365   -5.820  1.00 33.39 ? 188 LEU A CB  1 
ATOM   1074 C  CG  . LEU A 1 142 ? -5.067  5.105   -4.767  1.00 33.90 ? 188 LEU A CG  1 
ATOM   1075 C  CD1 . LEU A 1 142 ? -5.474  5.733   -3.401  1.00 34.10 ? 188 LEU A CD1 1 
ATOM   1076 C  CD2 . LEU A 1 142 ? -4.784  3.622   -4.620  1.00 32.87 ? 188 LEU A CD2 1 
ATOM   1077 N  N   . SER A 1 143 ? -6.819  4.959   -9.451  1.00 37.62 ? 189 SER A N   1 
ATOM   1078 C  CA  . SER A 1 143 ? -7.869  5.009   -10.472 1.00 40.10 ? 189 SER A CA  1 
ATOM   1079 C  C   . SER A 1 143 ? -7.301  4.472   -11.775 1.00 41.74 ? 189 SER A C   1 
ATOM   1080 O  O   . SER A 1 143 ? -6.111  4.640   -12.046 1.00 42.05 ? 189 SER A O   1 
ATOM   1081 C  CB  . SER A 1 143 ? -8.372  6.432   -10.713 1.00 39.94 ? 189 SER A CB  1 
ATOM   1082 O  OG  . SER A 1 143 ? -9.330  6.450   -11.770 1.00 41.02 ? 189 SER A OG  1 
ATOM   1083 N  N   . GLU A 1 144 ? -8.166  3.851   -12.569 1.00 43.62 ? 190 GLU A N   1 
ATOM   1084 C  CA  . GLU A 1 144 ? -7.822  3.415   -13.920 1.00 46.16 ? 190 GLU A CA  1 
ATOM   1085 C  C   . GLU A 1 144 ? -7.648  4.608   -14.872 1.00 47.03 ? 190 GLU A C   1 
ATOM   1086 O  O   . GLU A 1 144 ? -7.246  4.433   -16.029 1.00 47.51 ? 190 GLU A O   1 
ATOM   1087 C  CB  . GLU A 1 144 ? -8.893  2.460   -14.458 1.00 46.00 ? 190 GLU A CB  1 
ATOM   1088 C  CG  . GLU A 1 144 ? -10.247 3.116   -14.726 1.00 47.36 ? 190 GLU A CG  1 
ATOM   1089 C  CD  . GLU A 1 144 ? -11.192 2.216   -15.496 1.00 48.31 ? 190 GLU A CD  1 
ATOM   1090 O  OE1 . GLU A 1 144 ? -12.355 2.064   -15.061 1.00 50.79 ? 190 GLU A OE1 1 
ATOM   1091 O  OE2 . GLU A 1 144 ? -10.771 1.660   -16.535 1.00 51.04 ? 190 GLU A OE2 1 
ATOM   1092 N  N   . PHE A 1 145 ? -7.963  5.809   -14.383 1.00 48.11 ? 191 PHE A N   1 
ATOM   1093 C  CA  . PHE A 1 145 ? -7.849  7.047   -15.161 1.00 49.10 ? 191 PHE A CA  1 
ATOM   1094 C  C   . PHE A 1 145 ? -6.748  7.925   -14.586 1.00 49.43 ? 191 PHE A C   1 
ATOM   1095 O  O   . PHE A 1 145 ? -6.952  8.609   -13.569 1.00 49.51 ? 191 PHE A O   1 
ATOM   1096 C  CB  . PHE A 1 145 ? -9.180  7.817   -15.174 1.00 49.35 ? 191 PHE A CB  1 
ATOM   1097 C  CG  . PHE A 1 145 ? -10.362 6.986   -15.594 1.00 50.48 ? 191 PHE A CG  1 
ATOM   1098 C  CD1 . PHE A 1 145 ? -11.345 6.639   -14.672 1.00 51.55 ? 191 PHE A CD1 1 
ATOM   1099 C  CD2 . PHE A 1 145 ? -10.496 6.548   -16.914 1.00 51.57 ? 191 PHE A CD2 1 
ATOM   1100 C  CE1 . PHE A 1 145 ? -12.443 5.866   -15.053 1.00 52.08 ? 191 PHE A CE1 1 
ATOM   1101 C  CE2 . PHE A 1 145 ? -11.590 5.774   -17.306 1.00 51.28 ? 191 PHE A CE2 1 
ATOM   1102 C  CZ  . PHE A 1 145 ? -12.560 5.428   -16.376 1.00 51.56 ? 191 PHE A CZ  1 
ATOM   1103 N  N   . GLU A 1 146 ? -5.590  7.912   -15.247 1.00 49.40 ? 192 GLU A N   1 
ATOM   1104 C  CA  . GLU A 1 146 ? -4.391  8.602   -14.763 1.00 49.91 ? 192 GLU A CA  1 
ATOM   1105 C  C   . GLU A 1 146 ? -4.598  10.107  -14.621 1.00 49.73 ? 192 GLU A C   1 
ATOM   1106 O  O   . GLU A 1 146 ? -4.049  10.743  -13.716 1.00 49.72 ? 192 GLU A O   1 
ATOM   1107 C  CB  . GLU A 1 146 ? -3.196  8.309   -15.679 1.00 50.18 ? 192 GLU A CB  1 
ATOM   1108 C  CG  . GLU A 1 146 ? -1.843  8.395   -14.972 1.00 51.45 ? 192 GLU A CG  1 
ATOM   1109 C  CD  . GLU A 1 146 ? -1.754  7.499   -13.738 1.00 53.50 ? 192 GLU A CD  1 
ATOM   1110 O  OE1 . GLU A 1 146 ? -2.010  6.274   -13.848 1.00 53.32 ? 192 GLU A OE1 1 
ATOM   1111 O  OE2 . GLU A 1 146 ? -1.423  8.029   -12.653 1.00 53.11 ? 192 GLU A OE2 1 
ATOM   1112 N  N   . GLU A 1 147 ? -5.387  10.651  -15.544 1.00 49.92 ? 193 GLU A N   1 
ATOM   1113 C  CA  . GLU A 1 147 ? -5.894  12.027  -15.521 1.00 49.77 ? 193 GLU A CA  1 
ATOM   1114 C  C   . GLU A 1 147 ? -6.472  12.435  -14.148 1.00 49.02 ? 193 GLU A C   1 
ATOM   1115 O  O   . GLU A 1 147 ? -6.310  13.579  -13.711 1.00 48.68 ? 193 GLU A O   1 
ATOM   1116 C  CB  . GLU A 1 147 ? -6.955  12.157  -16.622 1.00 50.49 ? 193 GLU A CB  1 
ATOM   1117 C  CG  . GLU A 1 147 ? -7.780  10.859  -16.775 1.00 52.90 ? 193 GLU A CG  1 
ATOM   1118 C  CD  . GLU A 1 147 ? -8.213  10.555  -18.196 1.00 56.96 ? 193 GLU A CD  1 
ATOM   1119 O  OE1 . GLU A 1 147 ? -7.539  9.737   -18.887 1.00 58.55 ? 193 GLU A OE1 1 
ATOM   1120 O  OE2 . GLU A 1 147 ? -9.239  11.131  -18.620 1.00 58.42 ? 193 GLU A OE2 1 
ATOM   1121 N  N   . ASP A 1 148 ? -7.124  11.488  -13.467 1.00 47.92 ? 194 ASP A N   1 
ATOM   1122 C  CA  . ASP A 1 148 ? -7.727  11.738  -12.151 1.00 46.87 ? 194 ASP A CA  1 
ATOM   1123 C  C   . ASP A 1 148 ? -6.801  11.566  -10.937 1.00 45.70 ? 194 ASP A C   1 
ATOM   1124 O  O   . ASP A 1 148 ? -7.179  11.920  -9.807  1.00 45.44 ? 194 ASP A O   1 
ATOM   1125 C  CB  . ASP A 1 148 ? -8.973  10.864  -11.981 1.00 47.43 ? 194 ASP A CB  1 
ATOM   1126 C  CG  . ASP A 1 148 ? -10.083 11.230  -12.955 1.00 48.06 ? 194 ASP A CG  1 
ATOM   1127 O  OD1 . ASP A 1 148 ? -10.064 12.357  -13.500 1.00 49.33 ? 194 ASP A OD1 1 
ATOM   1128 O  OD2 . ASP A 1 148 ? -10.980 10.390  -13.161 1.00 48.84 ? 194 ASP A OD2 1 
ATOM   1129 N  N   . ASN A 1 149 ? -5.595  11.039  -11.158 1.00 43.80 ? 195 ASN A N   1 
ATOM   1130 C  CA  . ASN A 1 149 ? -4.679  10.763  -10.057 1.00 41.82 ? 195 ASN A CA  1 
ATOM   1131 C  C   . ASN A 1 149 ? -3.708  11.893  -9.814  1.00 40.26 ? 195 ASN A C   1 
ATOM   1132 O  O   . ASN A 1 149 ? -2.889  12.216  -10.677 1.00 39.70 ? 195 ASN A O   1 
ATOM   1133 C  CB  . ASN A 1 149 ? -3.898  9.458   -10.279 1.00 42.26 ? 195 ASN A CB  1 
ATOM   1134 C  CG  . ASN A 1 149 ? -4.791  8.237   -10.319 1.00 42.84 ? 195 ASN A CG  1 
ATOM   1135 O  OD1 . ASN A 1 149 ? -5.749  8.121   -9.551  1.00 45.08 ? 195 ASN A OD1 1 
ATOM   1136 N  ND2 . ASN A 1 149 ? -4.480  7.315   -11.218 1.00 42.82 ? 195 ASN A ND2 1 
ATOM   1137 N  N   . ASP A 1 150 ? -3.787  12.490  -8.632  1.00 37.82 ? 196 ASP A N   1 
ATOM   1138 C  CA  . ASP A 1 150 ? -2.831  13.521  -8.262  1.00 36.51 ? 196 ASP A CA  1 
ATOM   1139 C  C   . ASP A 1 150 ? -1.661  12.943  -7.482  1.00 34.97 ? 196 ASP A C   1 
ATOM   1140 O  O   . ASP A 1 150 ? -0.678  13.638  -7.208  1.00 34.35 ? 196 ASP A O   1 
ATOM   1141 C  CB  . ASP A 1 150 ? -3.518  14.676  -7.511  1.00 37.11 ? 196 ASP A CB  1 
ATOM   1142 C  CG  . ASP A 1 150 ? -4.295  15.594  -8.448  1.00 39.27 ? 196 ASP A CG  1 
ATOM   1143 O  OD1 . ASP A 1 150 ? -3.965  15.640  -9.654  1.00 41.14 ? 196 ASP A OD1 1 
ATOM   1144 O  OD2 . ASP A 1 150 ? -5.245  16.263  -7.991  1.00 42.50 ? 196 ASP A OD2 1 
ATOM   1145 N  N   . TYR A 1 151 ? -1.762  11.655  -7.150  1.00 33.58 ? 197 TYR A N   1 
ATOM   1146 C  CA  . TYR A 1 151 ? -0.760  11.003  -6.307  1.00 32.17 ? 197 TYR A CA  1 
ATOM   1147 C  C   . TYR A 1 151 ? -0.273  9.698   -6.925  1.00 31.62 ? 197 TYR A C   1 
ATOM   1148 O  O   . TYR A 1 151 ? -1.004  9.049   -7.675  1.00 31.80 ? 197 TYR A O   1 
ATOM   1149 C  CB  . TYR A 1 151 ? -1.324  10.767  -4.887  1.00 32.30 ? 197 TYR A CB  1 
ATOM   1150 C  CG  . TYR A 1 151 ? -1.628  12.083  -4.206  1.00 31.16 ? 197 TYR A CG  1 
ATOM   1151 C  CD1 . TYR A 1 151 ? -2.852  12.732  -4.418  1.00 33.32 ? 197 TYR A CD1 1 
ATOM   1152 C  CD2 . TYR A 1 151 ? -0.678  12.717  -3.430  1.00 30.99 ? 197 TYR A CD2 1 
ATOM   1153 C  CE1 . TYR A 1 151 ? -3.125  13.957  -3.835  1.00 31.53 ? 197 TYR A CE1 1 
ATOM   1154 C  CE2 . TYR A 1 151 ? -0.945  13.964  -2.826  1.00 30.96 ? 197 TYR A CE2 1 
ATOM   1155 C  CZ  . TYR A 1 151 ? -2.170  14.573  -3.047  1.00 32.67 ? 197 TYR A CZ  1 
ATOM   1156 O  OH  . TYR A 1 151 ? -2.450  15.805  -2.486  1.00 32.48 ? 197 TYR A OH  1 
ATOM   1157 N  N   . GLU A 1 152 ? 0.966   9.339   -6.630  1.00 31.18 ? 198 GLU A N   1 
ATOM   1158 C  CA  . GLU A 1 152 ? 1.441   7.985   -6.920  1.00 31.43 ? 198 GLU A CA  1 
ATOM   1159 C  C   . GLU A 1 152 ? 2.095   7.402   -5.685  1.00 30.02 ? 198 GLU A C   1 
ATOM   1160 O  O   . GLU A 1 152 ? 2.789   8.098   -4.932  1.00 28.81 ? 198 GLU A O   1 
ATOM   1161 C  CB  . GLU A 1 152 ? 2.365   7.907   -8.152  1.00 32.32 ? 198 GLU A CB  1 
ATOM   1162 C  CG  . GLU A 1 152 ? 3.367   9.007   -8.280  1.00 34.20 ? 198 GLU A CG  1 
ATOM   1163 C  CD  . GLU A 1 152 ? 4.480   8.722   -9.299  1.00 34.11 ? 198 GLU A CD  1 
ATOM   1164 O  OE1 . GLU A 1 152 ? 5.643   8.981   -8.941  1.00 36.48 ? 198 GLU A OE1 1 
ATOM   1165 O  OE2 . GLU A 1 152 ? 4.202   8.244   -10.429 1.00 38.28 ? 198 GLU A OE2 1 
ATOM   1166 N  N   . LEU A 1 153 ? 1.856   6.114   -5.474  1.00 28.83 ? 199 LEU A N   1 
ATOM   1167 C  CA  . LEU A 1 153 ? 2.313   5.451   -4.273  1.00 28.98 ? 199 LEU A CA  1 
ATOM   1168 C  C   . LEU A 1 153 ? 3.338   4.402   -4.669  1.00 28.69 ? 199 LEU A C   1 
ATOM   1169 O  O   . LEU A 1 153 ? 3.008   3.460   -5.391  1.00 28.87 ? 199 LEU A O   1 
ATOM   1170 C  CB  . LEU A 1 153 ? 1.129   4.774   -3.559  1.00 29.42 ? 199 LEU A CB  1 
ATOM   1171 C  CG  . LEU A 1 153 ? -0.278  5.405   -3.645  1.00 31.45 ? 199 LEU A CG  1 
ATOM   1172 C  CD1 . LEU A 1 153 ? -1.256  4.637   -2.776  1.00 32.44 ? 199 LEU A CD1 1 
ATOM   1173 C  CD2 . LEU A 1 153 ? -0.322  6.878   -3.293  1.00 30.23 ? 199 LEU A CD2 1 
ATOM   1174 N  N   . ILE A 1 154 ? 4.564   4.560   -4.196  1.00 27.80 ? 200 ILE A N   1 
ATOM   1175 C  CA  . ILE A 1 154 ? 5.630   3.630   -4.573  1.00 28.14 ? 200 ILE A CA  1 
ATOM   1176 C  C   . ILE A 1 154 ? 5.979   2.683   -3.438  1.00 27.86 ? 200 ILE A C   1 
ATOM   1177 O  O   . ILE A 1 154 ? 6.376   3.111   -2.352  1.00 27.40 ? 200 ILE A O   1 
ATOM   1178 C  CB  . ILE A 1 154 ? 6.905   4.364   -5.047  1.00 27.35 ? 200 ILE A CB  1 
ATOM   1179 C  CG1 . ILE A 1 154 ? 6.540   5.490   -6.013  1.00 27.67 ? 200 ILE A CG1 1 
ATOM   1180 C  CG2 . ILE A 1 154 ? 7.913   3.367   -5.673  1.00 27.27 ? 200 ILE A CG2 1 
ATOM   1181 C  CD1 . ILE A 1 154 ? 7.781   6.132   -6.663  1.00 29.52 ? 200 ILE A CD1 1 
ATOM   1182 N  N   . PHE A 1 155 ? 5.804   1.391   -3.711  1.00 28.00 ? 201 PHE A N   1 
ATOM   1183 C  CA  . PHE A 1 155 ? 6.182   0.331   -2.785  1.00 28.83 ? 201 PHE A CA  1 
ATOM   1184 C  C   . PHE A 1 155 ? 7.680   0.098   -2.848  1.00 28.56 ? 201 PHE A C   1 
ATOM   1185 O  O   . PHE A 1 155 ? 8.221   -0.204  -3.917  1.00 30.12 ? 201 PHE A O   1 
ATOM   1186 C  CB  . PHE A 1 155 ? 5.424   -0.970  -3.106  1.00 28.71 ? 201 PHE A CB  1 
ATOM   1187 C  CG  . PHE A 1 155 ? 5.813   -2.128  -2.226  1.00 29.28 ? 201 PHE A CG  1 
ATOM   1188 C  CD1 . PHE A 1 155 ? 6.626   -3.157  -2.718  1.00 29.67 ? 201 PHE A CD1 1 
ATOM   1189 C  CD2 . PHE A 1 155 ? 5.386   -2.187  -0.896  1.00 29.39 ? 201 PHE A CD2 1 
ATOM   1190 C  CE1 . PHE A 1 155 ? 7.005   -4.232  -1.896  1.00 31.28 ? 201 PHE A CE1 1 
ATOM   1191 C  CE2 . PHE A 1 155 ? 5.757   -3.250  -0.070  1.00 28.97 ? 201 PHE A CE2 1 
ATOM   1192 C  CZ  . PHE A 1 155 ? 6.579   -4.276  -0.563  1.00 29.99 ? 201 PHE A CZ  1 
ATOM   1193 N  N   . MET A 1 156 ? 8.347   0.277   -1.715  1.00 28.59 ? 202 MET A N   1 
ATOM   1194 C  CA  . MET A 1 156 ? 9.794   0.128   -1.607  1.00 29.62 ? 202 MET A CA  1 
ATOM   1195 C  C   . MET A 1 156 ? 10.195  -0.939  -0.593  1.00 29.96 ? 202 MET A C   1 
ATOM   1196 O  O   . MET A 1 156 ? 9.652   -0.978  0.521   1.00 29.74 ? 202 MET A O   1 
ATOM   1197 C  CB  . MET A 1 156 ? 10.463  1.458   -1.221  1.00 29.63 ? 202 MET A CB  1 
ATOM   1198 C  CG  . MET A 1 156 ? 10.362  2.573   -2.262  1.00 31.67 ? 202 MET A CG  1 
ATOM   1199 S  SD  . MET A 1 156 ? 11.061  2.045   -3.848  1.00 38.75 ? 202 MET A SD  1 
ATOM   1200 C  CE  . MET A 1 156 ? 12.724  1.607   -3.332  1.00 39.79 ? 202 MET A CE  1 
ATOM   1201 N  N   . ASN A 1 157 ? 11.145  -1.787  -0.989  1.00 30.36 ? 203 ASN A N   1 
ATOM   1202 C  CA  . ASN A 1 157 ? 11.939  -2.616  -0.078  1.00 31.83 ? 203 ASN A CA  1 
ATOM   1203 C  C   . ASN A 1 157 ? 13.272  -1.894  0.052   1.00 32.44 ? 203 ASN A C   1 
ATOM   1204 O  O   . ASN A 1 157 ? 13.825  -1.460  -0.963  1.00 33.10 ? 203 ASN A O   1 
ATOM   1205 C  CB  . ASN A 1 157 ? 12.332  -3.968  -0.705  1.00 32.59 ? 203 ASN A CB  1 
ATOM   1206 C  CG  . ASN A 1 157 ? 11.168  -4.917  -0.933  1.00 33.85 ? 203 ASN A CG  1 
ATOM   1207 O  OD1 . ASN A 1 157 ? 11.397  -6.078  -1.248  1.00 37.28 ? 203 ASN A OD1 1 
ATOM   1208 N  ND2 . ASN A 1 157 ? 9.948   -4.447  -0.805  1.00 35.95 ? 203 ASN A ND2 1 
ATOM   1209 N  N   . VAL A 1 158 ? 13.828  -1.826  1.255   1.00 31.86 ? 204 VAL A N   1 
ATOM   1210 C  CA  . VAL A 1 158 ? 15.145  -1.203  1.450   1.00 32.93 ? 204 VAL A CA  1 
ATOM   1211 C  C   . VAL A 1 158 ? 16.023  -1.982  2.445   1.00 32.84 ? 204 VAL A C   1 
ATOM   1212 O  O   . VAL A 1 158 ? 17.261  -1.923  2.414   1.00 33.19 ? 204 VAL A O   1 
ATOM   1213 C  CB  . VAL A 1 158 ? 15.023  0.294   1.859   1.00 32.98 ? 204 VAL A CB  1 
ATOM   1214 C  CG1 . VAL A 1 158 ? 14.067  1.059   0.925   1.00 33.45 ? 204 VAL A CG1 1 
ATOM   1215 C  CG2 . VAL A 1 158 ? 14.562  0.439   3.311   1.00 33.80 ? 204 VAL A CG2 1 
ATOM   1216 O  OXT . VAL A 1 158 ? 15.513  -2.729  3.298   1.00 32.04 ? 204 VAL A OXT 1 
HETATM 1217 MG MG  . MG  B 2 .   ? -3.618  7.393   8.593   0.50 27.45 ? 1   MG  A MG  1 
HETATM 1218 CL CL  . CL  C 3 .   ? -8.009  -11.246 -15.041 0.33 55.99 ? 205 CL  A CL  1 
HETATM 1219 C  C1  . GOL D 4 .   ? 12.631  2.672   5.748   1.00 49.66 ? 206 GOL A C1  1 
HETATM 1220 O  O1  . GOL D 4 .   ? 13.732  3.436   6.191   1.00 50.32 ? 206 GOL A O1  1 
HETATM 1221 C  C2  . GOL D 4 .   ? 11.731  2.283   6.922   1.00 49.28 ? 206 GOL A C2  1 
HETATM 1222 O  O2  . GOL D 4 .   ? 10.855  1.274   6.481   1.00 45.33 ? 206 GOL A O2  1 
HETATM 1223 C  C3  . GOL D 4 .   ? 10.897  3.484   7.372   1.00 49.36 ? 206 GOL A C3  1 
HETATM 1224 O  O3  . GOL D 4 .   ? 9.816   3.675   6.476   1.00 48.31 ? 206 GOL A O3  1 
HETATM 1225 C  C1  . GOL E 4 .   ? 11.137  0.640   11.543  1.00 45.48 ? 207 GOL A C1  1 
HETATM 1226 O  O1  . GOL E 4 .   ? 9.733   0.754   11.558  1.00 46.16 ? 207 GOL A O1  1 
HETATM 1227 C  C2  . GOL E 4 .   ? 11.475  -0.838  11.650  1.00 45.70 ? 207 GOL A C2  1 
HETATM 1228 O  O2  . GOL E 4 .   ? 10.952  -1.361  12.852  1.00 44.52 ? 207 GOL A O2  1 
HETATM 1229 C  C3  . GOL E 4 .   ? 12.981  -1.043  11.595  1.00 44.77 ? 207 GOL A C3  1 
HETATM 1230 O  O3  . GOL E 4 .   ? 13.279  -2.393  11.878  1.00 45.36 ? 207 GOL A O3  1 
HETATM 1231 C  C1  . GOL F 4 .   ? 11.835  -4.508  16.724  1.00 76.86 ? 208 GOL A C1  1 
HETATM 1232 O  O1  . GOL F 4 .   ? 12.891  -4.766  15.829  1.00 76.53 ? 208 GOL A O1  1 
HETATM 1233 C  C2  . GOL F 4 .   ? 10.672  -3.896  15.956  1.00 77.00 ? 208 GOL A C2  1 
HETATM 1234 O  O2  . GOL F 4 .   ? 10.780  -2.490  16.004  1.00 77.00 ? 208 GOL A O2  1 
HETATM 1235 C  C3  . GOL F 4 .   ? 9.335   -4.324  16.558  1.00 77.44 ? 208 GOL A C3  1 
HETATM 1236 O  O3  . GOL F 4 .   ? 9.181   -5.727  16.528  1.00 77.80 ? 208 GOL A O3  1 
HETATM 1237 C  C1  . GOL G 4 .   ? 20.659  -6.028  -0.110  1.00 59.85 ? 209 GOL A C1  1 
HETATM 1238 O  O1  . GOL G 4 .   ? 20.843  -7.412  -0.266  1.00 58.30 ? 209 GOL A O1  1 
HETATM 1239 C  C2  . GOL G 4 .   ? 21.891  -5.309  -0.633  1.00 60.19 ? 209 GOL A C2  1 
HETATM 1240 O  O2  . GOL G 4 .   ? 22.232  -4.306  0.292   1.00 61.05 ? 209 GOL A O2  1 
HETATM 1241 C  C3  . GOL G 4 .   ? 21.558  -4.660  -1.966  1.00 60.58 ? 209 GOL A C3  1 
HETATM 1242 O  O3  . GOL G 4 .   ? 21.301  -5.618  -2.967  1.00 60.47 ? 209 GOL A O3  1 
HETATM 1243 O  O   . HOH H 5 .   ? -5.740  7.476   7.799   1.00 30.23 ? 210 HOH A O   1 
HETATM 1244 O  O   . HOH H 5 .   ? 11.082  -4.825  8.433   1.00 27.88 ? 211 HOH A O   1 
HETATM 1245 O  O   . HOH H 5 .   ? 7.433   -19.059 -1.063  1.00 29.11 ? 212 HOH A O   1 
HETATM 1246 O  O   . HOH H 5 .   ? 2.657   -10.305 12.865  1.00 30.59 ? 213 HOH A O   1 
HETATM 1247 O  O   . HOH H 5 .   ? -3.231  8.716   6.431   1.00 31.66 ? 214 HOH A O   1 
HETATM 1248 O  O   . HOH H 5 .   ? 2.675   3.728   8.508   1.00 37.54 ? 215 HOH A O   1 
HETATM 1249 O  O   . HOH H 5 .   ? 11.752  -4.247  10.884  1.00 31.43 ? 216 HOH A O   1 
HETATM 1250 O  O   . HOH H 5 .   ? -10.754 6.143   4.254   1.00 31.45 ? 217 HOH A O   1 
HETATM 1251 O  O   . HOH H 5 .   ? 0.316   2.613   -11.724 1.00 32.44 ? 218 HOH A O   1 
HETATM 1252 O  O   . HOH H 5 .   ? -8.626  -2.834  -9.854  1.00 32.09 ? 219 HOH A O   1 
HETATM 1253 O  O   . HOH H 5 .   ? 6.764   -9.103  -2.388  1.00 30.80 ? 220 HOH A O   1 
HETATM 1254 O  O   . HOH H 5 .   ? 4.227   -16.927 10.173  1.00 41.53 ? 221 HOH A O   1 
HETATM 1255 O  O   . HOH H 5 .   ? -5.108  13.781  3.728   1.00 42.06 ? 222 HOH A O   1 
HETATM 1256 O  O   . HOH H 5 .   ? 3.638   -14.839 -4.805  1.00 35.02 ? 223 HOH A O   1 
HETATM 1257 O  O   . HOH H 5 .   ? -1.645  15.360  5.196   1.00 35.34 ? 224 HOH A O   1 
HETATM 1258 O  O   . HOH H 5 .   ? -6.913  4.484   10.856  1.00 48.51 ? 225 HOH A O   1 
HETATM 1259 O  O   . HOH H 5 .   ? 4.595   -6.570  -9.266  1.00 35.03 ? 226 HOH A O   1 
HETATM 1260 O  O   . HOH H 5 .   ? -6.258  -13.705 -4.248  1.00 40.95 ? 227 HOH A O   1 
HETATM 1261 O  O   . HOH H 5 .   ? 8.113   -22.714 -5.490  1.00 37.01 ? 228 HOH A O   1 
HETATM 1262 O  O   . HOH H 5 .   ? -7.042  -7.100  -6.459  1.00 35.64 ? 229 HOH A O   1 
HETATM 1263 O  O   . HOH H 5 .   ? -3.143  7.562   -6.849  1.00 35.16 ? 230 HOH A O   1 
HETATM 1264 O  O   . HOH H 5 .   ? 9.005   -11.912 16.374  1.00 34.56 ? 231 HOH A O   1 
HETATM 1265 O  O   . HOH H 5 .   ? 8.512   -7.511  -1.201  1.00 35.23 ? 232 HOH A O   1 
HETATM 1266 O  O   . HOH H 5 .   ? 4.755   -19.906 6.478   1.00 35.72 ? 233 HOH A O   1 
HETATM 1267 O  O   . HOH H 5 .   ? 3.436   -19.140 8.825   1.00 36.58 ? 234 HOH A O   1 
HETATM 1268 O  O   . HOH H 5 .   ? 22.184  -9.304  12.142  1.00 33.78 ? 235 HOH A O   1 
HETATM 1269 O  O   . HOH H 5 .   ? 2.387   -19.949 3.968   1.00 38.31 ? 236 HOH A O   1 
HETATM 1270 O  O   . HOH H 5 .   ? -12.346 -2.318  -8.644  1.00 37.49 ? 237 HOH A O   1 
HETATM 1271 O  O   . HOH H 5 .   ? 0.454   -17.889 0.861   1.00 46.81 ? 238 HOH A O   1 
HETATM 1272 O  O   . HOH H 5 .   ? 20.370  -14.534 11.592  1.00 57.18 ? 239 HOH A O   1 
HETATM 1273 O  O   . HOH H 5 .   ? 14.715  -1.873  -3.790  1.00 37.73 ? 240 HOH A O   1 
HETATM 1274 O  O   . HOH H 5 .   ? -0.698  16.502  -7.959  1.00 32.20 ? 241 HOH A O   1 
HETATM 1275 O  O   . HOH H 5 .   ? 14.476  -8.088  0.392   1.00 30.20 ? 242 HOH A O   1 
HETATM 1276 O  O   . HOH H 5 .   ? -3.541  11.917  4.969   1.00 51.25 ? 243 HOH A O   1 
HETATM 1277 O  O   . HOH H 5 .   ? 1.151   -4.863  -12.784 1.00 41.98 ? 244 HOH A O   1 
HETATM 1278 O  O   . HOH H 5 .   ? -4.017  1.170   -17.854 1.00 40.24 ? 245 HOH A O   1 
HETATM 1279 O  O   . HOH H 5 .   ? 6.012   -3.987  15.438  1.00 38.34 ? 246 HOH A O   1 
HETATM 1280 O  O   . HOH H 5 .   ? 12.449  4.314   0.003   1.00 45.59 ? 247 HOH A O   1 
HETATM 1281 O  O   . HOH H 5 .   ? 1.981   -13.510 -12.496 1.00 50.79 ? 248 HOH A O   1 
HETATM 1282 O  O   . HOH H 5 .   ? 10.035  -9.218  0.795   1.00 33.57 ? 249 HOH A O   1 
HETATM 1283 O  O   . HOH H 5 .   ? 10.289  -12.035 -1.210  1.00 44.67 ? 250 HOH A O   1 
HETATM 1284 O  O   . HOH H 5 .   ? 5.739   14.871  -4.048  1.00 37.09 ? 251 HOH A O   1 
HETATM 1285 O  O   . HOH H 5 .   ? 0.816   -20.072 9.336   1.00 53.27 ? 252 HOH A O   1 
HETATM 1286 O  O   . HOH H 5 .   ? -7.608  8.127   -7.644  1.00 42.26 ? 253 HOH A O   1 
HETATM 1287 O  O   . HOH H 5 .   ? 15.558  -2.646  13.016  1.00 46.68 ? 254 HOH A O   1 
HETATM 1288 O  O   . HOH H 5 .   ? -2.630  -8.247  -12.495 1.00 48.67 ? 255 HOH A O   1 
HETATM 1289 O  O   . HOH H 5 .   ? 11.632  -10.164 19.140  1.00 75.50 ? 256 HOH A O   1 
HETATM 1290 O  O   . HOH H 5 .   ? 2.013   -15.460 10.961  1.00 58.46 ? 257 HOH A O   1 
HETATM 1291 O  O   . HOH H 5 .   ? 3.581   11.722  -12.466 1.00 37.13 ? 258 HOH A O   1 
HETATM 1292 O  O   . HOH H 5 .   ? -1.656  17.729  -0.780  1.00 45.75 ? 259 HOH A O   1 
HETATM 1293 O  O   . HOH H 5 .   ? -1.578  11.041  2.587   1.00 46.11 ? 260 HOH A O   1 
HETATM 1294 O  O   . HOH H 5 .   ? -1.978  18.388  -6.206  1.00 52.18 ? 261 HOH A O   1 
HETATM 1295 O  O   . HOH H 5 .   ? 1.617   -9.062  -11.881 1.00 42.56 ? 262 HOH A O   1 
HETATM 1296 O  O   . HOH H 5 .   ? 1.263   -11.887 -8.485  1.00 40.94 ? 263 HOH A O   1 
HETATM 1297 O  O   . HOH H 5 .   ? 11.641  -15.502 18.205  1.00 48.02 ? 264 HOH A O   1 
HETATM 1298 O  O   . HOH H 5 .   ? -6.197  2.756   -17.858 1.00 54.37 ? 265 HOH A O   1 
HETATM 1299 O  O   . HOH H 5 .   ? -3.871  -13.976 10.296  1.00 47.14 ? 266 HOH A O   1 
HETATM 1300 O  O   . HOH H 5 .   ? -2.853  11.455  -17.686 1.00 48.83 ? 267 HOH A O   1 
HETATM 1301 O  O   . HOH H 5 .   ? 12.174  -8.736  -0.486  1.00 39.62 ? 268 HOH A O   1 
HETATM 1302 O  O   . HOH H 5 .   ? -3.931  16.428  2.710   1.00 45.98 ? 269 HOH A O   1 
HETATM 1303 O  O   . HOH H 5 .   ? 23.711  -8.645  4.910   1.00 51.99 ? 270 HOH A O   1 
HETATM 1304 O  O   . HOH H 5 .   ? 4.859   5.039   -15.438 1.00 42.18 ? 271 HOH A O   1 
HETATM 1305 O  O   . HOH H 5 .   ? -11.164 -2.507  -11.189 1.00 46.95 ? 272 HOH A O   1 
HETATM 1306 O  O   . HOH H 5 .   ? -2.612  -18.418 4.662   1.00 43.30 ? 273 HOH A O   1 
HETATM 1307 O  O   . HOH H 5 .   ? 15.705  -14.059 17.454  1.00 57.60 ? 274 HOH A O   1 
HETATM 1308 O  O   . HOH H 5 .   ? -1.546  5.005   -16.336 1.00 53.83 ? 275 HOH A O   1 
HETATM 1309 O  O   . HOH H 5 .   ? 4.921   -22.339 -4.218  1.00 47.25 ? 276 HOH A O   1 
HETATM 1310 O  O   . HOH H 5 .   ? 5.900   0.820   -15.246 1.00 48.18 ? 277 HOH A O   1 
HETATM 1311 O  O   . HOH H 5 .   ? -4.318  -14.095 -5.891  1.00 46.80 ? 278 HOH A O   1 
HETATM 1312 O  O   . HOH H 5 .   ? 4.211   1.389   -17.223 1.00 46.70 ? 279 HOH A O   1 
HETATM 1313 O  O   . HOH H 5 .   ? 3.635   -4.663  -13.351 1.00 48.39 ? 280 HOH A O   1 
HETATM 1314 O  O   . HOH H 5 .   ? 13.088  -17.029 16.362  0.50 32.10 ? 281 HOH A O   1 
HETATM 1315 O  O   . HOH H 5 .   ? 8.859   -9.326  17.189  1.00 36.51 ? 282 HOH A O   1 
HETATM 1316 O  O   . HOH H 5 .   ? 0.998   -16.044 -1.116  1.00 37.76 ? 283 HOH A O   1 
HETATM 1317 O  O   . HOH H 5 .   ? 2.973   -9.464  -9.425  1.00 37.16 ? 284 HOH A O   1 
HETATM 1318 O  O   . HOH H 5 .   ? 20.110  -2.898  14.546  1.00 50.56 ? 285 HOH A O   1 
HETATM 1319 O  O   . HOH H 5 .   ? 15.370  -10.359 17.346  1.00 57.70 ? 286 HOH A O   1 
HETATM 1320 O  O   . HOH H 5 .   ? 9.435   -18.092 -3.565  1.00 48.44 ? 287 HOH A O   1 
HETATM 1321 O  O   . HOH H 5 .   ? -6.251  15.881  -5.609  1.00 48.06 ? 288 HOH A O   1 
HETATM 1322 O  O   . HOH H 5 .   ? 7.394   -14.687 -5.688  1.00 39.82 ? 289 HOH A O   1 
HETATM 1323 O  O   . HOH H 5 .   ? 0.095   -11.955 -10.723 1.00 51.28 ? 290 HOH A O   1 
HETATM 1324 O  O   . HOH H 5 .   ? -13.803 -4.779  -9.078  1.00 56.01 ? 291 HOH A O   1 
HETATM 1325 O  O   . HOH H 5 .   ? -9.859  -11.814 0.588   1.00 63.72 ? 292 HOH A O   1 
HETATM 1326 O  O   . HOH H 5 .   ? -0.670  -6.399  12.372  1.00 41.09 ? 293 HOH A O   1 
HETATM 1327 O  O   . HOH H 5 .   ? 2.530   19.469  -12.944 1.00 36.90 ? 294 HOH A O   1 
HETATM 1328 O  O   . HOH H 5 .   ? 11.837  -14.061 -2.561  0.50 61.97 ? 295 HOH A O   1 
HETATM 1329 O  O   A HOH H 5 .   ? 12.516  6.892   -1.755  0.50 46.41 ? 296 HOH A O   1 
HETATM 1330 O  O   B HOH H 5 .   ? 11.664  5.760   -3.326  0.50 27.95 ? 296 HOH A O   1 
HETATM 1331 O  O   . HOH H 5 .   ? -12.530 4.386   -6.424  1.00 36.98 ? 297 HOH A O   1 
HETATM 1332 O  O   . HOH H 5 .   ? -2.542  1.779   -20.008 1.00 37.99 ? 298 HOH A O   1 
HETATM 1333 O  O   . HOH H 5 .   ? -8.218  -10.070 9.612   1.00 43.84 ? 299 HOH A O   1 
HETATM 1334 O  O   . HOH H 5 .   ? -11.099 8.331   -11.634 1.00 44.14 ? 300 HOH A O   1 
HETATM 1335 O  O   . HOH H 5 .   ? -7.306  -12.672 2.638   1.00 42.84 ? 301 HOH A O   1 
HETATM 1336 O  O   . HOH H 5 .   ? -0.293  -7.162  -12.782 1.00 49.30 ? 302 HOH A O   1 
HETATM 1337 O  O   . HOH H 5 .   ? -15.138 2.385   0.315   1.00 44.07 ? 303 HOH A O   1 
HETATM 1338 O  O   . HOH H 5 .   ? 9.308   -2.863  -9.541  1.00 36.50 ? 304 HOH A O   1 
HETATM 1339 O  O   . HOH H 5 .   ? -15.939 5.175   -0.857  1.00 43.93 ? 305 HOH A O   1 
HETATM 1340 O  O   . HOH H 5 .   ? -7.387  13.628  -6.806  1.00 43.76 ? 306 HOH A O   1 
HETATM 1341 O  O   A HOH H 5 .   ? -4.383  17.065  -3.713  0.50 43.61 ? 307 HOH A O   1 
HETATM 1342 O  O   B HOH H 5 .   ? -4.406  17.819  -5.787  0.50 49.71 ? 307 HOH A O   1 
HETATM 1343 O  O   . HOH H 5 .   ? 16.679  -8.465  16.242  1.00 46.98 ? 308 HOH A O   1 
HETATM 1344 O  O   . HOH H 5 .   ? -13.373 -6.897  -1.977  1.00 53.54 ? 309 HOH A O   1 
HETATM 1345 O  O   . HOH H 5 .   ? 3.796   -13.340 -7.858  1.00 41.12 ? 310 HOH A O   1 
HETATM 1346 O  O   . HOH H 5 .   ? -10.133 -4.903  -12.468 1.00 47.37 ? 311 HOH A O   1 
HETATM 1347 O  O   . HOH H 5 .   ? -11.181 -3.696  5.180   1.00 49.33 ? 312 HOH A O   1 
HETATM 1348 O  O   . HOH H 5 .   ? 5.776   -1.479  -16.495 1.00 53.66 ? 313 HOH A O   1 
HETATM 1349 O  O   . HOH H 5 .   ? -8.730  1.802   -18.490 1.00 51.58 ? 314 HOH A O   1 
HETATM 1350 O  O   . HOH H 5 .   ? -5.718  6.396   -17.739 1.00 51.66 ? 315 HOH A O   1 
HETATM 1351 O  O   . HOH H 5 .   ? 10.830  -6.637  -4.097  1.00 44.35 ? 316 HOH A O   1 
HETATM 1352 O  O   . HOH H 5 .   ? 6.042   1.864   -12.960 1.00 40.71 ? 317 HOH A O   1 
HETATM 1353 O  O   . HOH H 5 .   ? -11.514 -10.608 2.971   1.00 56.75 ? 318 HOH A O   1 
HETATM 1354 O  O   . HOH H 5 .   ? -11.031 -11.048 -10.043 1.00 54.58 ? 319 HOH A O   1 
HETATM 1355 O  O   . HOH H 5 .   ? 4.497   16.115  4.274   1.00 48.82 ? 320 HOH A O   1 
HETATM 1356 O  O   . HOH H 5 .   ? 10.577  4.367   11.019  1.00 55.14 ? 321 HOH A O   1 
HETATM 1357 O  O   . HOH H 5 .   ? 9.822   -20.835 -5.076  1.00 46.24 ? 322 HOH A O   1 
HETATM 1358 O  O   . HOH H 5 .   ? -4.243  18.265  -11.068 1.00 55.44 ? 323 HOH A O   1 
HETATM 1359 O  O   . HOH H 5 .   ? 23.666  -6.078  4.534   1.00 47.37 ? 324 HOH A O   1 
HETATM 1360 O  O   . HOH H 5 .   ? 5.845   19.503  1.448   1.00 51.03 ? 325 HOH A O   1 
HETATM 1361 O  O   . HOH H 5 .   ? 4.422   -6.098  14.567  1.00 42.83 ? 326 HOH A O   1 
HETATM 1362 O  O   . HOH H 5 .   ? 3.741   -6.378  -11.581 1.00 56.28 ? 327 HOH A O   1 
HETATM 1363 O  O   . HOH H 5 .   ? -14.090 12.044  1.377   1.00 65.07 ? 328 HOH A O   1 
HETATM 1364 O  O   . HOH H 5 .   ? 24.932  -4.499  13.154  1.00 59.75 ? 329 HOH A O   1 
HETATM 1365 O  O   . HOH H 5 .   ? -3.927  14.096  -18.109 1.00 63.32 ? 330 HOH A O   1 
HETATM 1366 O  O   . HOH H 5 .   ? 16.470  -4.332  14.549  1.00 52.21 ? 331 HOH A O   1 
HETATM 1367 O  O   . HOH H 5 .   ? 25.526  -7.357  11.373  1.00 54.82 ? 332 HOH A O   1 
HETATM 1368 O  O   . HOH H 5 .   ? -1.318  -14.660 11.170  1.00 53.97 ? 333 HOH A O   1 
HETATM 1369 O  O   . HOH H 5 .   ? 3.663   -2.785  -16.308 1.00 53.15 ? 334 HOH A O   1 
HETATM 1370 O  O   . HOH H 5 .   ? 1.768   -20.521 1.087   1.00 49.62 ? 335 HOH A O   1 
HETATM 1371 O  O   . HOH H 5 .   ? -15.977 4.823   -3.949  1.00 51.37 ? 336 HOH A O   1 
HETATM 1372 O  O   . HOH H 5 .   ? 26.235  -7.216  7.309   1.00 44.31 ? 337 HOH A O   1 
HETATM 1373 O  O   . HOH H 5 .   ? -6.820  17.648  0.014   1.00 63.11 ? 338 HOH A O   1 
HETATM 1374 O  O   . HOH H 5 .   ? -1.450  -10.274 11.841  1.00 59.04 ? 339 HOH A O   1 
HETATM 1375 O  O   . HOH H 5 .   ? 11.505  -13.490 -6.087  0.50 63.69 ? 340 HOH A O   1 
HETATM 1376 O  O   A HOH H 5 .   ? 9.916   -4.088  19.357  0.50 44.45 ? 341 HOH A O   1 
HETATM 1377 O  O   B HOH H 5 .   ? 13.313  -1.750  17.413  0.50 44.67 ? 341 HOH A O   1 
HETATM 1378 O  O   . HOH H 5 .   ? -12.624 10.229  2.782   1.00 44.64 ? 342 HOH A O   1 
HETATM 1379 O  O   A HOH H 5 .   ? -8.374  14.359  -9.110  0.50 39.27 ? 343 HOH A O   1 
HETATM 1380 O  O   B HOH H 5 .   ? -9.581  12.856  -8.935  0.50 44.94 ? 343 HOH A O   1 
HETATM 1381 O  O   . HOH H 5 .   ? -7.982  17.028  -9.143  1.00 66.81 ? 344 HOH A O   1 
HETATM 1382 O  O   . HOH H 5 .   ? -12.447 20.656  -4.048  1.00 68.38 ? 345 HOH A O   1 
HETATM 1383 O  O   . HOH H 5 .   ? -16.482 0.513   -3.111  1.00 61.78 ? 346 HOH A O   1 
HETATM 1384 O  O   . HOH H 5 .   ? -12.085 -0.485  -12.896 1.00 58.02 ? 347 HOH A O   1 
HETATM 1385 O  O   . HOH H 5 .   ? -8.405  6.184   -19.910 1.00 55.62 ? 348 HOH A O   1 
HETATM 1386 O  O   . HOH H 5 .   ? -0.404  -13.668 -6.004  1.00 49.30 ? 349 HOH A O   1 
HETATM 1387 O  O   . HOH H 5 .   ? 4.284   -11.411 -10.201 1.00 51.32 ? 350 HOH A O   1 
HETATM 1388 O  O   . HOH H 5 .   ? 11.063  -12.813 17.794  1.00 54.12 ? 351 HOH A O   1 
HETATM 1389 O  O   . HOH H 5 .   ? 21.997  -5.508  2.667   1.00 59.47 ? 352 HOH A O   1 
HETATM 1390 O  O   . HOH H 5 .   ? 1.851   22.935  -8.478  1.00 63.70 ? 353 HOH A O   1 
HETATM 1391 O  O   . HOH H 5 .   ? -23.093 24.960  4.532   1.00 62.46 ? 354 HOH A O   1 
HETATM 1392 O  O   . HOH H 5 .   ? -4.037  3.836   -16.878 1.00 61.29 ? 355 HOH A O   1 
HETATM 1393 O  O   . HOH H 5 .   ? -20.418 16.077  10.672  1.00 71.68 ? 356 HOH A O   1 
HETATM 1394 O  O   . HOH H 5 .   ? -5.935  -11.263 -15.154 0.33 45.75 ? 357 HOH A O   1 
HETATM 1395 O  O   . HOH H 5 .   ? -14.655 10.086  -12.548 1.00 77.14 ? 358 HOH A O   1 
HETATM 1396 O  O   . HOH H 5 .   ? -16.199 8.035   -9.269  1.00 65.26 ? 359 HOH A O   1 
HETATM 1397 O  O   . HOH H 5 .   ? -15.834 7.159   -5.179  1.00 60.94 ? 360 HOH A O   1 
HETATM 1398 O  O   . HOH H 5 .   ? -15.949 2.210   3.556   1.00 59.49 ? 361 HOH A O   1 
HETATM 1399 O  O   . HOH H 5 .   ? 13.257  -6.626  -6.624  1.00 56.17 ? 362 HOH A O   1 
HETATM 1400 O  O   . HOH H 5 .   ? 7.286   18.500  -0.878  1.00 62.48 ? 363 HOH A O   1 
HETATM 1401 O  O   . HOH H 5 .   ? 2.744   22.438  0.531   1.00 59.85 ? 364 HOH A O   1 
HETATM 1402 O  O   . HOH H 5 .   ? -19.744 18.631  5.132   1.00 60.20 ? 365 HOH A O   1 
HETATM 1403 O  O   . HOH H 5 .   ? -17.498 11.383  4.749   1.00 48.75 ? 366 HOH A O   1 
HETATM 1404 O  O   . HOH H 5 .   ? -11.729 -13.817 -14.170 1.00 57.63 ? 367 HOH A O   1 
HETATM 1405 O  O   . HOH H 5 .   ? -0.968  -11.422 -15.683 0.33 73.64 ? 368 HOH A O   1 
HETATM 1406 O  O   . HOH H 5 .   ? 12.472  -4.553  -7.673  1.00 49.44 ? 369 HOH A O   1 
HETATM 1407 O  O   . HOH H 5 .   ? 16.154  -2.402  -1.596  1.00 70.04 ? 370 HOH A O   1 
HETATM 1408 O  O   . HOH H 5 .   ? -10.028 8.497   -19.891 1.00 66.21 ? 371 HOH A O   1 
HETATM 1409 O  O   . HOH H 5 .   ? 15.055  -6.006  17.025  1.00 69.81 ? 372 HOH A O   1 
HETATM 1410 O  O   . HOH H 5 .   ? 9.565   3.469   13.319  1.00 67.77 ? 373 HOH A O   1 
HETATM 1411 O  O   . HOH H 5 .   ? 5.838   17.442  -2.372  1.00 64.85 ? 374 HOH A O   1 
HETATM 1412 O  O   A HOH H 5 .   ? -21.324 20.901  3.645   0.50 36.21 ? 375 HOH A O   1 
HETATM 1413 O  O   B HOH H 5 .   ? -21.997 19.688  5.064   0.50 44.70 ? 375 HOH A O   1 
HETATM 1414 O  O   . HOH H 5 .   ? -15.120 17.736  5.926   1.00 61.81 ? 376 HOH A O   1 
HETATM 1415 O  O   . HOH H 5 .   ? -8.728  10.589  -7.869  1.00 53.78 ? 377 HOH A O   1 
HETATM 1416 O  O   . HOH H 5 .   ? -15.750 -0.991  -10.131 1.00 62.13 ? 378 HOH A O   1 
HETATM 1417 O  O   . HOH H 5 .   ? -10.225 -4.209  -15.706 1.00 53.75 ? 379 HOH A O   1 
HETATM 1418 O  O   . HOH H 5 .   ? 7.417   -5.110  -10.987 1.00 38.37 ? 380 HOH A O   1 
HETATM 1419 O  O   . HOH H 5 .   ? 11.123  -6.130  -9.976  1.00 58.20 ? 381 HOH A O   1 
HETATM 1420 O  O   . HOH H 5 .   ? -10.937 0.971   11.562  1.00 39.14 ? 382 HOH A O   1 
HETATM 1421 O  O   . HOH H 5 .   ? -13.176 -0.124  10.602  1.00 52.85 ? 383 HOH A O   1 
HETATM 1422 O  O   . HOH H 5 .   ? -12.631 -1.333  8.350   1.00 66.35 ? 384 HOH A O   1 
HETATM 1423 O  O   . HOH H 5 .   ? -7.618  -0.040  9.556   1.00 63.80 ? 385 HOH A O   1 
HETATM 1424 O  O   . HOH H 5 .   ? -10.020 0.542   9.505   1.00 72.04 ? 386 HOH A O   1 
HETATM 1425 O  O   . HOH H 5 .   ? 2.022   -14.279 -6.402  1.00 79.65 ? 387 HOH A O   1 
HETATM 1426 O  O   . HOH H 5 .   ? -21.033 23.401  4.409   1.00 53.01 ? 388 HOH A O   1 
HETATM 1427 O  O   . HOH H 5 .   ? -21.982 22.876  7.171   1.00 78.33 ? 389 HOH A O   1 
HETATM 1428 O  O   . HOH H 5 .   ? -0.383  20.953  -6.329  1.00 59.48 ? 390 HOH A O   1 
HETATM 1429 O  O   . HOH H 5 .   ? -18.354 -7.601  -8.211  1.00 61.53 ? 391 HOH A O   1 
HETATM 1430 O  O   . HOH H 5 .   ? -12.313 -6.409  -11.130 1.00 57.29 ? 392 HOH A O   1 
HETATM 1431 O  O   . HOH H 5 .   ? 1.116   -7.812  13.745  1.00 55.28 ? 393 HOH A O   1 
HETATM 1432 O  O   . HOH H 5 .   ? 10.329  -9.062  -5.167  1.00 56.34 ? 394 HOH A O   1 
# 
